data_9D6Q
# 
_entry.id   9D6Q 
# 
_audit_conform.dict_name       mmcif_pdbx.dic 
_audit_conform.dict_version    5.404 
_audit_conform.dict_location   http://mmcif.pdb.org/dictionaries/ascii/mmcif_pdbx.dic 
# 
loop_
_database_2.database_id 
_database_2.database_code 
_database_2.pdbx_database_accession 
_database_2.pdbx_DOI 
PDB   9D6Q         pdb_00009d6q 10.2210/pdb9d6q/pdb 
WWPDB D_1000287393 ?            ?                   
# 
_pdbx_audit_revision_history.ordinal             1 
_pdbx_audit_revision_history.data_content_type   'Structure model' 
_pdbx_audit_revision_history.major_revision      1 
_pdbx_audit_revision_history.minor_revision      0 
_pdbx_audit_revision_history.revision_date       2025-08-20 
_pdbx_audit_revision_history.part_number         ? 
# 
_pdbx_audit_revision_details.ordinal             1 
_pdbx_audit_revision_details.revision_ordinal    1 
_pdbx_audit_revision_details.data_content_type   'Structure model' 
_pdbx_audit_revision_details.provider            repository 
_pdbx_audit_revision_details.type                'Initial release' 
_pdbx_audit_revision_details.description         ? 
_pdbx_audit_revision_details.details             ? 
# 
_pdbx_database_status.status_code                     REL 
_pdbx_database_status.status_code_sf                  REL 
_pdbx_database_status.status_code_mr                  ? 
_pdbx_database_status.entry_id                        9D6Q 
_pdbx_database_status.recvd_initial_deposition_date   2024-08-15 
_pdbx_database_status.SG_entry                        N 
_pdbx_database_status.deposit_site                    RCSB 
_pdbx_database_status.process_site                    RCSB 
_pdbx_database_status.status_code_cs                  ? 
_pdbx_database_status.status_code_nmr_data            ? 
_pdbx_database_status.methods_development_category    ? 
_pdbx_database_status.pdb_format_compatible           N 
# 
loop_
_pdbx_contact_author.id 
_pdbx_contact_author.email 
_pdbx_contact_author.name_first 
_pdbx_contact_author.name_last 
_pdbx_contact_author.name_mi 
_pdbx_contact_author.role 
_pdbx_contact_author.identifier_ORCID 
2 SV1091@NYU.EDU Simon  Vecchioni ? 'principal investigator/group leader' 0000-0001-8243-650X 
3 rs17@nyu.edu   Ruojie Sha       ? 'principal investigator/group leader' 0000-0002-0807-734X 
# 
loop_
_audit_author.name 
_audit_author.pdbx_ordinal 
_audit_author.identifier_ORCID 
'Vecchioni, S.' 1 ? 
'Imstepf, L.'   2 ? 
'Woloszyn, K.'  3 ? 
'Lu, B.'        4 ? 
'Sha, R.'       5 ? 
'Ohayon, Y.P.'  6 ? 
# 
_citation.abstract                  ? 
_citation.abstract_id_CAS           ? 
_citation.book_id_ISBN              ? 
_citation.book_publisher            ? 
_citation.book_publisher_city       ? 
_citation.book_title                ? 
_citation.coordinate_linkage        ? 
_citation.country                   ? 
_citation.database_id_Medline       ? 
_citation.details                   ? 
_citation.id                        primary 
_citation.journal_abbrev            'To Be Published' 
_citation.journal_id_ASTM           ? 
_citation.journal_id_CSD            0353 
_citation.journal_id_ISSN           ? 
_citation.journal_full              ? 
_citation.journal_issue             ? 
_citation.journal_volume            ? 
_citation.language                  ? 
_citation.page_first                ? 
_citation.page_last                 ? 
_citation.title                     'Thiothymidine metal base pairs' 
_citation.year                      ? 
_citation.database_id_CSD           ? 
_citation.pdbx_database_id_DOI      ? 
_citation.pdbx_database_id_PubMed   ? 
_citation.pdbx_database_id_patent   ? 
_citation.unpublished_flag          ? 
# 
loop_
_citation_author.citation_id 
_citation_author.name 
_citation_author.ordinal 
_citation_author.identifier_ORCID 
primary 'Vecchioni, S.' 1 ? 
primary 'Imstepf, L.'   2 ? 
primary 'Woloszyn, K.'  3 ? 
primary 'Lu, B.'        4 ? 
primary 'Sha, R.'       5 ? 
primary 'Ohayon, Y.P.'  6 ? 
# 
loop_
_entity.id 
_entity.type 
_entity.src_method 
_entity.pdbx_description 
_entity.formula_weight 
_entity.pdbx_number_of_molecules 
_entity.pdbx_ec 
_entity.pdbx_mutation 
_entity.pdbx_fragment 
_entity.details 
1 polymer     syn 
;DNA (5'-D(*GP*AP*GP*CP*AP*GP*CP*CP*TP*GP*TP*(DF)P*TP*GP*GP*AP*CP*AP*TP*CP*A)-3')
;
6479.250 1 ? ? ? ? 
2 polymer     syn 
;DNA (5'-D(P*CP*CP*AP*(DF)P*AP*CP*A)-3')
;
2082.467 1 ? ? ? ? 
3 polymer     syn 
;DNA (5'-D(P*GP*GP*CP*TP*GP*CP*T)-3')
;
2129.409 1 ? ? ? ? 
4 polymer     syn 
;DNA (5'-D(P*CP*TP*GP*AP*TP*GP*T)-3')
;
2128.421 1 ? ? ? ? 
5 non-polymer syn 'GOLD ION'                                                                         196.967  1 ? ? ? ? 
# 
loop_
_entity_poly.entity_id 
_entity_poly.type 
_entity_poly.nstd_linkage 
_entity_poly.nstd_monomer 
_entity_poly.pdbx_seq_one_letter_code 
_entity_poly.pdbx_seq_one_letter_code_can 
_entity_poly.pdbx_strand_id 
_entity_poly.pdbx_target_identifier 
1 polydeoxyribonucleotide no yes 
;(DG)(DA)(DG)(DC)(DA)(DG)(DC)(DC)(DT)(DG)(DT)(A1AAZ)(DT)(DG)(DG)(DA)(DC)(DA)(DT)
(DC)(DA)
;
GAGCAGCCTGTXTGGACATCA A ? 
2 polydeoxyribonucleotide no yes '(DC)(DC)(DA)(A1AAZ)(DA)(DC)(DA)'                                                          
CCAXACA               B ? 
3 polydeoxyribonucleotide no no  '(DG)(DG)(DC)(DT)(DG)(DC)(DT)'                                                             
GGCTGCT               C ? 
4 polydeoxyribonucleotide no no  '(DC)(DT)(DG)(DA)(DT)(DG)(DT)'                                                             
CTGATGT               D ? 
# 
_pdbx_entity_nonpoly.entity_id   5 
_pdbx_entity_nonpoly.name        'GOLD ION' 
_pdbx_entity_nonpoly.comp_id     AU 
# 
loop_
_entity_poly_seq.entity_id 
_entity_poly_seq.num 
_entity_poly_seq.mon_id 
_entity_poly_seq.hetero 
1 1  DG    n 
1 2  DA    n 
1 3  DG    n 
1 4  DC    n 
1 5  DA    n 
1 6  DG    n 
1 7  DC    n 
1 8  DC    n 
1 9  DT    n 
1 10 DG    n 
1 11 DT    n 
1 12 A1AAZ n 
1 13 DT    n 
1 14 DG    n 
1 15 DG    n 
1 16 DA    n 
1 17 DC    n 
1 18 DA    n 
1 19 DT    n 
1 20 DC    n 
1 21 DA    n 
2 1  DC    n 
2 2  DC    n 
2 3  DA    n 
2 4  A1AAZ n 
2 5  DA    n 
2 6  DC    n 
2 7  DA    n 
3 1  DG    n 
3 2  DG    n 
3 3  DC    n 
3 4  DT    n 
3 5  DG    n 
3 6  DC    n 
3 7  DT    n 
4 1  DC    n 
4 2  DT    n 
4 3  DG    n 
4 4  DA    n 
4 5  DT    n 
4 6  DG    n 
4 7  DT    n 
# 
loop_
_pdbx_entity_src_syn.entity_id 
_pdbx_entity_src_syn.pdbx_src_id 
_pdbx_entity_src_syn.pdbx_alt_source_flag 
_pdbx_entity_src_syn.pdbx_beg_seq_num 
_pdbx_entity_src_syn.pdbx_end_seq_num 
_pdbx_entity_src_syn.organism_scientific 
_pdbx_entity_src_syn.organism_common_name 
_pdbx_entity_src_syn.ncbi_taxonomy_id 
_pdbx_entity_src_syn.details 
1 1 sample 1 21 'synthetic construct' ? 32630 ? 
2 1 sample 1 7  'synthetic construct' ? 32630 ? 
3 1 sample 1 7  'synthetic construct' ? 32630 ? 
4 1 sample 1 7  'synthetic construct' ? 32630 ? 
# 
loop_
_chem_comp.id 
_chem_comp.type 
_chem_comp.mon_nstd_flag 
_chem_comp.name 
_chem_comp.pdbx_synonyms 
_chem_comp.formula 
_chem_comp.formula_weight 
A1AAZ 'DNA linking' n 2-thio-thymidine                     ? 'C10 H15 N2 O7 P S' 338.274 
AU    non-polymer   . 'GOLD ION'                           ? 'Au 1'              196.967 
DA    'DNA linking' y "2'-DEOXYADENOSINE-5'-MONOPHOSPHATE" ? 'C10 H14 N5 O6 P'   331.222 
DC    'DNA linking' y "2'-DEOXYCYTIDINE-5'-MONOPHOSPHATE"  ? 'C9 H14 N3 O7 P'    307.197 
DG    'DNA linking' y "2'-DEOXYGUANOSINE-5'-MONOPHOSPHATE" ? 'C10 H14 N5 O7 P'   347.221 
DT    'DNA linking' y "THYMIDINE-5'-MONOPHOSPHATE"         ? 'C10 H15 N2 O8 P'   322.208 
# 
loop_
_pdbx_poly_seq_scheme.asym_id 
_pdbx_poly_seq_scheme.entity_id 
_pdbx_poly_seq_scheme.seq_id 
_pdbx_poly_seq_scheme.mon_id 
_pdbx_poly_seq_scheme.ndb_seq_num 
_pdbx_poly_seq_scheme.pdb_seq_num 
_pdbx_poly_seq_scheme.auth_seq_num 
_pdbx_poly_seq_scheme.pdb_mon_id 
_pdbx_poly_seq_scheme.auth_mon_id 
_pdbx_poly_seq_scheme.pdb_strand_id 
_pdbx_poly_seq_scheme.pdb_ins_code 
_pdbx_poly_seq_scheme.hetero 
A 1 1  DG    1  1  1  DG    DG A . n 
A 1 2  DA    2  2  2  DA    DA A . n 
A 1 3  DG    3  3  3  DG    DG A . n 
A 1 4  DC    4  4  4  DC    DC A . n 
A 1 5  DA    5  5  5  DA    DA A . n 
A 1 6  DG    6  6  6  DG    DG A . n 
A 1 7  DC    7  7  7  DC    DC A . n 
A 1 8  DC    8  8  8  DC    DC A . n 
A 1 9  DT    9  9  9  DT    DT A . n 
A 1 10 DG    10 10 10 DG    DG A . n 
A 1 11 DT    11 11 11 DT    DT A . n 
A 1 12 A1AAZ 12 22 12 A1AAZ DF A . n 
A 1 13 DT    13 23 13 DT    DT A . n 
A 1 14 DG    14 24 14 DG    DG A . n 
A 1 15 DG    15 25 15 DG    DG A . n 
A 1 16 DA    16 26 16 DA    DA A . n 
A 1 17 DC    17 27 17 DC    DC A . n 
A 1 18 DA    18 28 18 DA    DA A . n 
A 1 19 DT    19 29 19 DT    DT A . n 
A 1 20 DC    20 30 20 DC    DC A . n 
A 1 21 DA    21 31 21 DA    DA A . n 
B 2 1  DC    1  1  1  DC    DC B . n 
B 2 2  DC    2  2  2  DC    DC B . n 
B 2 3  DA    3  3  3  DA    DA B . n 
B 2 4  A1AAZ 4  8  4  A1AAZ DF B . n 
B 2 5  DA    5  9  5  DA    DA B . n 
B 2 6  DC    6  10 6  DC    DC B . n 
B 2 7  DA    7  11 7  DA    DA B . n 
C 3 1  DG    1  8  8  DG    DG C . n 
C 3 2  DG    2  9  9  DG    DG C . n 
C 3 3  DC    3  10 10 DC    DC C . n 
C 3 4  DT    4  11 11 DT    DT C . n 
C 3 5  DG    5  12 12 DG    DG C . n 
C 3 6  DC    6  13 13 DC    DC C . n 
C 3 7  DT    7  14 14 DT    DT C . n 
D 4 1  DC    1  1  1  DC    DC D . n 
D 4 2  DT    2  2  2  DT    DT D . n 
D 4 3  DG    3  3  3  DG    DG D . n 
D 4 4  DA    4  4  4  DA    DA D . n 
D 4 5  DT    5  5  5  DT    DT D . n 
D 4 6  DG    6  6  6  DG    DG D . n 
D 4 7  DT    7  7  7  DT    DT D . n 
# 
loop_
_pdbx_entity_instance_feature.ordinal 
_pdbx_entity_instance_feature.comp_id 
_pdbx_entity_instance_feature.asym_id 
_pdbx_entity_instance_feature.seq_num 
_pdbx_entity_instance_feature.auth_comp_id 
_pdbx_entity_instance_feature.auth_asym_id 
_pdbx_entity_instance_feature.auth_seq_num 
_pdbx_entity_instance_feature.feature_type 
_pdbx_entity_instance_feature.details 
1 AU    ? ? AU    ? ? 'SUBJECT OF INVESTIGATION' ? 
2 A1AAZ ? ? A1AAZ ? ? 'SUBJECT OF INVESTIGATION' ? 
# 
_pdbx_nonpoly_scheme.asym_id         E 
_pdbx_nonpoly_scheme.entity_id       5 
_pdbx_nonpoly_scheme.mon_id          AU 
_pdbx_nonpoly_scheme.ndb_seq_num     1 
_pdbx_nonpoly_scheme.pdb_seq_num     101 
_pdbx_nonpoly_scheme.auth_seq_num    1 
_pdbx_nonpoly_scheme.pdb_mon_id      AU 
_pdbx_nonpoly_scheme.auth_mon_id     AU 
_pdbx_nonpoly_scheme.pdb_strand_id   B 
_pdbx_nonpoly_scheme.pdb_ins_code    . 
# 
loop_
_software.citation_id 
_software.classification 
_software.compiler_name 
_software.compiler_version 
_software.contact_author 
_software.contact_author_email 
_software.date 
_software.description 
_software.dependencies 
_software.hardware 
_software.language 
_software.location 
_software.mods 
_software.name 
_software.os 
_software.os_version 
_software.type 
_software.version 
_software.pdbx_reference_DOI 
_software.pdbx_ordinal 
? refinement       ? ? ? ? ? ? ? ? ? ? ? PHENIX    ? ? ? 1.20.1_4487 ? 1 
? 'data reduction' ? ? ? ? ? ? ? ? ? ? ? autoPROC  ? ? ? .           ? 2 
? 'data scaling'   ? ? ? ? ? ? ? ? ? ? ? STARANISO ? ? ? .           ? 3 
? phasing          ? ? ? ? ? ? ? ? ? ? ? AutoSol   ? ? ? .           ? 4 
# 
_cell.angle_alpha                  90.000 
_cell.angle_alpha_esd              ? 
_cell.angle_beta                   90.000 
_cell.angle_beta_esd               ? 
_cell.angle_gamma                  120.000 
_cell.angle_gamma_esd              ? 
_cell.entry_id                     9D6Q 
_cell.details                      ? 
_cell.formula_units_Z              ? 
_cell.length_a                     109.346 
_cell.length_a_esd                 ? 
_cell.length_b                     109.346 
_cell.length_b_esd                 ? 
_cell.length_c                     91.820 
_cell.length_c_esd                 ? 
_cell.volume                       950766.173 
_cell.volume_esd                   ? 
_cell.Z_PDB                        9 
_cell.reciprocal_angle_alpha       ? 
_cell.reciprocal_angle_beta        ? 
_cell.reciprocal_angle_gamma       ? 
_cell.reciprocal_angle_alpha_esd   ? 
_cell.reciprocal_angle_beta_esd    ? 
_cell.reciprocal_angle_gamma_esd   ? 
_cell.reciprocal_length_a          ? 
_cell.reciprocal_length_b          ? 
_cell.reciprocal_length_c          ? 
_cell.reciprocal_length_a_esd      ? 
_cell.reciprocal_length_b_esd      ? 
_cell.reciprocal_length_c_esd      ? 
_cell.pdbx_unique_axis             ? 
_cell.pdbx_esd_method              ? 
# 
_symmetry.entry_id                         9D6Q 
_symmetry.cell_setting                     ? 
_symmetry.Int_Tables_number                146 
_symmetry.space_group_name_Hall            'H 3' 
_symmetry.space_group_name_H-M             'H 3' 
_symmetry.pdbx_full_space_group_name_H-M   ? 
# 
_exptl.absorpt_coefficient_mu     ? 
_exptl.absorpt_correction_T_max   ? 
_exptl.absorpt_correction_T_min   ? 
_exptl.absorpt_correction_type    ? 
_exptl.absorpt_process_details    ? 
_exptl.entry_id                   9D6Q 
_exptl.crystals_number            1 
_exptl.details                    ? 
_exptl.method                     'X-RAY DIFFRACTION' 
_exptl.method_details             ? 
# 
_exptl_crystal.colour                       ? 
_exptl_crystal.density_diffrn               ? 
_exptl_crystal.density_Matthews             8.24 
_exptl_crystal.density_method               ? 
_exptl_crystal.density_percent_sol          85.07 
_exptl_crystal.description                  ? 
_exptl_crystal.F_000                        ? 
_exptl_crystal.id                           1 
_exptl_crystal.preparation                  ? 
_exptl_crystal.size_max                     ? 
_exptl_crystal.size_mid                     ? 
_exptl_crystal.size_min                     ? 
_exptl_crystal.size_rad                     ? 
_exptl_crystal.colour_lustre                ? 
_exptl_crystal.colour_modifier              ? 
_exptl_crystal.colour_primary               ? 
_exptl_crystal.density_meas                 ? 
_exptl_crystal.density_meas_esd             ? 
_exptl_crystal.density_meas_gt              ? 
_exptl_crystal.density_meas_lt              ? 
_exptl_crystal.density_meas_temp            ? 
_exptl_crystal.density_meas_temp_esd        ? 
_exptl_crystal.density_meas_temp_gt         ? 
_exptl_crystal.density_meas_temp_lt         ? 
_exptl_crystal.pdbx_crystal_image_url       ? 
_exptl_crystal.pdbx_crystal_image_format    ? 
_exptl_crystal.pdbx_mosaicity               ? 
_exptl_crystal.pdbx_mosaicity_esd           ? 
_exptl_crystal.pdbx_mosaic_method           ? 
_exptl_crystal.pdbx_mosaic_block_size       ? 
_exptl_crystal.pdbx_mosaic_block_size_esd   ? 
# 
_exptl_crystal_grow.apparatus       ? 
_exptl_crystal_grow.atmosphere      ? 
_exptl_crystal_grow.crystal_id      1 
_exptl_crystal_grow.details         ? 
_exptl_crystal_grow.method          'VAPOR DIFFUSION, HANGING DROP' 
_exptl_crystal_grow.method_ref      ? 
_exptl_crystal_grow.pH              5.0 
_exptl_crystal_grow.pressure        ? 
_exptl_crystal_grow.pressure_esd    ? 
_exptl_crystal_grow.seeding         ? 
_exptl_crystal_grow.seeding_ref     ? 
_exptl_crystal_grow.temp_details    ? 
_exptl_crystal_grow.temp_esd        ? 
_exptl_crystal_grow.time            ? 
_exptl_crystal_grow.pdbx_details    '100 mM MOPS, 1.25 M magnesium sulfate' 
_exptl_crystal_grow.pdbx_pH_range   ? 
_exptl_crystal_grow.temp            298 
# 
_diffrn.ambient_environment              ? 
_diffrn.ambient_temp                     100 
_diffrn.ambient_temp_details             ? 
_diffrn.ambient_temp_esd                 ? 
_diffrn.crystal_id                       1 
_diffrn.crystal_support                  ? 
_diffrn.crystal_treatment                ? 
_diffrn.details                          ? 
_diffrn.id                               1 
_diffrn.ambient_pressure                 ? 
_diffrn.ambient_pressure_esd             ? 
_diffrn.ambient_pressure_gt              ? 
_diffrn.ambient_pressure_lt              ? 
_diffrn.ambient_temp_gt                  ? 
_diffrn.ambient_temp_lt                  ? 
_diffrn.pdbx_serial_crystal_experiment   N 
# 
_diffrn_detector.details                      ? 
_diffrn_detector.detector                     PIXEL 
_diffrn_detector.diffrn_id                    1 
_diffrn_detector.type                         'DECTRIS EIGER X 9M' 
_diffrn_detector.area_resol_mean              ? 
_diffrn_detector.dtime                        ? 
_diffrn_detector.pdbx_frames_total            ? 
_diffrn_detector.pdbx_collection_time_total   ? 
_diffrn_detector.pdbx_collection_date         2024-03-23 
_diffrn_detector.pdbx_frequency               ? 
_diffrn_detector.id                           ? 
_diffrn_detector.number_of_axes               ? 
# 
_diffrn_radiation.collimation                      ? 
_diffrn_radiation.diffrn_id                        1 
_diffrn_radiation.filter_edge                      ? 
_diffrn_radiation.inhomogeneity                    ? 
_diffrn_radiation.monochromator                    ? 
_diffrn_radiation.polarisn_norm                    ? 
_diffrn_radiation.polarisn_ratio                   ? 
_diffrn_radiation.probe                            ? 
_diffrn_radiation.type                             ? 
_diffrn_radiation.xray_symbol                      ? 
_diffrn_radiation.wavelength_id                    1 
_diffrn_radiation.pdbx_monochromatic_or_laue_m_l   M 
_diffrn_radiation.pdbx_wavelength_list             ? 
_diffrn_radiation.pdbx_wavelength                  ? 
_diffrn_radiation.pdbx_diffrn_protocol             'SINGLE WAVELENGTH' 
_diffrn_radiation.pdbx_analyzer                    ? 
_diffrn_radiation.pdbx_scattering_type             x-ray 
# 
_diffrn_radiation_wavelength.id           1 
_diffrn_radiation_wavelength.wavelength   0.920105 
_diffrn_radiation_wavelength.wt           1.0 
# 
_diffrn_source.current                     ? 
_diffrn_source.details                     ? 
_diffrn_source.diffrn_id                   1 
_diffrn_source.power                       ? 
_diffrn_source.size                        ? 
_diffrn_source.source                      SYNCHROTRON 
_diffrn_source.target                      ? 
_diffrn_source.type                        'NSLS-II BEAMLINE 17-ID-1' 
_diffrn_source.voltage                     ? 
_diffrn_source.take-off_angle              ? 
_diffrn_source.pdbx_wavelength_list        0.920105 
_diffrn_source.pdbx_wavelength             ? 
_diffrn_source.pdbx_synchrotron_beamline   17-ID-1 
_diffrn_source.pdbx_synchrotron_site       NSLS-II 
# 
_reflns.B_iso_Wilson_estimate                          167.97 
_reflns.entry_id                                       9D6Q 
_reflns.data_reduction_details                         ? 
_reflns.data_reduction_method                          ? 
_reflns.d_resolution_high                              6.77 
_reflns.d_resolution_low                               19.64 
_reflns.details                                        ? 
_reflns.limit_h_max                                    ? 
_reflns.limit_h_min                                    ? 
_reflns.limit_k_max                                    ? 
_reflns.limit_k_min                                    ? 
_reflns.limit_l_max                                    ? 
_reflns.limit_l_min                                    ? 
_reflns.number_all                                     ? 
_reflns.number_obs                                     1136 
_reflns.observed_criterion                             ? 
_reflns.observed_criterion_F_max                       ? 
_reflns.observed_criterion_F_min                       ? 
_reflns.observed_criterion_I_max                       ? 
_reflns.observed_criterion_I_min                       ? 
_reflns.observed_criterion_sigma_F                     ? 
_reflns.observed_criterion_sigma_I                     ? 
_reflns.percent_possible_obs                           85.4 
_reflns.R_free_details                                 ? 
_reflns.Rmerge_F_all                                   ? 
_reflns.Rmerge_F_obs                                   ? 
_reflns.Friedel_coverage                               ? 
_reflns.number_gt                                      ? 
_reflns.threshold_expression                           ? 
_reflns.pdbx_redundancy                                4.0 
_reflns.pdbx_netI_over_av_sigmaI                       ? 
_reflns.pdbx_netI_over_sigmaI                          4.3 
_reflns.pdbx_res_netI_over_av_sigmaI_2                 ? 
_reflns.pdbx_res_netI_over_sigmaI_2                    ? 
_reflns.pdbx_chi_squared                               ? 
_reflns.pdbx_scaling_rejects                           ? 
_reflns.pdbx_d_res_high_opt                            ? 
_reflns.pdbx_d_res_low_opt                             ? 
_reflns.pdbx_d_res_opt_method                          ? 
_reflns.phase_calculation_details                      ? 
_reflns.pdbx_Rrim_I_all                                ? 
_reflns.pdbx_Rpim_I_all                                ? 
_reflns.pdbx_d_opt                                     ? 
_reflns.pdbx_number_measured_all                       ? 
_reflns.pdbx_diffrn_id                                 1 
_reflns.pdbx_ordinal                                   1 
_reflns.pdbx_CC_half                                   0.972 
_reflns.pdbx_CC_star                                   ? 
_reflns.pdbx_R_split                                   ? 
_reflns.pdbx_Rmerge_I_obs                              ? 
_reflns.pdbx_Rmerge_I_all                              ? 
_reflns.pdbx_Rsym_value                                ? 
_reflns.pdbx_CC_split_method                           ? 
_reflns.pdbx_aniso_diffraction_limit_axis_1_ortho[1]   ? 
_reflns.pdbx_aniso_diffraction_limit_axis_1_ortho[2]   ? 
_reflns.pdbx_aniso_diffraction_limit_axis_1_ortho[3]   ? 
_reflns.pdbx_aniso_diffraction_limit_axis_2_ortho[1]   ? 
_reflns.pdbx_aniso_diffraction_limit_axis_2_ortho[2]   ? 
_reflns.pdbx_aniso_diffraction_limit_axis_2_ortho[3]   ? 
_reflns.pdbx_aniso_diffraction_limit_axis_3_ortho[1]   ? 
_reflns.pdbx_aniso_diffraction_limit_axis_3_ortho[2]   ? 
_reflns.pdbx_aniso_diffraction_limit_axis_3_ortho[3]   ? 
_reflns.pdbx_aniso_diffraction_limit_1                 ? 
_reflns.pdbx_aniso_diffraction_limit_2                 ? 
_reflns.pdbx_aniso_diffraction_limit_3                 ? 
_reflns.pdbx_aniso_B_tensor_eigenvector_1_ortho[1]     ? 
_reflns.pdbx_aniso_B_tensor_eigenvector_1_ortho[2]     ? 
_reflns.pdbx_aniso_B_tensor_eigenvector_1_ortho[3]     ? 
_reflns.pdbx_aniso_B_tensor_eigenvector_2_ortho[1]     ? 
_reflns.pdbx_aniso_B_tensor_eigenvector_2_ortho[2]     ? 
_reflns.pdbx_aniso_B_tensor_eigenvector_2_ortho[3]     ? 
_reflns.pdbx_aniso_B_tensor_eigenvector_3_ortho[1]     ? 
_reflns.pdbx_aniso_B_tensor_eigenvector_3_ortho[2]     ? 
_reflns.pdbx_aniso_B_tensor_eigenvector_3_ortho[3]     ? 
_reflns.pdbx_aniso_B_tensor_eigenvalue_1               ? 
_reflns.pdbx_aniso_B_tensor_eigenvalue_2               ? 
_reflns.pdbx_aniso_B_tensor_eigenvalue_3               ? 
_reflns.pdbx_orthogonalization_convention              ? 
_reflns.pdbx_percent_possible_ellipsoidal              ? 
_reflns.pdbx_percent_possible_spherical                ? 
_reflns.pdbx_percent_possible_ellipsoidal_anomalous    ? 
_reflns.pdbx_percent_possible_spherical_anomalous      ? 
_reflns.pdbx_redundancy_anomalous                      ? 
_reflns.pdbx_CC_half_anomalous                         ? 
_reflns.pdbx_absDiff_over_sigma_anomalous              ? 
_reflns.pdbx_percent_possible_anomalous                ? 
_reflns.pdbx_observed_signal_threshold                 ? 
_reflns.pdbx_signal_type                               ? 
_reflns.pdbx_signal_details                            ? 
_reflns.pdbx_signal_software_id                        ? 
# 
loop_
_reflns_shell.d_res_high 
_reflns_shell.d_res_low 
_reflns_shell.meanI_over_sigI_all 
_reflns_shell.meanI_over_sigI_obs 
_reflns_shell.number_measured_all 
_reflns_shell.number_measured_obs 
_reflns_shell.number_possible 
_reflns_shell.number_unique_all 
_reflns_shell.number_unique_obs 
_reflns_shell.percent_possible_obs 
_reflns_shell.Rmerge_F_all 
_reflns_shell.Rmerge_F_obs 
_reflns_shell.meanI_over_sigI_gt 
_reflns_shell.meanI_over_uI_all 
_reflns_shell.meanI_over_uI_gt 
_reflns_shell.number_measured_gt 
_reflns_shell.number_unique_gt 
_reflns_shell.percent_possible_gt 
_reflns_shell.Rmerge_F_gt 
_reflns_shell.Rmerge_I_gt 
_reflns_shell.pdbx_redundancy 
_reflns_shell.pdbx_chi_squared 
_reflns_shell.pdbx_netI_over_sigmaI_all 
_reflns_shell.pdbx_netI_over_sigmaI_obs 
_reflns_shell.pdbx_Rrim_I_all 
_reflns_shell.pdbx_Rpim_I_all 
_reflns_shell.pdbx_rejects 
_reflns_shell.pdbx_ordinal 
_reflns_shell.pdbx_diffrn_id 
_reflns_shell.pdbx_CC_half 
_reflns_shell.pdbx_CC_star 
_reflns_shell.pdbx_R_split 
_reflns_shell.percent_possible_all 
_reflns_shell.Rmerge_I_all 
_reflns_shell.Rmerge_I_obs 
_reflns_shell.pdbx_Rsym_value 
_reflns_shell.pdbx_percent_possible_ellipsoidal 
_reflns_shell.pdbx_percent_possible_spherical 
_reflns_shell.pdbx_percent_possible_ellipsoidal_anomalous 
_reflns_shell.pdbx_percent_possible_spherical_anomalous 
_reflns_shell.pdbx_redundancy_anomalous 
_reflns_shell.pdbx_CC_half_anomalous 
_reflns_shell.pdbx_absDiff_over_sigma_anomalous 
_reflns_shell.pdbx_percent_possible_anomalous 
6.77  8.176  ? 1.1 ? ? ? ? 190 ? ? ? ? ? ? ? ? ? ? ? ? ? ? ? ? ? ? 1 1 0.630 ? ? ? ? ? ? ? ? ? ? ? ? ? ? 
9.981 19.637 ? ?   ? ? ? ? 190 ? ? ? ? ? ? ? ? ? ? ? ? ? ? ? ? ? ? 2 1 0.967 ? ? ? ? ? ? ? ? ? ? ? ? ? ? 
# 
_refine.aniso_B[1][1]                            ? 
_refine.aniso_B[1][2]                            ? 
_refine.aniso_B[1][3]                            ? 
_refine.aniso_B[2][2]                            ? 
_refine.aniso_B[2][3]                            ? 
_refine.aniso_B[3][3]                            ? 
_refine.B_iso_max                                ? 
_refine.B_iso_mean                               427.82 
_refine.B_iso_min                                ? 
_refine.correlation_coeff_Fo_to_Fc               ? 
_refine.correlation_coeff_Fo_to_Fc_free          ? 
_refine.details                                  ? 
_refine.diff_density_max                         ? 
_refine.diff_density_max_esd                     ? 
_refine.diff_density_min                         ? 
_refine.diff_density_min_esd                     ? 
_refine.diff_density_rms                         ? 
_refine.diff_density_rms_esd                     ? 
_refine.entry_id                                 9D6Q 
_refine.pdbx_refine_id                           'X-RAY DIFFRACTION' 
_refine.ls_abs_structure_details                 ? 
_refine.ls_abs_structure_Flack                   ? 
_refine.ls_abs_structure_Flack_esd               ? 
_refine.ls_abs_structure_Rogers                  ? 
_refine.ls_abs_structure_Rogers_esd              ? 
_refine.ls_d_res_high                            6.77 
_refine.ls_d_res_low                             19.64 
_refine.ls_extinction_coef                       ? 
_refine.ls_extinction_coef_esd                   ? 
_refine.ls_extinction_expression                 ? 
_refine.ls_extinction_method                     ? 
_refine.ls_goodness_of_fit_all                   ? 
_refine.ls_goodness_of_fit_all_esd               ? 
_refine.ls_goodness_of_fit_obs                   ? 
_refine.ls_goodness_of_fit_obs_esd               ? 
_refine.ls_hydrogen_treatment                    ? 
_refine.ls_matrix_type                           ? 
_refine.ls_number_constraints                    ? 
_refine.ls_number_parameters                     ? 
_refine.ls_number_reflns_all                     ? 
_refine.ls_number_reflns_obs                     1135 
_refine.ls_number_reflns_R_free                  64 
_refine.ls_number_reflns_R_work                  1071 
_refine.ls_number_restraints                     ? 
_refine.ls_percent_reflns_obs                    82.97 
_refine.ls_percent_reflns_R_free                 5.64 
_refine.ls_R_factor_all                          ? 
_refine.ls_R_factor_obs                          0.1889 
_refine.ls_R_factor_R_free                       0.1953 
_refine.ls_R_factor_R_free_error                 ? 
_refine.ls_R_factor_R_free_error_details         ? 
_refine.ls_R_factor_R_work                       0.1885 
_refine.ls_R_Fsqd_factor_obs                     ? 
_refine.ls_R_I_factor_obs                        ? 
_refine.ls_redundancy_reflns_all                 ? 
_refine.ls_redundancy_reflns_obs                 ? 
_refine.ls_restrained_S_all                      ? 
_refine.ls_restrained_S_obs                      ? 
_refine.ls_shift_over_esd_max                    ? 
_refine.ls_shift_over_esd_mean                   ? 
_refine.ls_structure_factor_coef                 ? 
_refine.ls_weighting_details                     ? 
_refine.ls_weighting_scheme                      ? 
_refine.ls_wR_factor_all                         ? 
_refine.ls_wR_factor_obs                         ? 
_refine.ls_wR_factor_R_free                      ? 
_refine.ls_wR_factor_R_work                      ? 
_refine.occupancy_max                            ? 
_refine.occupancy_min                            ? 
_refine.solvent_model_details                    'FLAT BULK SOLVENT MODEL' 
_refine.solvent_model_param_bsol                 ? 
_refine.solvent_model_param_ksol                 ? 
_refine.correlation_coeff_I_to_Fcsqd_work        ? 
_refine.correlation_coeff_I_to_Fcsqd_free        ? 
_refine.pdbx_R_complete                          ? 
_refine.ls_R_factor_gt                           ? 
_refine.ls_goodness_of_fit_gt                    ? 
_refine.ls_goodness_of_fit_ref                   ? 
_refine.ls_shift_over_su_max                     ? 
_refine.ls_shift_over_su_max_lt                  ? 
_refine.ls_shift_over_su_mean                    ? 
_refine.ls_shift_over_su_mean_lt                 ? 
_refine.pdbx_ls_sigma_I                          ? 
_refine.pdbx_ls_sigma_F                          2.01 
_refine.pdbx_ls_sigma_Fsqd                       ? 
_refine.pdbx_data_cutoff_high_absF               ? 
_refine.pdbx_data_cutoff_high_rms_absF           ? 
_refine.pdbx_data_cutoff_low_absF                ? 
_refine.pdbx_isotropic_thermal_model             ? 
_refine.pdbx_ls_cross_valid_method               'FREE R-VALUE' 
_refine.pdbx_method_to_determine_struct          SAD 
_refine.pdbx_starting_model                      ? 
_refine.pdbx_stereochemistry_target_values       'GeoStd + Monomer Library + CDL v1.2' 
_refine.pdbx_R_Free_selection_details            ? 
_refine.pdbx_stereochem_target_val_spec_case     ? 
_refine.pdbx_overall_ESU_R                       ? 
_refine.pdbx_overall_ESU_R_Free                  ? 
_refine.pdbx_solvent_vdw_probe_radii             1.1000 
_refine.pdbx_solvent_ion_probe_radii             ? 
_refine.pdbx_solvent_shrinkage_radii             0.9000 
_refine.pdbx_real_space_R                        ? 
_refine.pdbx_density_correlation                 ? 
_refine.pdbx_pd_number_of_powder_patterns        ? 
_refine.pdbx_pd_number_of_points                 ? 
_refine.pdbx_pd_meas_number_of_points            ? 
_refine.pdbx_pd_proc_ls_prof_R_factor            ? 
_refine.pdbx_pd_proc_ls_prof_wR_factor           ? 
_refine.pdbx_pd_Marquardt_correlation_coeff      ? 
_refine.pdbx_pd_Fsqrd_R_factor                   ? 
_refine.pdbx_pd_ls_matrix_band_width             ? 
_refine.pdbx_overall_phase_error                 24.7499 
_refine.pdbx_overall_SU_R_free_Cruickshank_DPI   ? 
_refine.pdbx_overall_SU_R_free_Blow_DPI          ? 
_refine.pdbx_overall_SU_R_Blow_DPI               ? 
_refine.pdbx_TLS_residual_ADP_flag               ? 
_refine.pdbx_diffrn_id                           1 
_refine.overall_SU_B                             ? 
_refine.overall_SU_ML                            0.0000 
_refine.overall_SU_R_Cruickshank_DPI             ? 
_refine.overall_SU_R_free                        ? 
_refine.overall_FOM_free_R_set                   ? 
_refine.overall_FOM_work_R_set                   ? 
_refine.pdbx_average_fsc_overall                 ? 
_refine.pdbx_average_fsc_work                    ? 
_refine.pdbx_average_fsc_free                    ? 
# 
_refine_hist.pdbx_refine_id                   'X-RAY DIFFRACTION' 
_refine_hist.cycle_id                         LAST 
_refine_hist.details                          ? 
_refine_hist.d_res_high                       6.77 
_refine_hist.d_res_low                        19.64 
_refine_hist.number_atoms_solvent             0 
_refine_hist.number_atoms_total               859 
_refine_hist.number_reflns_all                ? 
_refine_hist.number_reflns_obs                ? 
_refine_hist.number_reflns_R_free             ? 
_refine_hist.number_reflns_R_work             ? 
_refine_hist.R_factor_all                     ? 
_refine_hist.R_factor_obs                     ? 
_refine_hist.R_factor_R_free                  ? 
_refine_hist.R_factor_R_work                  ? 
_refine_hist.pdbx_number_residues_total       ? 
_refine_hist.pdbx_B_iso_mean_ligand           ? 
_refine_hist.pdbx_B_iso_mean_solvent          ? 
_refine_hist.pdbx_number_atoms_protein        0 
_refine_hist.pdbx_number_atoms_nucleic_acid   572 
_refine_hist.pdbx_number_atoms_ligand         287 
_refine_hist.pdbx_number_atoms_lipid          ? 
_refine_hist.pdbx_number_atoms_carb           ? 
_refine_hist.pdbx_pseudo_atom_details         ? 
# 
loop_
_refine_ls_restr.pdbx_refine_id 
_refine_ls_restr.criterion 
_refine_ls_restr.dev_ideal 
_refine_ls_restr.dev_ideal_target 
_refine_ls_restr.number 
_refine_ls_restr.rejects 
_refine_ls_restr.type 
_refine_ls_restr.weight 
_refine_ls_restr.pdbx_Zscore 
_refine_ls_restr.pdbx_restraint_function 
'X-RAY DIFFRACTION' ? 0.0222  ? 958  ? f_bond_d           ? ? ? 
'X-RAY DIFFRACTION' ? 1.2795  ? 1471 ? f_angle_d          ? ? ? 
'X-RAY DIFFRACTION' ? 0.0664  ? 159  ? f_chiral_restr     ? ? ? 
'X-RAY DIFFRACTION' ? 0.0060  ? 42   ? f_plane_restr      ? ? ? 
'X-RAY DIFFRACTION' ? 38.4568 ? 435  ? f_dihedral_angle_d ? ? ? 
# 
_refine_ls_shell.pdbx_refine_id                      'X-RAY DIFFRACTION' 
_refine_ls_shell.d_res_high                          6.77 
_refine_ls_shell.d_res_low                           19.64 
_refine_ls_shell.number_reflns_all                   ? 
_refine_ls_shell.number_reflns_obs                   ? 
_refine_ls_shell.number_reflns_R_free                64 
_refine_ls_shell.number_reflns_R_work                1071 
_refine_ls_shell.percent_reflns_obs                  82.97 
_refine_ls_shell.percent_reflns_R_free               ? 
_refine_ls_shell.R_factor_all                        ? 
_refine_ls_shell.R_factor_obs                        ? 
_refine_ls_shell.R_factor_R_free_error               ? 
_refine_ls_shell.R_factor_R_work                     0.1885 
_refine_ls_shell.redundancy_reflns_all               ? 
_refine_ls_shell.redundancy_reflns_obs               ? 
_refine_ls_shell.wR_factor_all                       ? 
_refine_ls_shell.wR_factor_obs                       ? 
_refine_ls_shell.wR_factor_R_free                    ? 
_refine_ls_shell.wR_factor_R_work                    ? 
_refine_ls_shell.pdbx_R_complete                     ? 
_refine_ls_shell.correlation_coeff_Fo_to_Fc          ? 
_refine_ls_shell.correlation_coeff_Fo_to_Fc_free     ? 
_refine_ls_shell.correlation_coeff_I_to_Fcsqd_work   ? 
_refine_ls_shell.correlation_coeff_I_to_Fcsqd_free   ? 
_refine_ls_shell.pdbx_total_number_of_bins_used      ? 
_refine_ls_shell.pdbx_phase_error                    ? 
_refine_ls_shell.pdbx_fsc_work                       ? 
_refine_ls_shell.pdbx_fsc_free                       ? 
_refine_ls_shell.R_factor_R_free                     0.1953 
# 
_struct.entry_id                     9D6Q 
_struct.title                        '[F:Au+:F-pH5] Gold base pair with 2-thiothymidine homopair at pH 5.0' 
_struct.pdbx_model_details           ? 
_struct.pdbx_formula_weight          ? 
_struct.pdbx_formula_weight_method   ? 
_struct.pdbx_model_type_details      ? 
_struct.pdbx_CASP_flag               N 
# 
_struct_keywords.entry_id        9D6Q 
_struct_keywords.text            'Tensegrity triangle, mmDNA, gold, pH, thiothymidine, DNA' 
_struct_keywords.pdbx_keywords   DNA 
# 
loop_
_struct_asym.id 
_struct_asym.pdbx_blank_PDB_chainid_flag 
_struct_asym.pdbx_modified 
_struct_asym.entity_id 
_struct_asym.details 
A N N 1 ? 
B N N 2 ? 
C N N 3 ? 
D N N 4 ? 
E N N 5 ? 
# 
loop_
_struct_ref.id 
_struct_ref.db_name 
_struct_ref.db_code 
_struct_ref.pdbx_db_accession 
_struct_ref.pdbx_db_isoform 
_struct_ref.entity_id 
_struct_ref.pdbx_seq_one_letter_code 
_struct_ref.pdbx_align_begin 
1 PDB 9D6Q 9D6Q ? 1 ? 1 
2 PDB 9D6Q 9D6Q ? 2 ? 1 
3 PDB 9D6Q 9D6Q ? 3 ? 1 
4 PDB 9D6Q 9D6Q ? 4 ? 1 
# 
loop_
_struct_ref_seq.align_id 
_struct_ref_seq.ref_id 
_struct_ref_seq.pdbx_PDB_id_code 
_struct_ref_seq.pdbx_strand_id 
_struct_ref_seq.seq_align_beg 
_struct_ref_seq.pdbx_seq_align_beg_ins_code 
_struct_ref_seq.seq_align_end 
_struct_ref_seq.pdbx_seq_align_end_ins_code 
_struct_ref_seq.pdbx_db_accession 
_struct_ref_seq.db_align_beg 
_struct_ref_seq.pdbx_db_align_beg_ins_code 
_struct_ref_seq.db_align_end 
_struct_ref_seq.pdbx_db_align_end_ins_code 
_struct_ref_seq.pdbx_auth_seq_align_beg 
_struct_ref_seq.pdbx_auth_seq_align_end 
1 1 9D6Q A 1 ? 21 ? 9D6Q 1 ? 31 ? 1 31 
2 2 9D6Q B 1 ? 7  ? 9D6Q 1 ? 11 ? 1 11 
3 3 9D6Q C 1 ? 7  ? 9D6Q 8 ? 14 ? 8 14 
4 4 9D6Q D 1 ? 7  ? 9D6Q 1 ? 7  ? 1 7  
# 
_pdbx_struct_assembly.id                   1 
_pdbx_struct_assembly.details              author_defined_assembly 
_pdbx_struct_assembly.method_details       ? 
_pdbx_struct_assembly.oligomeric_details   dodecameric 
_pdbx_struct_assembly.oligomeric_count     12 
# 
loop_
_pdbx_struct_assembly_gen.assembly_id 
_pdbx_struct_assembly_gen.oper_expression 
_pdbx_struct_assembly_gen.asym_id_list 
1 1 A,B,C,D,E 
1 2 A,B,C,D,E 
1 3 A,B,C,D,E 
# 
_pdbx_struct_assembly_auth_evidence.id                     1 
_pdbx_struct_assembly_auth_evidence.assembly_id            1 
_pdbx_struct_assembly_auth_evidence.experimental_support   'native gel electrophoresis' 
_pdbx_struct_assembly_auth_evidence.details                ? 
# 
loop_
_pdbx_struct_oper_list.id 
_pdbx_struct_oper_list.type 
_pdbx_struct_oper_list.name 
_pdbx_struct_oper_list.symmetry_operation 
_pdbx_struct_oper_list.matrix[1][1] 
_pdbx_struct_oper_list.matrix[1][2] 
_pdbx_struct_oper_list.matrix[1][3] 
_pdbx_struct_oper_list.vector[1] 
_pdbx_struct_oper_list.matrix[2][1] 
_pdbx_struct_oper_list.matrix[2][2] 
_pdbx_struct_oper_list.matrix[2][3] 
_pdbx_struct_oper_list.vector[2] 
_pdbx_struct_oper_list.matrix[3][1] 
_pdbx_struct_oper_list.matrix[3][2] 
_pdbx_struct_oper_list.matrix[3][3] 
_pdbx_struct_oper_list.vector[3] 
1 'identity operation'         1_555 x,y,z     1.0000000000  0.0000000000 0.0000000000  0.0000000000   0.0000000000 1.0000000000 0.0000000000  0.0000000000  0.0000000000  0.0000000000  1.0000000000  0.0000000000  
2 'crystal symmetry operation' 2_555 -y,x-y,z  -0.0486047416 0.3355573001 -0.9407650490 -10.8770192325 0.9223936610 0.3764162843 0.0866066683  15.5042518762 0.3831807840  -0.8635462230 -0.3278115427 17.3676327363 
3 'crystal symmetry operation' 3_555 -x+y,-x,z -0.0486047416 0.9223936610 0.3831807840  -21.4846414863 0.3355573001 0.3764162843 -0.8635462230 12.8115639753 -0.9407650490 0.0866066683  -0.3278115427 -5.8821806499 
# 
loop_
_struct_conn.id 
_struct_conn.conn_type_id 
_struct_conn.pdbx_leaving_atom_flag 
_struct_conn.pdbx_PDB_id 
_struct_conn.ptnr1_label_asym_id 
_struct_conn.ptnr1_label_comp_id 
_struct_conn.ptnr1_label_seq_id 
_struct_conn.ptnr1_label_atom_id 
_struct_conn.pdbx_ptnr1_label_alt_id 
_struct_conn.pdbx_ptnr1_PDB_ins_code 
_struct_conn.pdbx_ptnr1_standard_comp_id 
_struct_conn.ptnr1_symmetry 
_struct_conn.ptnr2_label_asym_id 
_struct_conn.ptnr2_label_comp_id 
_struct_conn.ptnr2_label_seq_id 
_struct_conn.ptnr2_label_atom_id 
_struct_conn.pdbx_ptnr2_label_alt_id 
_struct_conn.pdbx_ptnr2_PDB_ins_code 
_struct_conn.ptnr1_auth_asym_id 
_struct_conn.ptnr1_auth_comp_id 
_struct_conn.ptnr1_auth_seq_id 
_struct_conn.ptnr2_auth_asym_id 
_struct_conn.ptnr2_auth_comp_id 
_struct_conn.ptnr2_auth_seq_id 
_struct_conn.ptnr2_symmetry 
_struct_conn.pdbx_ptnr3_label_atom_id 
_struct_conn.pdbx_ptnr3_label_seq_id 
_struct_conn.pdbx_ptnr3_label_comp_id 
_struct_conn.pdbx_ptnr3_label_asym_id 
_struct_conn.pdbx_ptnr3_label_alt_id 
_struct_conn.pdbx_ptnr3_PDB_ins_code 
_struct_conn.details 
_struct_conn.pdbx_dist_value 
_struct_conn.pdbx_value_order 
_struct_conn.pdbx_role 
covale1  covale both ? A DT    11 "O3'" ? ? ? 1_555 A A1AAZ 12 P  ? ? A DT    11 A A1AAZ 22  1_555 ? ? ? ? ? ? ? 1.613 ? ? 
covale2  covale one  ? A A1AAZ 12 "O3'" ? ? ? 1_555 A DT    13 P  ? ? A A1AAZ 22 A DT    23  1_555 ? ? ? ? ? ? ? 1.615 ? ? 
covale3  covale both ? B DA    3  "O3'" ? ? ? 1_555 B A1AAZ 4  P  ? ? B DA    3  B A1AAZ 8   1_555 ? ? ? ? ? ? ? 1.612 ? ? 
covale4  covale one  ? B A1AAZ 4  "O3'" ? ? ? 1_555 B DA    5  P  ? ? B A1AAZ 8  B DA    9   1_555 ? ? ? ? ? ? ? 1.614 ? ? 
metalc1  metalc ?    ? B A1AAZ 4  S1    ? ? ? 1_555 E AU    .  AU ? ? B A1AAZ 8  B AU    101 1_555 ? ? ? ? ? ? ? 2.563 ? ? 
hydrog1  hydrog ?    ? A DG    1  N1    ? ? ? 1_555 C DT    7  O4 ? ? A DG    1  C DT    14  1_555 ? ? ? ? ? ? 'DG-DT MISPAIR' ? ? 
? 
hydrog2  hydrog ?    ? A DA    2  N1    ? ? ? 1_555 C DT    7  N3 ? ? A DA    2  C DT    14  1_555 ? ? ? ? ? ? WATSON-CRICK ?     
? ? 
hydrog3  hydrog ?    ? A DA    2  N6    ? ? ? 1_555 C DT    7  O4 ? ? A DA    2  C DT    14  1_555 ? ? ? ? ? ? WATSON-CRICK ?     
? ? 
hydrog4  hydrog ?    ? A DG    3  N1    ? ? ? 1_555 C DC    6  N3 ? ? A DG    3  C DC    13  1_555 ? ? ? ? ? ? WATSON-CRICK ?     
? ? 
hydrog5  hydrog ?    ? A DG    3  N2    ? ? ? 1_555 C DC    6  O2 ? ? A DG    3  C DC    13  1_555 ? ? ? ? ? ? WATSON-CRICK ?     
? ? 
hydrog6  hydrog ?    ? A DG    3  O6    ? ? ? 1_555 C DC    6  N4 ? ? A DG    3  C DC    13  1_555 ? ? ? ? ? ? WATSON-CRICK ?     
? ? 
hydrog7  hydrog ?    ? A DC    4  N3    ? ? ? 1_555 C DG    5  N1 ? ? A DC    4  C DG    12  1_555 ? ? ? ? ? ? WATSON-CRICK ?     
? ? 
hydrog8  hydrog ?    ? A DC    4  N4    ? ? ? 1_555 C DG    5  O6 ? ? A DC    4  C DG    12  1_555 ? ? ? ? ? ? WATSON-CRICK ?     
? ? 
hydrog9  hydrog ?    ? A DC    4  O2    ? ? ? 1_555 C DG    5  N2 ? ? A DC    4  C DG    12  1_555 ? ? ? ? ? ? WATSON-CRICK ?     
? ? 
hydrog10 hydrog ?    ? A DA    5  N1    ? ? ? 1_555 C DT    4  N3 ? ? A DA    5  C DT    11  1_555 ? ? ? ? ? ? WATSON-CRICK ?     
? ? 
hydrog11 hydrog ?    ? A DA    5  N6    ? ? ? 1_555 C DT    4  O4 ? ? A DA    5  C DT    11  1_555 ? ? ? ? ? ? WATSON-CRICK ?     
? ? 
hydrog12 hydrog ?    ? A DG    6  N1    ? ? ? 1_555 C DC    3  N3 ? ? A DG    6  C DC    10  1_555 ? ? ? ? ? ? WATSON-CRICK ?     
? ? 
hydrog13 hydrog ?    ? A DG    6  N2    ? ? ? 1_555 C DC    3  O2 ? ? A DG    6  C DC    10  1_555 ? ? ? ? ? ? WATSON-CRICK ?     
? ? 
hydrog14 hydrog ?    ? A DG    6  O6    ? ? ? 1_555 C DC    3  N4 ? ? A DG    6  C DC    10  1_555 ? ? ? ? ? ? WATSON-CRICK ?     
? ? 
hydrog15 hydrog ?    ? A DC    7  N3    ? ? ? 1_555 C DG    2  N1 ? ? A DC    7  C DG    9   1_555 ? ? ? ? ? ? WATSON-CRICK ?     
? ? 
hydrog16 hydrog ?    ? A DC    7  N4    ? ? ? 1_555 C DG    2  O6 ? ? A DC    7  C DG    9   1_555 ? ? ? ? ? ? WATSON-CRICK ?     
? ? 
hydrog17 hydrog ?    ? A DC    7  O2    ? ? ? 1_555 C DG    2  N2 ? ? A DC    7  C DG    9   1_555 ? ? ? ? ? ? WATSON-CRICK ?     
? ? 
hydrog18 hydrog ?    ? A DC    8  N3    ? ? ? 1_555 C DG    1  N1 ? ? A DC    8  C DG    8   1_555 ? ? ? ? ? ? WATSON-CRICK ?     
? ? 
hydrog19 hydrog ?    ? A DC    8  N4    ? ? ? 1_555 C DG    1  O6 ? ? A DC    8  C DG    8   1_555 ? ? ? ? ? ? WATSON-CRICK ?     
? ? 
hydrog20 hydrog ?    ? A DC    8  O2    ? ? ? 1_555 C DG    1  N2 ? ? A DC    8  C DG    8   1_555 ? ? ? ? ? ? WATSON-CRICK ?     
? ? 
hydrog21 hydrog ?    ? A DT    9  N3    ? ? ? 1_555 B DA    7  N1 ? ? A DT    9  B DA    11  1_555 ? ? ? ? ? ? WATSON-CRICK ?     
? ? 
hydrog22 hydrog ?    ? A DT    9  O4    ? ? ? 1_555 B DA    7  N6 ? ? A DT    9  B DA    11  1_555 ? ? ? ? ? ? WATSON-CRICK ?     
? ? 
hydrog23 hydrog ?    ? A DG    10 N1    ? ? ? 1_555 B DC    6  N3 ? ? A DG    10 B DC    10  1_555 ? ? ? ? ? ? WATSON-CRICK ?     
? ? 
hydrog24 hydrog ?    ? A DG    10 N2    ? ? ? 1_555 B DC    6  O2 ? ? A DG    10 B DC    10  1_555 ? ? ? ? ? ? WATSON-CRICK ?     
? ? 
hydrog25 hydrog ?    ? A DG    10 O6    ? ? ? 1_555 B DC    6  N4 ? ? A DG    10 B DC    10  1_555 ? ? ? ? ? ? WATSON-CRICK ?     
? ? 
hydrog26 hydrog ?    ? A DT    11 N3    ? ? ? 1_555 B DA    5  N1 ? ? A DT    11 B DA    9   1_555 ? ? ? ? ? ? WATSON-CRICK ?     
? ? 
hydrog27 hydrog ?    ? A DT    11 O4    ? ? ? 1_555 B DA    5  N6 ? ? A DT    11 B DA    9   1_555 ? ? ? ? ? ? WATSON-CRICK ?     
? ? 
hydrog28 hydrog ?    ? A A1AAZ 12 O4    ? ? ? 1_555 B A1AAZ 4  N3 ? ? A A1AAZ 22 B A1AAZ 8   1_555 ? ? ? ? ? ? 
'A1AAZ-A1AAZ MISPAIR' ?     ? ? 
hydrog29 hydrog ?    ? A DT    13 N3    ? ? ? 1_555 B DA    3  N1 ? ? A DT    23 B DA    3   1_555 ? ? ? ? ? ? WATSON-CRICK ?     
? ? 
hydrog30 hydrog ?    ? A DT    13 O4    ? ? ? 1_555 B DA    3  N6 ? ? A DT    23 B DA    3   1_555 ? ? ? ? ? ? WATSON-CRICK ?     
? ? 
hydrog31 hydrog ?    ? A DG    14 N1    ? ? ? 1_555 B DC    2  N3 ? ? A DG    24 B DC    2   1_555 ? ? ? ? ? ? WATSON-CRICK ?     
? ? 
hydrog32 hydrog ?    ? A DG    14 N2    ? ? ? 1_555 B DC    2  O2 ? ? A DG    24 B DC    2   1_555 ? ? ? ? ? ? WATSON-CRICK ?     
? ? 
hydrog33 hydrog ?    ? A DG    14 O6    ? ? ? 1_555 B DC    2  N4 ? ? A DG    24 B DC    2   1_555 ? ? ? ? ? ? WATSON-CRICK ?     
? ? 
hydrog34 hydrog ?    ? A DG    15 N1    ? ? ? 1_555 B DC    1  N3 ? ? A DG    25 B DC    1   1_555 ? ? ? ? ? ? WATSON-CRICK ?     
? ? 
hydrog35 hydrog ?    ? A DG    15 N2    ? ? ? 1_555 B DC    1  O2 ? ? A DG    25 B DC    1   1_555 ? ? ? ? ? ? WATSON-CRICK ?     
? ? 
hydrog36 hydrog ?    ? A DG    15 O6    ? ? ? 1_555 B DC    1  N4 ? ? A DG    25 B DC    1   1_555 ? ? ? ? ? ? WATSON-CRICK ?     
? ? 
hydrog37 hydrog ?    ? A DA    16 N1    ? ? ? 1_555 D DG    6  N1 ? ? A DA    26 D DG    6   1_555 ? ? ? ? ? ? TYPE_8_PAIR ?     ? 
? 
hydrog38 hydrog ?    ? A DA    16 N6    ? ? ? 1_555 D DG    6  O6 ? ? A DA    26 D DG    6   1_555 ? ? ? ? ? ? TYPE_8_PAIR ?     ? 
? 
hydrog39 hydrog ?    ? A DA    16 N1    ? ? ? 1_555 D DT    7  N3 ? ? A DA    26 D DT    7   1_555 ? ? ? ? ? ? WATSON-CRICK ?     
? ? 
hydrog40 hydrog ?    ? A DA    16 N6    ? ? ? 1_555 D DT    7  O4 ? ? A DA    26 D DT    7   1_555 ? ? ? ? ? ? WATSON-CRICK ?     
? ? 
hydrog41 hydrog ?    ? A DC    17 N3    ? ? ? 1_555 D DG    6  N1 ? ? A DC    27 D DG    6   1_555 ? ? ? ? ? ? WATSON-CRICK ?     
? ? 
hydrog42 hydrog ?    ? A DC    17 N4    ? ? ? 1_555 D DG    6  O6 ? ? A DC    27 D DG    6   1_555 ? ? ? ? ? ? WATSON-CRICK ?     
? ? 
hydrog43 hydrog ?    ? A DC    17 O2    ? ? ? 1_555 D DG    6  N2 ? ? A DC    27 D DG    6   1_555 ? ? ? ? ? ? WATSON-CRICK ?     
? ? 
hydrog44 hydrog ?    ? A DA    18 N1    ? ? ? 1_555 D DT    5  N3 ? ? A DA    28 D DT    5   1_555 ? ? ? ? ? ? WATSON-CRICK ?     
? ? 
hydrog45 hydrog ?    ? A DA    18 N6    ? ? ? 1_555 D DT    5  O4 ? ? A DA    28 D DT    5   1_555 ? ? ? ? ? ? WATSON-CRICK ?     
? ? 
hydrog46 hydrog ?    ? A DT    19 N3    ? ? ? 1_555 D DA    4  N1 ? ? A DT    29 D DA    4   1_555 ? ? ? ? ? ? WATSON-CRICK ?     
? ? 
hydrog47 hydrog ?    ? A DT    19 O4    ? ? ? 1_555 D DA    4  N6 ? ? A DT    29 D DA    4   1_555 ? ? ? ? ? ? WATSON-CRICK ?     
? ? 
hydrog48 hydrog ?    ? A DC    20 N3    ? ? ? 1_555 D DG    3  N1 ? ? A DC    30 D DG    3   1_555 ? ? ? ? ? ? WATSON-CRICK ?     
? ? 
hydrog49 hydrog ?    ? A DC    20 N4    ? ? ? 1_555 D DG    3  O6 ? ? A DC    30 D DG    3   1_555 ? ? ? ? ? ? WATSON-CRICK ?     
? ? 
hydrog50 hydrog ?    ? A DC    20 O2    ? ? ? 1_555 D DG    3  N2 ? ? A DC    30 D DG    3   1_555 ? ? ? ? ? ? WATSON-CRICK ?     
? ? 
hydrog51 hydrog ?    ? A DA    21 N1    ? ? ? 1_555 D DT    2  N3 ? ? A DA    31 D DT    2   1_555 ? ? ? ? ? ? WATSON-CRICK ?     
? ? 
hydrog52 hydrog ?    ? A DA    21 N6    ? ? ? 1_555 D DT    2  O4 ? ? A DA    31 D DT    2   1_555 ? ? ? ? ? ? WATSON-CRICK ?     
? ? 
# 
loop_
_struct_conn_type.id 
_struct_conn_type.criteria 
_struct_conn_type.reference 
covale ? ? 
metalc ? ? 
hydrog ? ? 
# 
_pdbx_entry_details.entry_id                   9D6Q 
_pdbx_entry_details.nonpolymer_details         ? 
_pdbx_entry_details.sequence_details           ? 
_pdbx_entry_details.compound_details           ? 
_pdbx_entry_details.source_details             ? 
_pdbx_entry_details.has_ligand_of_interest     Y 
_pdbx_entry_details.has_protein_modification   N 
# 
loop_
_pdbx_validate_rmsd_bond.id 
_pdbx_validate_rmsd_bond.PDB_model_num 
_pdbx_validate_rmsd_bond.auth_atom_id_1 
_pdbx_validate_rmsd_bond.auth_asym_id_1 
_pdbx_validate_rmsd_bond.auth_comp_id_1 
_pdbx_validate_rmsd_bond.auth_seq_id_1 
_pdbx_validate_rmsd_bond.PDB_ins_code_1 
_pdbx_validate_rmsd_bond.label_alt_id_1 
_pdbx_validate_rmsd_bond.auth_atom_id_2 
_pdbx_validate_rmsd_bond.auth_asym_id_2 
_pdbx_validate_rmsd_bond.auth_comp_id_2 
_pdbx_validate_rmsd_bond.auth_seq_id_2 
_pdbx_validate_rmsd_bond.PDB_ins_code_2 
_pdbx_validate_rmsd_bond.label_alt_id_2 
_pdbx_validate_rmsd_bond.bond_value 
_pdbx_validate_rmsd_bond.bond_target_value 
_pdbx_validate_rmsd_bond.bond_deviation 
_pdbx_validate_rmsd_bond.bond_standard_deviation 
_pdbx_validate_rmsd_bond.linker_flag 
1 1 "O3'" A DG 25 ? ? "C3'" A DG 25 ? ? 1.521 1.435 0.086  0.013 N 
2 1 "O3'" B DA 11 ? ? "C3'" B DA 11 ? ? 1.380 1.419 -0.039 0.006 N 
3 1 P     D DC 1  ? ? OP3   D DC 1  ? ? 1.480 1.607 -0.127 0.012 N 
# 
loop_
_pdbx_validate_rmsd_angle.id 
_pdbx_validate_rmsd_angle.PDB_model_num 
_pdbx_validate_rmsd_angle.auth_atom_id_1 
_pdbx_validate_rmsd_angle.auth_asym_id_1 
_pdbx_validate_rmsd_angle.auth_comp_id_1 
_pdbx_validate_rmsd_angle.auth_seq_id_1 
_pdbx_validate_rmsd_angle.PDB_ins_code_1 
_pdbx_validate_rmsd_angle.label_alt_id_1 
_pdbx_validate_rmsd_angle.auth_atom_id_2 
_pdbx_validate_rmsd_angle.auth_asym_id_2 
_pdbx_validate_rmsd_angle.auth_comp_id_2 
_pdbx_validate_rmsd_angle.auth_seq_id_2 
_pdbx_validate_rmsd_angle.PDB_ins_code_2 
_pdbx_validate_rmsd_angle.label_alt_id_2 
_pdbx_validate_rmsd_angle.auth_atom_id_3 
_pdbx_validate_rmsd_angle.auth_asym_id_3 
_pdbx_validate_rmsd_angle.auth_comp_id_3 
_pdbx_validate_rmsd_angle.auth_seq_id_3 
_pdbx_validate_rmsd_angle.PDB_ins_code_3 
_pdbx_validate_rmsd_angle.label_alt_id_3 
_pdbx_validate_rmsd_angle.angle_value 
_pdbx_validate_rmsd_angle.angle_target_value 
_pdbx_validate_rmsd_angle.angle_deviation 
_pdbx_validate_rmsd_angle.angle_standard_deviation 
_pdbx_validate_rmsd_angle.linker_flag 
1  1 "O4'" A DA 2  ? ? "C1'" A DA 2  ? ? N9    A DA 2  ? ? 111.39 108.30 3.09  0.30 N 
2  1 "O4'" A DG 3  ? ? "C1'" A DG 3  ? ? N9    A DG 3  ? ? 111.44 108.30 3.14  0.30 N 
3  1 "O4'" A DC 7  ? ? "C1'" A DC 7  ? ? N1    A DC 7  ? ? 112.45 108.30 4.15  0.30 N 
4  1 "O4'" A DT 11 ? ? "C1'" A DT 11 ? ? N1    A DT 11 ? ? 113.29 108.30 4.99  0.30 N 
5  1 "C3'" A DG 24 ? ? "C2'" A DG 24 ? ? "C1'" A DG 24 ? ? 95.88  102.40 -6.52 0.80 N 
6  1 "O4'" A DG 25 ? ? "C1'" A DG 25 ? ? N9    A DG 25 ? ? 111.00 108.30 2.70  0.30 N 
7  1 "O4'" A DC 27 ? ? "C1'" A DC 27 ? ? N1    A DC 27 ? ? 110.35 108.30 2.05  0.30 N 
8  1 "O4'" D DC 1  ? ? "C1'" D DC 1  ? ? N1    D DC 1  ? ? 111.09 108.30 2.79  0.30 N 
9  1 "O4'" D DT 2  ? ? "C1'" D DT 2  ? ? N1    D DT 2  ? ? 110.18 108.30 1.88  0.30 N 
10 1 "O4'" D DG 3  ? ? "C1'" D DG 3  ? ? N9    D DG 3  ? ? 110.34 108.30 2.04  0.30 N 
# 
loop_
_space_group_symop.id 
_space_group_symop.operation_xyz 
1 x,y,z                 
2 -y,x-y,z              
3 -x+y,-x,z             
4 x+1/3,y+2/3,z+2/3     
5 -y+1/3,x-y+2/3,z+2/3  
6 -x+y+1/3,-x+2/3,z+2/3 
7 x+2/3,y+1/3,z+1/3     
8 -y+2/3,x-y+1/3,z+1/3  
9 -x+y+2/3,-x+1/3,z+1/3 
# 
loop_
_chem_comp_atom.comp_id 
_chem_comp_atom.atom_id 
_chem_comp_atom.type_symbol 
_chem_comp_atom.pdbx_aromatic_flag 
_chem_comp_atom.pdbx_stereo_config 
_chem_comp_atom.pdbx_ordinal 
A1AAZ "C1'"  C  N R 1   
A1AAZ C2     C  N N 2   
A1AAZ "C2'"  C  N N 3   
A1AAZ "C3'"  C  N S 4   
A1AAZ C4     C  N N 5   
A1AAZ "C4'"  C  N R 6   
A1AAZ C5     C  N N 7   
A1AAZ "C5'"  C  N N 8   
A1AAZ C6     C  N N 9   
A1AAZ C7     C  N N 10  
A1AAZ N1     N  N N 11  
A1AAZ N3     N  N N 12  
A1AAZ "O3'"  O  N N 13  
A1AAZ O4     O  N N 14  
A1AAZ "O4'"  O  N N 15  
A1AAZ "O5'"  O  N N 16  
A1AAZ OP1    O  N N 17  
A1AAZ OP2    O  N N 18  
A1AAZ P      P  N N 19  
A1AAZ S1     S  N N 20  
A1AAZ H1     H  N N 21  
A1AAZ H2     H  N N 22  
A1AAZ H3     H  N N 23  
A1AAZ H4     H  N N 24  
A1AAZ H5     H  N N 25  
A1AAZ H6     H  N N 26  
A1AAZ H7     H  N N 27  
A1AAZ H8     H  N N 28  
A1AAZ H9     H  N N 29  
A1AAZ H10    H  N N 30  
A1AAZ H11    H  N N 31  
A1AAZ H12    H  N N 32  
A1AAZ H15    H  N N 33  
A1AAZ OP3    O  N N 34  
A1AAZ H17    H  N N 35  
A1AAZ H13    H  N N 36  
AU    AU     AU N N 37  
DA    OP3    O  N N 38  
DA    P      P  N N 39  
DA    OP1    O  N N 40  
DA    OP2    O  N N 41  
DA    "O5'"  O  N N 42  
DA    "C5'"  C  N N 43  
DA    "C4'"  C  N R 44  
DA    "O4'"  O  N N 45  
DA    "C3'"  C  N S 46  
DA    "O3'"  O  N N 47  
DA    "C2'"  C  N N 48  
DA    "C1'"  C  N R 49  
DA    N9     N  Y N 50  
DA    C8     C  Y N 51  
DA    N7     N  Y N 52  
DA    C5     C  Y N 53  
DA    C6     C  Y N 54  
DA    N6     N  N N 55  
DA    N1     N  Y N 56  
DA    C2     C  Y N 57  
DA    N3     N  Y N 58  
DA    C4     C  Y N 59  
DA    HOP3   H  N N 60  
DA    HOP2   H  N N 61  
DA    "H5'"  H  N N 62  
DA    "H5''" H  N N 63  
DA    "H4'"  H  N N 64  
DA    "H3'"  H  N N 65  
DA    "HO3'" H  N N 66  
DA    "H2'"  H  N N 67  
DA    "H2''" H  N N 68  
DA    "H1'"  H  N N 69  
DA    H8     H  N N 70  
DA    H61    H  N N 71  
DA    H62    H  N N 72  
DA    H2     H  N N 73  
DC    OP3    O  N N 74  
DC    P      P  N N 75  
DC    OP1    O  N N 76  
DC    OP2    O  N N 77  
DC    "O5'"  O  N N 78  
DC    "C5'"  C  N N 79  
DC    "C4'"  C  N R 80  
DC    "O4'"  O  N N 81  
DC    "C3'"  C  N S 82  
DC    "O3'"  O  N N 83  
DC    "C2'"  C  N N 84  
DC    "C1'"  C  N R 85  
DC    N1     N  N N 86  
DC    C2     C  N N 87  
DC    O2     O  N N 88  
DC    N3     N  N N 89  
DC    C4     C  N N 90  
DC    N4     N  N N 91  
DC    C5     C  N N 92  
DC    C6     C  N N 93  
DC    HOP3   H  N N 94  
DC    HOP2   H  N N 95  
DC    "H5'"  H  N N 96  
DC    "H5''" H  N N 97  
DC    "H4'"  H  N N 98  
DC    "H3'"  H  N N 99  
DC    "HO3'" H  N N 100 
DC    "H2'"  H  N N 101 
DC    "H2''" H  N N 102 
DC    "H1'"  H  N N 103 
DC    H41    H  N N 104 
DC    H42    H  N N 105 
DC    H5     H  N N 106 
DC    H6     H  N N 107 
DG    OP3    O  N N 108 
DG    P      P  N N 109 
DG    OP1    O  N N 110 
DG    OP2    O  N N 111 
DG    "O5'"  O  N N 112 
DG    "C5'"  C  N N 113 
DG    "C4'"  C  N R 114 
DG    "O4'"  O  N N 115 
DG    "C3'"  C  N S 116 
DG    "O3'"  O  N N 117 
DG    "C2'"  C  N N 118 
DG    "C1'"  C  N R 119 
DG    N9     N  Y N 120 
DG    C8     C  Y N 121 
DG    N7     N  Y N 122 
DG    C5     C  Y N 123 
DG    C6     C  N N 124 
DG    O6     O  N N 125 
DG    N1     N  N N 126 
DG    C2     C  N N 127 
DG    N2     N  N N 128 
DG    N3     N  N N 129 
DG    C4     C  Y N 130 
DG    HOP3   H  N N 131 
DG    HOP2   H  N N 132 
DG    "H5'"  H  N N 133 
DG    "H5''" H  N N 134 
DG    "H4'"  H  N N 135 
DG    "H3'"  H  N N 136 
DG    "HO3'" H  N N 137 
DG    "H2'"  H  N N 138 
DG    "H2''" H  N N 139 
DG    "H1'"  H  N N 140 
DG    H8     H  N N 141 
DG    H1     H  N N 142 
DG    H21    H  N N 143 
DG    H22    H  N N 144 
DT    OP3    O  N N 145 
DT    P      P  N N 146 
DT    OP1    O  N N 147 
DT    OP2    O  N N 148 
DT    "O5'"  O  N N 149 
DT    "C5'"  C  N N 150 
DT    "C4'"  C  N R 151 
DT    "O4'"  O  N N 152 
DT    "C3'"  C  N S 153 
DT    "O3'"  O  N N 154 
DT    "C2'"  C  N N 155 
DT    "C1'"  C  N R 156 
DT    N1     N  N N 157 
DT    C2     C  N N 158 
DT    O2     O  N N 159 
DT    N3     N  N N 160 
DT    C4     C  N N 161 
DT    O4     O  N N 162 
DT    C5     C  N N 163 
DT    C7     C  N N 164 
DT    C6     C  N N 165 
DT    HOP3   H  N N 166 
DT    HOP2   H  N N 167 
DT    "H5'"  H  N N 168 
DT    "H5''" H  N N 169 
DT    "H4'"  H  N N 170 
DT    "H3'"  H  N N 171 
DT    "HO3'" H  N N 172 
DT    "H2'"  H  N N 173 
DT    "H2''" H  N N 174 
DT    "H1'"  H  N N 175 
DT    H3     H  N N 176 
DT    H71    H  N N 177 
DT    H72    H  N N 178 
DT    H73    H  N N 179 
DT    H6     H  N N 180 
# 
loop_
_chem_comp_bond.comp_id 
_chem_comp_bond.atom_id_1 
_chem_comp_bond.atom_id_2 
_chem_comp_bond.value_order 
_chem_comp_bond.pdbx_aromatic_flag 
_chem_comp_bond.pdbx_stereo_config 
_chem_comp_bond.pdbx_ordinal 
A1AAZ "C1'" "C2'"  sing N N 1   
A1AAZ "C1'" N1     sing N N 2   
A1AAZ "C1'" "O4'"  sing N N 3   
A1AAZ C2    N1     sing N N 4   
A1AAZ C2    N3     sing N N 5   
A1AAZ C2    S1     doub N N 6   
A1AAZ "C2'" "C3'"  sing N N 7   
A1AAZ "C3'" "C4'"  sing N N 8   
A1AAZ "C3'" "O3'"  sing N N 9   
A1AAZ C4    C5     sing N N 10  
A1AAZ C4    N3     sing N N 11  
A1AAZ C4    O4     doub N N 12  
A1AAZ "C4'" "C5'"  sing N N 13  
A1AAZ "C4'" "O4'"  sing N N 14  
A1AAZ C5    C6     doub N N 15  
A1AAZ C5    C7     sing N N 16  
A1AAZ "C5'" "O5'"  sing N N 17  
A1AAZ C6    N1     sing N N 18  
A1AAZ "O5'" P      sing N N 19  
A1AAZ OP1   P      doub N N 20  
A1AAZ OP2   P      sing N N 21  
A1AAZ "C1'" H1     sing N N 22  
A1AAZ "C2'" H2     sing N N 23  
A1AAZ "C2'" H3     sing N N 24  
A1AAZ "C3'" H4     sing N N 25  
A1AAZ "C4'" H5     sing N N 26  
A1AAZ "C5'" H6     sing N N 27  
A1AAZ "C5'" H7     sing N N 28  
A1AAZ C6    H8     sing N N 29  
A1AAZ C7    H9     sing N N 30  
A1AAZ C7    H10    sing N N 31  
A1AAZ C7    H11    sing N N 32  
A1AAZ "O3'" H12    sing N N 33  
A1AAZ OP2   H15    sing N N 34  
A1AAZ P     OP3    sing N N 35  
A1AAZ N3    H17    sing N N 36  
A1AAZ OP3   H13    sing N N 37  
DA    OP3   P      sing N N 38  
DA    OP3   HOP3   sing N N 39  
DA    P     OP1    doub N N 40  
DA    P     OP2    sing N N 41  
DA    P     "O5'"  sing N N 42  
DA    OP2   HOP2   sing N N 43  
DA    "O5'" "C5'"  sing N N 44  
DA    "C5'" "C4'"  sing N N 45  
DA    "C5'" "H5'"  sing N N 46  
DA    "C5'" "H5''" sing N N 47  
DA    "C4'" "O4'"  sing N N 48  
DA    "C4'" "C3'"  sing N N 49  
DA    "C4'" "H4'"  sing N N 50  
DA    "O4'" "C1'"  sing N N 51  
DA    "C3'" "O3'"  sing N N 52  
DA    "C3'" "C2'"  sing N N 53  
DA    "C3'" "H3'"  sing N N 54  
DA    "O3'" "HO3'" sing N N 55  
DA    "C2'" "C1'"  sing N N 56  
DA    "C2'" "H2'"  sing N N 57  
DA    "C2'" "H2''" sing N N 58  
DA    "C1'" N9     sing N N 59  
DA    "C1'" "H1'"  sing N N 60  
DA    N9    C8     sing Y N 61  
DA    N9    C4     sing Y N 62  
DA    C8    N7     doub Y N 63  
DA    C8    H8     sing N N 64  
DA    N7    C5     sing Y N 65  
DA    C5    C6     sing Y N 66  
DA    C5    C4     doub Y N 67  
DA    C6    N6     sing N N 68  
DA    C6    N1     doub Y N 69  
DA    N6    H61    sing N N 70  
DA    N6    H62    sing N N 71  
DA    N1    C2     sing Y N 72  
DA    C2    N3     doub Y N 73  
DA    C2    H2     sing N N 74  
DA    N3    C4     sing Y N 75  
DC    OP3   P      sing N N 76  
DC    OP3   HOP3   sing N N 77  
DC    P     OP1    doub N N 78  
DC    P     OP2    sing N N 79  
DC    P     "O5'"  sing N N 80  
DC    OP2   HOP2   sing N N 81  
DC    "O5'" "C5'"  sing N N 82  
DC    "C5'" "C4'"  sing N N 83  
DC    "C5'" "H5'"  sing N N 84  
DC    "C5'" "H5''" sing N N 85  
DC    "C4'" "O4'"  sing N N 86  
DC    "C4'" "C3'"  sing N N 87  
DC    "C4'" "H4'"  sing N N 88  
DC    "O4'" "C1'"  sing N N 89  
DC    "C3'" "O3'"  sing N N 90  
DC    "C3'" "C2'"  sing N N 91  
DC    "C3'" "H3'"  sing N N 92  
DC    "O3'" "HO3'" sing N N 93  
DC    "C2'" "C1'"  sing N N 94  
DC    "C2'" "H2'"  sing N N 95  
DC    "C2'" "H2''" sing N N 96  
DC    "C1'" N1     sing N N 97  
DC    "C1'" "H1'"  sing N N 98  
DC    N1    C2     sing N N 99  
DC    N1    C6     sing N N 100 
DC    C2    O2     doub N N 101 
DC    C2    N3     sing N N 102 
DC    N3    C4     doub N N 103 
DC    C4    N4     sing N N 104 
DC    C4    C5     sing N N 105 
DC    N4    H41    sing N N 106 
DC    N4    H42    sing N N 107 
DC    C5    C6     doub N N 108 
DC    C5    H5     sing N N 109 
DC    C6    H6     sing N N 110 
DG    OP3   P      sing N N 111 
DG    OP3   HOP3   sing N N 112 
DG    P     OP1    doub N N 113 
DG    P     OP2    sing N N 114 
DG    P     "O5'"  sing N N 115 
DG    OP2   HOP2   sing N N 116 
DG    "O5'" "C5'"  sing N N 117 
DG    "C5'" "C4'"  sing N N 118 
DG    "C5'" "H5'"  sing N N 119 
DG    "C5'" "H5''" sing N N 120 
DG    "C4'" "O4'"  sing N N 121 
DG    "C4'" "C3'"  sing N N 122 
DG    "C4'" "H4'"  sing N N 123 
DG    "O4'" "C1'"  sing N N 124 
DG    "C3'" "O3'"  sing N N 125 
DG    "C3'" "C2'"  sing N N 126 
DG    "C3'" "H3'"  sing N N 127 
DG    "O3'" "HO3'" sing N N 128 
DG    "C2'" "C1'"  sing N N 129 
DG    "C2'" "H2'"  sing N N 130 
DG    "C2'" "H2''" sing N N 131 
DG    "C1'" N9     sing N N 132 
DG    "C1'" "H1'"  sing N N 133 
DG    N9    C8     sing Y N 134 
DG    N9    C4     sing Y N 135 
DG    C8    N7     doub Y N 136 
DG    C8    H8     sing N N 137 
DG    N7    C5     sing Y N 138 
DG    C5    C6     sing N N 139 
DG    C5    C4     doub Y N 140 
DG    C6    O6     doub N N 141 
DG    C6    N1     sing N N 142 
DG    N1    C2     sing N N 143 
DG    N1    H1     sing N N 144 
DG    C2    N2     sing N N 145 
DG    C2    N3     doub N N 146 
DG    N2    H21    sing N N 147 
DG    N2    H22    sing N N 148 
DG    N3    C4     sing N N 149 
DT    OP3   P      sing N N 150 
DT    OP3   HOP3   sing N N 151 
DT    P     OP1    doub N N 152 
DT    P     OP2    sing N N 153 
DT    P     "O5'"  sing N N 154 
DT    OP2   HOP2   sing N N 155 
DT    "O5'" "C5'"  sing N N 156 
DT    "C5'" "C4'"  sing N N 157 
DT    "C5'" "H5'"  sing N N 158 
DT    "C5'" "H5''" sing N N 159 
DT    "C4'" "O4'"  sing N N 160 
DT    "C4'" "C3'"  sing N N 161 
DT    "C4'" "H4'"  sing N N 162 
DT    "O4'" "C1'"  sing N N 163 
DT    "C3'" "O3'"  sing N N 164 
DT    "C3'" "C2'"  sing N N 165 
DT    "C3'" "H3'"  sing N N 166 
DT    "O3'" "HO3'" sing N N 167 
DT    "C2'" "C1'"  sing N N 168 
DT    "C2'" "H2'"  sing N N 169 
DT    "C2'" "H2''" sing N N 170 
DT    "C1'" N1     sing N N 171 
DT    "C1'" "H1'"  sing N N 172 
DT    N1    C2     sing N N 173 
DT    N1    C6     sing N N 174 
DT    C2    O2     doub N N 175 
DT    C2    N3     sing N N 176 
DT    N3    C4     sing N N 177 
DT    N3    H3     sing N N 178 
DT    C4    O4     doub N N 179 
DT    C4    C5     sing N N 180 
DT    C5    C7     sing N N 181 
DT    C5    C6     doub N N 182 
DT    C7    H71    sing N N 183 
DT    C7    H72    sing N N 184 
DT    C7    H73    sing N N 185 
DT    C6    H6     sing N N 186 
# 
loop_
_ndb_struct_conf_na.entry_id 
_ndb_struct_conf_na.feature 
9D6Q 'double helix'        
9D6Q 'b-form double helix' 
# 
loop_
_ndb_struct_na_base_pair.model_number 
_ndb_struct_na_base_pair.i_label_asym_id 
_ndb_struct_na_base_pair.i_label_comp_id 
_ndb_struct_na_base_pair.i_label_seq_id 
_ndb_struct_na_base_pair.i_symmetry 
_ndb_struct_na_base_pair.j_label_asym_id 
_ndb_struct_na_base_pair.j_label_comp_id 
_ndb_struct_na_base_pair.j_label_seq_id 
_ndb_struct_na_base_pair.j_symmetry 
_ndb_struct_na_base_pair.shear 
_ndb_struct_na_base_pair.stretch 
_ndb_struct_na_base_pair.stagger 
_ndb_struct_na_base_pair.buckle 
_ndb_struct_na_base_pair.propeller 
_ndb_struct_na_base_pair.opening 
_ndb_struct_na_base_pair.pair_number 
_ndb_struct_na_base_pair.pair_name 
_ndb_struct_na_base_pair.i_auth_asym_id 
_ndb_struct_na_base_pair.i_auth_seq_id 
_ndb_struct_na_base_pair.i_PDB_ins_code 
_ndb_struct_na_base_pair.j_auth_asym_id 
_ndb_struct_na_base_pair.j_auth_seq_id 
_ndb_struct_na_base_pair.j_PDB_ins_code 
_ndb_struct_na_base_pair.hbond_type_28 
_ndb_struct_na_base_pair.hbond_type_12 
1 A DA    2  1_555 C DT    7 1_555 1.775  -0.224 1.205  -1.777  -1.645  -19.118 1  A_DA2:DT14_C       A 2  ? C 14 ? 20 1 
1 A DG    3  1_555 C DC    6 1_555 -0.207 -0.357 0.734  -2.193  1.900   3.586   2  A_DG3:DC13_C       A 3  ? C 13 ? 19 1 
1 A DC    4  1_555 C DG    5 1_555 0.192  -0.497 1.158  -2.647  -4.261  2.542   3  A_DC4:DG12_C       A 4  ? C 12 ? 19 1 
1 A DA    5  1_555 C DT    4 1_555 -0.009 -0.227 0.717  8.179   -0.780  -5.099  4  A_DA5:DT11_C       A 5  ? C 11 ? 20 1 
1 A DG    6  1_555 C DC    3 1_555 -0.085 -0.281 1.123  10.090  -8.123  -5.355  5  A_DG6:DC10_C       A 6  ? C 10 ? 19 1 
1 A DC    7  1_555 C DG    2 1_555 0.382  -0.106 0.511  5.421   -10.701 4.792   6  A_DC7:DG9_C        A 7  ? C 9  ? 19 1 
1 A DC    8  1_555 C DG    1 1_555 0.063  -0.118 -0.229 -2.206  -2.576  -4.090  7  A_DC8:DG8_C        A 8  ? C 8  ? 19 1 
1 A DT    9  1_555 B DA    7 1_555 -0.140 -0.031 -0.246 -5.557  -7.449  -12.346 8  A_DT9:DA11_B       A 9  ? B 11 ? 20 1 
1 A DG    10 1_555 B DC    6 1_555 -0.305 -0.154 0.370  -2.160  -8.012  0.675   9  A_DG10:DC10_B      A 10 ? B 10 ? 19 1 
1 A DT    11 1_555 B DA    5 1_555 -1.537 0.144  -0.582 10.438  -9.507  8.744   10 A_DT11:DA9_B       A 11 ? B 9  ? 20 1 
1 A A1AAZ 12 1_555 B A1AAZ 4 1_555 -3.225 -1.090 -0.320 7.264   -5.003  -11.415 11 A_A1AAZ22:A1AAZ8_B A 22 ? B 8  ? ?  ? 
1 A DT    13 1_555 B DA    3 1_555 -0.378 -0.207 -0.426 3.965   -17.165 -2.807  12 A_DT23:DA3_B       A 23 ? B 3  ? 20 1 
1 A DG    14 1_555 B DC    2 1_555 -0.262 -0.071 -0.570 -17.844 -16.550 2.983   13 A_DG24:DC2_B       A 24 ? B 2  ? 19 1 
1 A DG    15 1_555 B DC    1 1_555 -0.301 -0.087 -0.317 -11.042 -12.046 2.168   14 A_DG25:DC1_B       A 25 ? B 1  ? 19 1 
1 A DA    16 1_555 D DT    7 1_555 2.347  -0.037 0.687  -2.017  -14.304 -1.844  15 A_DA26:DT7_D       A 26 ? D 7  ? 20 1 
1 A DC    17 1_555 D DG    6 1_555 0.227  -0.103 0.727  0.818   -8.590  -0.605  16 A_DC27:DG6_D       A 27 ? D 6  ? 19 1 
1 A DA    18 1_555 D DT    5 1_555 0.106  -0.336 0.751  -3.723  -14.490 -8.370  17 A_DA28:DT5_D       A 28 ? D 5  ? 20 1 
1 A DT    19 1_555 D DA    4 1_555 0.089  -0.454 -0.592 -2.467  -9.781  9.453   18 A_DT29:DA4_D       A 29 ? D 4  ? 20 1 
1 A DC    20 1_555 D DG    3 1_555 0.164  -0.284 0.047  -4.505  -11.322 0.312   19 A_DC30:DG3_D       A 30 ? D 3  ? 19 1 
1 A DA    21 1_555 D DT    2 1_555 0.521  -0.777 -1.851 -3.138  3.836   -18.726 20 A_DA31:DT2_D       A 31 ? D 2  ? 20 1 
# 
loop_
_ndb_struct_na_base_pair_step.model_number 
_ndb_struct_na_base_pair_step.i_label_asym_id_1 
_ndb_struct_na_base_pair_step.i_label_comp_id_1 
_ndb_struct_na_base_pair_step.i_label_seq_id_1 
_ndb_struct_na_base_pair_step.i_symmetry_1 
_ndb_struct_na_base_pair_step.j_label_asym_id_1 
_ndb_struct_na_base_pair_step.j_label_comp_id_1 
_ndb_struct_na_base_pair_step.j_label_seq_id_1 
_ndb_struct_na_base_pair_step.j_symmetry_1 
_ndb_struct_na_base_pair_step.i_label_asym_id_2 
_ndb_struct_na_base_pair_step.i_label_comp_id_2 
_ndb_struct_na_base_pair_step.i_label_seq_id_2 
_ndb_struct_na_base_pair_step.i_symmetry_2 
_ndb_struct_na_base_pair_step.j_label_asym_id_2 
_ndb_struct_na_base_pair_step.j_label_comp_id_2 
_ndb_struct_na_base_pair_step.j_label_seq_id_2 
_ndb_struct_na_base_pair_step.j_symmetry_2 
_ndb_struct_na_base_pair_step.shift 
_ndb_struct_na_base_pair_step.slide 
_ndb_struct_na_base_pair_step.rise 
_ndb_struct_na_base_pair_step.tilt 
_ndb_struct_na_base_pair_step.roll 
_ndb_struct_na_base_pair_step.twist 
_ndb_struct_na_base_pair_step.x_displacement 
_ndb_struct_na_base_pair_step.y_displacement 
_ndb_struct_na_base_pair_step.helical_rise 
_ndb_struct_na_base_pair_step.inclination 
_ndb_struct_na_base_pair_step.tip 
_ndb_struct_na_base_pair_step.helical_twist 
_ndb_struct_na_base_pair_step.step_number 
_ndb_struct_na_base_pair_step.step_name 
_ndb_struct_na_base_pair_step.i_auth_asym_id_1 
_ndb_struct_na_base_pair_step.i_auth_seq_id_1 
_ndb_struct_na_base_pair_step.i_PDB_ins_code_1 
_ndb_struct_na_base_pair_step.j_auth_asym_id_1 
_ndb_struct_na_base_pair_step.j_auth_seq_id_1 
_ndb_struct_na_base_pair_step.j_PDB_ins_code_1 
_ndb_struct_na_base_pair_step.i_auth_asym_id_2 
_ndb_struct_na_base_pair_step.i_auth_seq_id_2 
_ndb_struct_na_base_pair_step.i_PDB_ins_code_2 
_ndb_struct_na_base_pair_step.j_auth_asym_id_2 
_ndb_struct_na_base_pair_step.j_auth_seq_id_2 
_ndb_struct_na_base_pair_step.j_PDB_ins_code_2 
1 A DA    2  1_555 C DT    7 1_555 A DG    3  1_555 C DC    6 1_555 0.922  -0.639 3.370 -0.329  2.159   30.648 -1.639 -1.807 3.309 
4.077   0.621  30.723 1  AA_DA2DG3:DC13DT14_CC       A 2  ? C 14 ? A 3  ? C 13 ? 
1 A DG    3  1_555 C DC    6 1_555 A DC    4  1_555 C DG    5 1_555 0.464  -1.641 3.248 -2.014  -2.872  32.446 -2.416 -1.179 3.343 
-5.122  3.591  32.630 2  AA_DG3DC4:DG12DC13_CC       A 3  ? C 13 ? A 4  ? C 12 ? 
1 A DC    4  1_555 C DG    5 1_555 A DA    5  1_555 C DT    4 1_555 -1.689 -0.058 2.712 2.972   12.261  42.163 -1.021 2.487  2.483 
16.603  -4.025 43.928 3  AA_DC4DA5:DT11DG12_CC       A 4  ? C 12 ? A 5  ? C 11 ? 
1 A DA    5  1_555 C DT    4 1_555 A DG    6  1_555 C DC    3 1_555 0.070  -0.923 3.148 -3.775  0.794   28.863 -2.001 -0.930 3.088 
1.584   7.532  29.114 4  AA_DA5DG6:DC10DT11_CC       A 5  ? C 11 ? A 6  ? C 10 ? 
1 A DG    6  1_555 C DC    3 1_555 A DC    7  1_555 C DG    2 1_555 0.679  -0.975 3.387 1.530   -1.178  27.865 -1.728 -1.026 3.456 
-2.441  -3.173 27.930 5  AA_DG6DC7:DG9DC10_CC        A 6  ? C 10 ? A 7  ? C 9  ? 
1 A DC    7  1_555 C DG    2 1_555 A DC    8  1_555 C DG    1 1_555 -1.758 -0.641 2.909 -0.569  3.907   50.359 -0.997 2.024  2.873 
4.583   0.668  50.504 6  AA_DC7DC8:DG8DG9_CC         A 7  ? C 9  ? A 8  ? C 8  ? 
1 A DC    8  1_555 C DG    1 1_555 A DT    9  1_555 B DA    7 1_555 -2.684 -0.545 4.594 -3.957  -18.187 12.636 9.312  4.558  3.505 
-54.833 11.930 22.466 7  AA_DC8DT9:DA11DG8_BC        A 8  ? C 8  ? A 9  ? B 11 ? 
1 A DT    9  1_555 B DA    7 1_555 A DG    10 1_555 B DC    6 1_555 0.477  -1.487 2.701 -4.297  21.865  35.319 -3.721 -0.992 1.504 
32.374  6.362  41.570 8  AA_DT9DG10:DC10DA11_BB      A 9  ? B 11 ? A 10 ? B 10 ? 
1 A DG    10 1_555 B DC    6 1_555 A DT    11 1_555 B DA    5 1_555 -0.061 0.885  4.011 2.177   1.376   19.797 1.757  1.434  4.032 
3.979   -6.298 19.962 9  AA_DG10DT11:DA9DC10_BB      A 10 ? B 10 ? A 11 ? B 9  ? 
1 A DT    11 1_555 B DA    5 1_555 A A1AAZ 12 1_555 B A1AAZ 4 1_555 0.051  -0.596 3.077 -4.450  1.523   39.843 -1.032 -0.550 3.030 
2.226   6.503  40.109 10 AA_DT11A1AAZ22:A1AAZ8DA9_BB A 11 ? B 9  ? A 22 ? B 8  ? 
1 A A1AAZ 12 1_555 B A1AAZ 4 1_555 A DT    13 1_555 B DA    3 1_555 -1.895 -1.003 3.319 -0.177  -0.267  39.688 -1.445 2.770  3.334 
-0.394  0.261  39.689 11 AA_A1AAZ22DT23:DA3A1AAZ8_BB A 22 ? B 8  ? A 23 ? B 3  ? 
1 A DT    13 1_555 B DA    3 1_555 A DG    14 1_555 B DC    2 1_555 0.134  2.466  4.468 -0.471  -4.180  36.953 4.605  -0.293 4.172 
-6.568  0.740  37.183 12 AA_DT23DG24:DC2DA3_BB       A 23 ? B 3  ? A 24 ? B 2  ? 
1 A DG    14 1_555 B DC    2 1_555 A DG    15 1_555 B DC    1 1_555 0.941  2.209  3.740 -5.741  6.111   50.152 2.075  -1.567 3.844 
7.152   6.719  50.803 13 AA_DG24DG25:DC1DC2_BB       A 24 ? B 2  ? A 25 ? B 1  ? 
1 A DG    15 1_555 B DC    1 1_555 A DA    16 1_555 D DT    7 1_555 -2.351 0.527  2.822 -14.364 -1.591  34.099 1.046  1.763  3.475 
-2.575  23.243 36.951 14 AA_DG25DA26:DT7DC1_DB       A 25 ? B 1  ? A 26 ? D 7  ? 
1 A DA    16 1_555 D DT    7 1_555 A DC    17 1_555 D DG    6 1_555 0.306  -0.894 2.815 -0.704  2.090   18.992 -3.593 -1.225 2.689 
6.308   2.123  19.118 15 AA_DA26DC27:DG6DT7_DD       A 26 ? D 7  ? A 27 ? D 6  ? 
1 A DC    17 1_555 D DG    6 1_555 A DA    18 1_555 D DT    5 1_555 -1.265 0.003  3.285 -2.416  -0.712  33.891 0.121  1.772  3.364 
-1.220  4.137  33.982 16 AA_DC27DA28:DT5DG6_DD       A 27 ? D 6  ? A 28 ? D 5  ? 
1 A DA    18 1_555 D DT    5 1_555 A DT    19 1_555 D DA    4 1_555 1.393  -0.165 3.711 2.473   0.201   36.881 -0.292 -1.814 3.793 
0.318   -3.904 36.961 17 AA_DA28DT29:DA4DT5_DD       A 28 ? D 5  ? A 29 ? D 4  ? 
1 A DT    19 1_555 D DA    4 1_555 A DC    20 1_555 D DG    3 1_555 -0.641 0.666  3.323 -3.937  -2.465  44.021 1.118  0.476  3.326 
-3.277  5.235  44.253 18 AA_DT29DC30:DG3DA4_DD       A 29 ? D 4  ? A 30 ? D 3  ? 
1 A DC    20 1_555 D DG    3 1_555 A DA    21 1_555 D DT    2 1_555 -1.596 -0.347 3.645 3.225   12.922  30.347 -2.952 3.388  3.067 
23.323  -5.822 33.078 19 AA_DC30DA31:DT2DG3_DD       A 30 ? D 3  ? A 31 ? D 2  ? 
# 
loop_
_pdbx_audit_support.funding_organization 
_pdbx_audit_support.country 
_pdbx_audit_support.grant_number 
_pdbx_audit_support.ordinal 
'Department of Energy (DOE, United States)'        'United States' DE-SC0007991  1 
'Office of Naval Research (ONR)'                   'United States' N000141912596 2 
'National Science Foundation (NSF, United States)' 'United States' GCR-2317843   3 
# 
_space_group.name_H-M_alt     'H 3' 
_space_group.name_Hall        'H 3' 
_space_group.IT_number        146 
_space_group.crystal_system   trigonal 
_space_group.id               1 
# 
_atom_sites.entry_id                    9D6Q 
_atom_sites.Cartn_transf_matrix[1][1]   ? 
_atom_sites.Cartn_transf_matrix[1][2]   ? 
_atom_sites.Cartn_transf_matrix[1][3]   ? 
_atom_sites.Cartn_transf_matrix[2][1]   ? 
_atom_sites.Cartn_transf_matrix[2][2]   ? 
_atom_sites.Cartn_transf_matrix[2][3]   ? 
_atom_sites.Cartn_transf_matrix[3][1]   ? 
_atom_sites.Cartn_transf_matrix[3][2]   ? 
_atom_sites.Cartn_transf_matrix[3][3]   ? 
_atom_sites.Cartn_transf_vector[1]      ? 
_atom_sites.Cartn_transf_vector[2]      ? 
_atom_sites.Cartn_transf_vector[3]      ? 
_atom_sites.Cartn_transform_axes        ? 
_atom_sites.fract_transf_matrix[1][1]   0.00517371 
_atom_sites.fract_transf_matrix[1][2]   0.00036414 
_atom_sites.fract_transf_matrix[1][3]   0.00919834 
_atom_sites.fract_transf_matrix[2][1]   -0.00360902 
_atom_sites.fract_transf_matrix[2][2]   0.00607013 
_atom_sites.fract_transf_matrix[2][3]   0.00785125 
_atom_sites.fract_transf_matrix[3][1]   -0.00597449 
_atom_sites.fract_transf_matrix[3][2]   -0.00832487 
_atom_sites.fract_transf_matrix[3][3]   0.00368998 
_atom_sites.fract_transf_vector[1]      0.017157 
_atom_sites.fract_transf_vector[2]      -0.126283 
_atom_sites.fract_transf_vector[3]      0.264465 
_atom_sites.solution_primary            ? 
_atom_sites.solution_secondary          ? 
_atom_sites.solution_hydrogens          ? 
_atom_sites.special_details             ? 
# 
loop_
_atom_type.symbol 
_atom_type.scat_dispersion_real 
_atom_type.scat_dispersion_imag 
_atom_type.scat_Cromer_Mann_a1 
_atom_type.scat_Cromer_Mann_a2 
_atom_type.scat_Cromer_Mann_a3 
_atom_type.scat_Cromer_Mann_a4 
_atom_type.scat_Cromer_Mann_b1 
_atom_type.scat_Cromer_Mann_b2 
_atom_type.scat_Cromer_Mann_b3 
_atom_type.scat_Cromer_Mann_b4 
_atom_type.scat_Cromer_Mann_c 
_atom_type.scat_source 
_atom_type.scat_dispersion_source 
AU ? ? 78.59922 ? ? ? 4.07487  ? ? ? 0.0 
;1-Gaussian fit: Grosse-Kunstleve RW, Sauter NK, Adams PD: Newsletter of the IUCr Commission on Crystallographic Computing 2004, 3, 22-31.
;
? 
C  ? ? 5.96793  ? ? ? 14.89577 ? ? ? 0.0 
;1-Gaussian fit: Grosse-Kunstleve RW, Sauter NK, Adams PD: Newsletter of the IUCr Commission on Crystallographic Computing 2004, 3, 22-31.
;
? 
N  ? ? 6.96715  ? ? ? 11.43723 ? ? ? 0.0 
;1-Gaussian fit: Grosse-Kunstleve RW, Sauter NK, Adams PD: Newsletter of the IUCr Commission on Crystallographic Computing 2004, 3, 22-31.
;
? 
O  ? ? 7.96527  ? ? ? 9.05267  ? ? ? 0.0 
;1-Gaussian fit: Grosse-Kunstleve RW, Sauter NK, Adams PD: Newsletter of the IUCr Commission on Crystallographic Computing 2004, 3, 22-31.
;
? 
P  ? ? 14.90797 ? ? ? 11.91318 ? ? ? 0.0 
;1-Gaussian fit: Grosse-Kunstleve RW, Sauter NK, Adams PD: Newsletter of the IUCr Commission on Crystallographic Computing 2004, 3, 22-31.
;
? 
S  ? ? 15.91112 ? ? ? 10.84690 ? ? ? 0.0 
;1-Gaussian fit: Grosse-Kunstleve RW, Sauter NK, Adams PD: Newsletter of the IUCr Commission on Crystallographic Computing 2004, 3, 22-31.
;
? 
# 
loop_
_atom_site.group_PDB 
_atom_site.id 
_atom_site.type_symbol 
_atom_site.label_atom_id 
_atom_site.label_alt_id 
_atom_site.label_comp_id 
_atom_site.label_asym_id 
_atom_site.label_entity_id 
_atom_site.label_seq_id 
_atom_site.pdbx_PDB_ins_code 
_atom_site.Cartn_x 
_atom_site.Cartn_y 
_atom_site.Cartn_z 
_atom_site.occupancy 
_atom_site.B_iso_or_equiv 
_atom_site.pdbx_formal_charge 
_atom_site.auth_seq_id 
_atom_site.auth_comp_id 
_atom_site.auth_asym_id 
_atom_site.auth_atom_id 
_atom_site.pdbx_PDB_model_num 
ATOM   1   O  "O5'" . DG    A 1 1  ? 4.00449   -6.68519  29.62386  1.000 549.24163 ? 1   DG    A "O5'" 1 
ATOM   2   C  "C5'" . DG    A 1 1  ? 2.83983   -6.24492  30.31639  1.000 544.12588 ? 1   DG    A "C5'" 1 
ATOM   3   C  "C4'" . DG    A 1 1  ? 3.21236   -5.34362  31.48013  1.000 542.94842 ? 1   DG    A "C4'" 1 
ATOM   4   O  "O4'" . DG    A 1 1  ? 3.53309   -6.14961  32.63672  1.000 523.40268 ? 1   DG    A "O4'" 1 
ATOM   5   C  "C3'" . DG    A 1 1  ? 4.41227   -4.43341  31.22037  1.000 550.21956 ? 1   DG    A "C3'" 1 
ATOM   6   O  "O3'" . DG    A 1 1  ? 4.02167   -3.06415  31.30703  1.000 569.12130 ? 1   DG    A "O3'" 1 
ATOM   7   C  "C2'" . DG    A 1 1  ? 5.44853   -4.80542  32.29503  1.000 536.36931 ? 1   DG    A "C2'" 1 
ATOM   8   C  "C1'" . DG    A 1 1  ? 4.91839   -6.10784  32.89017  1.000 510.55552 ? 1   DG    A "C1'" 1 
ATOM   9   N  N9    . DG    A 1 1  ? 5.53448   -7.35241  32.38440  1.000 496.30979 ? 1   DG    A N9    1 
ATOM   10  C  C8    . DG    A 1 1  ? 4.87520   -8.52230  32.09543  1.000 486.27523 ? 1   DG    A C8    1 
ATOM   11  N  N7    . DG    A 1 1  ? 5.65291   -9.48547  31.69522  1.000 482.18647 ? 1   DG    A N7    1 
ATOM   12  C  C5    . DG    A 1 1  ? 6.91984   -8.93042  31.71666  1.000 473.36651 ? 1   DG    A C5    1 
ATOM   13  C  C6    . DG    A 1 1  ? 8.16242   -9.50911  31.37813  1.000 473.13221 ? 1   DG    A C6    1 
ATOM   14  O  O6    . DG    A 1 1  ? 8.38694   -10.66117 30.98131  1.000 472.68961 ? 1   DG    A O6    1 
ATOM   15  N  N1    . DG    A 1 1  ? 9.20844   -8.60753  31.53448  1.000 474.81075 ? 1   DG    A N1    1 
ATOM   16  C  C2    . DG    A 1 1  ? 9.06930   -7.31054  31.97149  1.000 479.82078 ? 1   DG    A C2    1 
ATOM   17  N  N2    . DG    A 1 1  ? 10.19547  -6.59157  32.06107  1.000 483.23441 ? 1   DG    A N2    1 
ATOM   18  N  N3    . DG    A 1 1  ? 7.90825   -6.75213  32.29591  1.000 485.60867 ? 1   DG    A N3    1 
ATOM   19  C  C4    . DG    A 1 1  ? 6.87676   -7.61683  32.14597  1.000 483.25266 ? 1   DG    A C4    1 
ATOM   20  P  P     . DA    A 1 2  ? 4.88893   -1.93054  30.56697  1.000 588.56785 ? 2   DA    A P     1 
ATOM   21  O  OP1   . DA    A 1 2  ? 4.17925   -0.64080  30.73386  1.000 590.84800 ? 2   DA    A OP1   1 
ATOM   22  O  OP2   . DA    A 1 2  ? 5.17419   -2.42369  29.19905  1.000 570.79377 ? 2   DA    A OP2   1 
ATOM   23  O  "O5'" . DA    A 1 2  ? 6.25755   -1.89349  31.40551  1.000 567.91656 ? 2   DA    A "O5'" 1 
ATOM   24  C  "C5'" . DA    A 1 2  ? 7.24152   -0.89348  31.14923  1.000 560.58475 ? 2   DA    A "C5'" 1 
ATOM   25  C  "C4'" . DA    A 1 2  ? 8.56625   -1.52772  30.76230  1.000 544.84878 ? 2   DA    A "C4'" 1 
ATOM   26  O  "O4'" . DA    A 1 2  ? 8.43737   -2.98309  30.83564  1.000 535.96416 ? 2   DA    A "O4'" 1 
ATOM   27  C  "C3'" . DA    A 1 2  ? 9.02698   -1.22703  29.32665  1.000 538.61353 ? 2   DA    A "C3'" 1 
ATOM   28  O  "O3'" . DA    A 1 2  ? 10.49591  -1.06584  29.25587  1.000 523.56314 ? 2   DA    A "O3'" 1 
ATOM   29  C  "C2'" . DA    A 1 2  ? 8.54205   -2.47203  28.58679  1.000 535.31436 ? 2   DA    A "C2'" 1 
ATOM   30  C  "C1'" . DA    A 1 2  ? 8.89612   -3.51949  29.61857  1.000 529.98177 ? 2   DA    A "C1'" 1 
ATOM   31  N  N9    . DA    A 1 2  ? 8.33139   -4.84498  29.37367  1.000 519.59330 ? 2   DA    A N9    1 
ATOM   32  C  C8    . DA    A 1 2  ? 7.02999   -5.22494  29.48481  1.000 521.93836 ? 2   DA    A C8    1 
ATOM   33  N  N7    . DA    A 1 2  ? 6.81775   -6.48945  29.20147  1.000 513.70245 ? 2   DA    A N7    1 
ATOM   34  C  C5    . DA    A 1 2  ? 8.07231   -6.96850  28.86808  1.000 507.44237 ? 2   DA    A C5    1 
ATOM   35  C  C6    . DA    A 1 2  ? 8.52855   -8.24069  28.46621  1.000 502.56575 ? 2   DA    A C6    1 
ATOM   36  N  N6    . DA    A 1 2  ? 7.72559   -9.30006  28.32972  1.000 501.46256 ? 2   DA    A N6    1 
ATOM   37  N  N1    . DA    A 1 2  ? 9.84576   -8.38091  28.20766  1.000 499.81064 ? 2   DA    A N1    1 
ATOM   38  C  C2    . DA    A 1 2  ? 10.64723  -7.31972  28.34878  1.000 498.99027 ? 2   DA    A C2    1 
ATOM   39  N  N3    . DA    A 1 2  ? 10.33396  -6.07782  28.71605  1.000 503.32771 ? 2   DA    A N3    1 
ATOM   40  C  C4    . DA    A 1 2  ? 9.01814   -5.96872  28.96567  1.000 509.98358 ? 2   DA    A C4    1 
ATOM   41  P  P     . DG    A 1 3  ? 11.33937  -1.80827  28.09651  1.000 513.96024 ? 3   DG    A P     1 
ATOM   42  O  OP1   . DG    A 1 3  ? 10.64625  -1.51391  26.82670  1.000 524.25618 ? 3   DG    A OP1   1 
ATOM   43  O  OP2   . DG    A 1 3  ? 11.61253  -3.17278  28.59781  1.000 557.26291 ? 3   DG    A OP2   1 
ATOM   44  O  "O5'" . DG    A 1 3  ? 12.76527  -1.07931  27.99738  1.000 505.56583 ? 3   DG    A "O5'" 1 
ATOM   45  C  "C5'" . DG    A 1 3  ? 13.97728  -1.84401  27.67967  1.000 505.31482 ? 3   DG    A "C5'" 1 
ATOM   46  C  "C4'" . DG    A 1 3  ? 13.85895  -2.70901  26.40430  1.000 504.75419 ? 3   DG    A "C4'" 1 
ATOM   47  O  "O4'" . DG    A 1 3  ? 12.93252  -3.80815  26.61573  1.000 506.06721 ? 3   DG    A "O4'" 1 
ATOM   48  C  "C3'" . DG    A 1 3  ? 13.39062  -1.99421  25.11587  1.000 499.93693 ? 3   DG    A "C3'" 1 
ATOM   49  O  "O3'" . DG    A 1 3  ? 14.43304  -1.98285  24.07850  1.000 491.95566 ? 3   DG    A "O3'" 1 
ATOM   50  C  "C2'" . DG    A 1 3  ? 12.15457  -2.76973  24.67652  1.000 505.07525 ? 3   DG    A "C2'" 1 
ATOM   51  C  "C1'" . DG    A 1 3  ? 12.31389  -4.09583  25.39304  1.000 504.26986 ? 3   DG    A "C1'" 1 
ATOM   52  N  N9    . DG    A 1 3  ? 11.04079  -4.75903  25.58688  1.000 510.30287 ? 3   DG    A N9    1 
ATOM   53  C  C8    . DG    A 1 3  ? 9.85686   -4.18886  25.98048  1.000 520.01861 ? 3   DG    A C8    1 
ATOM   54  N  N7    . DG    A 1 3  ? 8.86111   -5.02705  26.00132  1.000 523.28051 ? 3   DG    A N7    1 
ATOM   55  C  C5    . DG    A 1 3  ? 9.42076   -6.21776  25.56112  1.000 516.52724 ? 3   DG    A C5    1 
ATOM   56  C  C6    . DG    A 1 3  ? 8.83424   -7.48397  25.37335  1.000 518.54089 ? 3   DG    A C6    1 
ATOM   57  O  O6    . DG    A 1 3  ? 7.66159   -7.82379  25.56510  1.000 522.45303 ? 3   DG    A O6    1 
ATOM   58  N  N1    . DG    A 1 3  ? 9.76019   -8.41113  24.91659  1.000 516.19617 ? 3   DG    A N1    1 
ATOM   59  C  C2    . DG    A 1 3  ? 11.08328  -8.14951  24.67691  1.000 509.40921 ? 3   DG    A C2    1 
ATOM   60  N  N2    . DG    A 1 3  ? 11.82089  -9.16824  24.23398  1.000 505.24708 ? 3   DG    A N2    1 
ATOM   61  N  N3    . DG    A 1 3  ? 11.64364  -6.97078  24.84631  1.000 507.31160 ? 3   DG    A N3    1 
ATOM   62  C  C4    . DG    A 1 3  ? 10.75699  -6.05834  25.29216  1.000 512.88659 ? 3   DG    A C4    1 
ATOM   63  P  P     . DC    A 1 4  ? 14.60234  -3.15104  22.96263  1.000 484.90939 ? 4   DC    A P     1 
ATOM   64  O  OP1   . DC    A 1 4  ? 14.71966  -4.45227  23.65541  1.000 491.96006 ? 4   DC    A OP1   1 
ATOM   65  O  OP2   . DC    A 1 4  ? 15.71261  -2.71475  22.09061  1.000 495.90093 ? 4   DC    A OP2   1 
ATOM   66  O  "O5'" . DC    A 1 4  ? 13.28306  -3.10462  22.03516  1.000 488.18543 ? 4   DC    A "O5'" 1 
ATOM   67  C  "C5'" . DC    A 1 4  ? 13.29853  -3.66024  20.68567  1.000 486.08523 ? 4   DC    A "C5'" 1 
ATOM   68  C  "C4'" . DC    A 1 4  ? 13.58476  -5.15754  20.69308  1.000 487.71962 ? 4   DC    A "C4'" 1 
ATOM   69  O  "O4'" . DC    A 1 4  ? 13.02211  -5.73622  21.89733  1.000 490.11539 ? 4   DC    A "O4'" 1 
ATOM   70  C  "C3'" . DC    A 1 4  ? 12.95550  -5.96411  19.55463  1.000 490.23703 ? 4   DC    A "C3'" 1 
ATOM   71  O  "O3'" . DC    A 1 4  ? 13.77525  -5.94782  18.34789  1.000 485.95290 ? 4   DC    A "O3'" 1 
ATOM   72  C  "C2'" . DC    A 1 4  ? 12.85829  -7.34207  20.17853  1.000 491.71360 ? 4   DC    A "C2'" 1 
ATOM   73  C  "C1'" . DC    A 1 4  ? 12.43863  -6.98863  21.59806  1.000 496.93804 ? 4   DC    A "C1'" 1 
ATOM   74  N  N1    . DC    A 1 4  ? 10.97391  -6.88021  21.77035  1.000 505.24245 ? 4   DC    A N1    1 
ATOM   75  C  C2    . DC    A 1 4  ? 10.18769  -8.00861  21.58195  1.000 509.65763 ? 4   DC    A C2    1 
ATOM   76  O  O2    . DC    A 1 4  ? 10.73298  -9.06971  21.26629  1.000 505.51272 ? 4   DC    A O2    1 
ATOM   77  N  N3    . DC    A 1 4  ? 8.85497   -7.91412  21.74767  1.000 517.44570 ? 4   DC    A N3    1 
ATOM   78  C  C4    . DC    A 1 4  ? 8.30400   -6.74747  22.08269  1.000 520.12948 ? 4   DC    A C4    1 
ATOM   79  N  N4    . DC    A 1 4  ? 6.97921   -6.71257  22.23894  1.000 526.49912 ? 4   DC    A N4    1 
ATOM   80  C  C5    . DC    A 1 4  ? 9.08892   -5.57628  22.28582  1.000 521.58399 ? 4   DC    A C5    1 
ATOM   81  C  C6    . DC    A 1 4  ? 10.41046  -5.68662  22.11646  1.000 513.14574 ? 4   DC    A C6    1 
ATOM   82  P  P     . DA    A 1 5  ? 15.06195  -6.90361  18.14500  1.000 486.35940 ? 5   DA    A P     1 
ATOM   83  O  OP1   . DA    A 1 5  ? 15.65589  -7.28587  19.44256  1.000 489.41136 ? 5   DA    A OP1   1 
ATOM   84  O  OP2   . DA    A 1 5  ? 15.92476  -6.20093  17.17520  1.000 485.97655 ? 5   DA    A OP2   1 
ATOM   85  O  "O5'" . DA    A 1 5  ? 14.51923  -8.20430  17.37187  1.000 492.45786 ? 5   DA    A "O5'" 1 
ATOM   86  C  "C5'" . DA    A 1 5  ? 15.44712  -9.00827  16.61767  1.000 495.90854 ? 5   DA    A "C5'" 1 
ATOM   87  C  "C4'" . DA    A 1 5  ? 14.83311  -10.31898 16.13155  1.000 500.82937 ? 5   DA    A "C4'" 1 
ATOM   88  O  "O4'" . DA    A 1 5  ? 13.69404  -10.67965 16.95339  1.000 496.65371 ? 5   DA    A "O4'" 1 
ATOM   89  C  "C3'" . DA    A 1 5  ? 14.34165  -10.30797 14.69066  1.000 499.20482 ? 5   DA    A "C3'" 1 
ATOM   90  O  "O3'" . DA    A 1 5  ? 14.62834  -11.55888 14.05048  1.000 504.67097 ? 5   DA    A "O3'" 1 
ATOM   91  C  "C2'" . DA    A 1 5  ? 12.84396  -10.06064 14.82781  1.000 491.02859 ? 5   DA    A "C2'" 1 
ATOM   92  C  "C1'" . DA    A 1 5  ? 12.50078  -10.65437 16.19704  1.000 494.34061 ? 5   DA    A "C1'" 1 
ATOM   93  N  N9    . DA    A 1 5  ? 11.53566  -9.84597  16.93339  1.000 489.82661 ? 5   DA    A N9    1 
ATOM   94  C  C8    . DA    A 1 5  ? 11.73317  -8.58010  17.38780  1.000 493.23389 ? 5   DA    A C8    1 
ATOM   95  N  N7    . DA    A 1 5  ? 10.71166  -8.07439  18.02290  1.000 495.89090 ? 5   DA    A N7    1 
ATOM   96  C  C5    . DA    A 1 5  ? 9.76755   -9.07611  17.98275  1.000 495.17199 ? 5   DA    A C5    1 
ATOM   97  C  C6    . DA    A 1 5  ? 8.46322   -9.14821  18.48266  1.000 500.75607 ? 5   DA    A C6    1 
ATOM   98  N  N6    . DA    A 1 5  ? 7.88331   -8.14587  19.14391  1.000 507.26393 ? 5   DA    A N6    1 
ATOM   99  N  N1    . DA    A 1 5  ? 7.77572   -10.28345 18.27634  1.000 501.20255 ? 5   DA    A N1    1 
ATOM   100 C  C2    . DA    A 1 5  ? 8.36624   -11.28756 17.61055  1.000 492.53902 ? 5   DA    A C2    1 
ATOM   101 N  N3    . DA    A 1 5  ? 9.59711   -11.33480 17.08845  1.000 487.40243 ? 5   DA    A N3    1 
ATOM   102 C  C4    . DA    A 1 5  ? 10.25191  -10.18363 17.31316  1.000 491.87949 ? 5   DA    A C4    1 
ATOM   103 P  P     . DG    A 1 6  ? 14.50642  -11.71078 12.45079  1.000 511.84985 ? 6   DG    A P     1 
ATOM   104 O  OP1   . DG    A 1 6  ? 15.79462  -12.22947 11.93486  1.000 518.68526 ? 6   DG    A OP1   1 
ATOM   105 O  OP2   . DG    A 1 6  ? 13.94366  -10.45688 11.89516  1.000 499.04982 ? 6   DG    A OP2   1 
ATOM   106 O  "O5'" . DG    A 1 6  ? 13.41425  -12.86086 12.27301  1.000 506.18945 ? 6   DG    A "O5'" 1 
ATOM   107 C  "C5'" . DG    A 1 6  ? 12.65237  -13.29276 13.39729  1.000 495.89520 ? 6   DG    A "C5'" 1 
ATOM   108 C  "C4'" . DG    A 1 6  ? 11.17509  -13.30138 13.06383  1.000 483.67917 ? 6   DG    A "C4'" 1 
ATOM   109 O  "O4'" . DG    A 1 6  ? 10.46731  -12.37767 13.92212  1.000 481.99132 ? 6   DG    A "O4'" 1 
ATOM   110 C  "C3'" . DG    A 1 6  ? 10.84609  -12.88493 11.62893  1.000 474.74192 ? 6   DG    A "C3'" 1 
ATOM   111 O  "O3'" . DG    A 1 6  ? 10.16803  -13.93714 10.97001  1.000 470.15140 ? 6   DG    A "O3'" 1 
ATOM   112 C  "C2'" . DG    A 1 6  ? 9.95975   -11.64022 11.78306  1.000 467.73814 ? 6   DG    A "C2'" 1 
ATOM   113 C  "C1'" . DG    A 1 6  ? 9.41710   -11.80370 13.19197  1.000 467.76710 ? 6   DG    A "C1'" 1 
ATOM   114 N  N9    . DG    A 1 6  ? 9.05509   -10.54563 13.82966  1.000 468.14753 ? 6   DG    A N9    1 
ATOM   115 C  C8    . DG    A 1 6  ? 9.85573   -9.44414  13.98362  1.000 475.48864 ? 6   DG    A C8    1 
ATOM   116 N  N7    . DG    A 1 6  ? 9.27719   -8.46098  14.60385  1.000 478.17499 ? 6   DG    A N7    1 
ATOM   117 C  C5    . DG    A 1 6  ? 8.00505   -8.93843  14.88184  1.000 477.90957 ? 6   DG    A C5    1 
ATOM   118 C  C6    . DG    A 1 6  ? 6.92508   -8.30864  15.53401  1.000 483.98530 ? 6   DG    A C6    1 
ATOM   119 O  O6    . DG    A 1 6  ? 6.88039   -7.17253  16.01777  1.000 489.02653 ? 6   DG    A O6    1 
ATOM   120 N  N1    . DG    A 1 6  ? 5.80975   -9.13737  15.60691  1.000 481.14552 ? 6   DG    A N1    1 
ATOM   121 C  C2    . DG    A 1 6  ? 5.74631   -10.41825 15.11140  1.000 474.93333 ? 6   DG    A C2    1 
ATOM   122 N  N2    . DG    A 1 6  ? 4.57851   -11.06033 15.27545  1.000 478.36182 ? 6   DG    A N2    1 
ATOM   123 N  N3    . DG    A 1 6  ? 6.75442   -11.02171 14.48788  1.000 466.99369 ? 6   DG    A N3    1 
ATOM   124 C  C4    . DG    A 1 6  ? 7.84965   -10.22277 14.41264  1.000 472.80494 ? 6   DG    A C4    1 
ATOM   125 P  P     . DC    A 1 7  ? 9.81111   -13.80489 9.41249   1.000 465.70777 ? 7   DC    A P     1 
ATOM   126 O  OP1   . DC    A 1 7  ? 9.71766   -15.17430 8.85462   1.000 459.55724 ? 7   DC    A OP1   1 
ATOM   127 O  OP2   . DC    A 1 7  ? 10.77500  -12.83929 8.83060   1.000 465.78060 ? 7   DC    A OP2   1 
ATOM   128 O  "O5'" . DC    A 1 7  ? 8.34854   -13.14577 9.41689   1.000 442.69126 ? 7   DC    A "O5'" 1 
ATOM   129 C  "C5'" . DC    A 1 7  ? 7.18686   -13.97523 9.52821   1.000 433.28843 ? 7   DC    A "C5'" 1 
ATOM   130 C  "C4'" . DC    A 1 7  ? 6.13607   -13.32956 10.41691  1.000 424.78330 ? 7   DC    A "C4'" 1 
ATOM   131 O  "O4'" . DC    A 1 7  ? 6.71008   -12.16000 11.07178  1.000 432.15470 ? 7   DC    A "O4'" 1 
ATOM   132 C  "C3'" . DC    A 1 7  ? 4.85909   -12.82952 9.68407   1.000 411.10145 ? 7   DC    A "C3'" 1 
ATOM   133 O  "O3'" . DC    A 1 7  ? 3.64161   -13.44541 10.23409  1.000 405.11502 ? 7   DC    A "O3'" 1 
ATOM   134 C  "C2'" . DC    A 1 7  ? 4.89073   -11.31649 9.93167   1.000 417.78825 ? 7   DC    A "C2'" 1 
ATOM   135 C  "C1'" . DC    A 1 7  ? 5.66863   -11.25059 11.23360  1.000 429.46933 ? 7   DC    A "C1'" 1 
ATOM   136 N  N1    . DC    A 1 7  ? 6.16203   -9.86537  11.61877  1.000 443.12359 ? 7   DC    A N1    1 
ATOM   137 C  C2    . DC    A 1 7  ? 5.27837   -9.06253  12.31214  1.000 448.62953 ? 7   DC    A C2    1 
ATOM   138 O  O2    . DC    A 1 7  ? 4.16882   -9.53640  12.56928  1.000 445.35424 ? 7   DC    A O2    1 
ATOM   139 N  N3    . DC    A 1 7  ? 5.64756   -7.81876  12.68770  1.000 454.07953 ? 7   DC    A N3    1 
ATOM   140 C  C4    . DC    A 1 7  ? 6.86568   -7.36849  12.37899  1.000 457.03299 ? 7   DC    A C4    1 
ATOM   141 N  N4    . DC    A 1 7  ? 7.18080   -6.13179  12.78091  1.000 459.74228 ? 7   DC    A N4    1 
ATOM   142 C  C5    . DC    A 1 7  ? 7.80774   -8.17777  11.66232  1.000 451.45804 ? 7   DC    A C5    1 
ATOM   143 C  C6    . DC    A 1 7  ? 7.41486   -9.41485  11.29893  1.000 448.63616 ? 7   DC    A C6    1 
ATOM   144 P  P     . DC    A 1 8  ? 2.37434   -13.81798 9.29266   1.000 406.88962 ? 8   DC    A P     1 
ATOM   145 O  OP1   . DC    A 1 8  ? 1.95020   -15.18729 9.65467   1.000 412.57697 ? 8   DC    A OP1   1 
ATOM   146 O  OP2   . DC    A 1 8  ? 2.71926   -13.53499 7.88338   1.000 406.72229 ? 8   DC    A OP2   1 
ATOM   147 O  "O5'" . DC    A 1 8  ? 1.20876   -12.79639 9.73976   1.000 401.78499 ? 8   DC    A "O5'" 1 
ATOM   148 C  "C5'" . DC    A 1 8  ? -0.15972  -13.25858 9.84599   1.000 398.83996 ? 8   DC    A "C5'" 1 
ATOM   149 C  "C4'" . DC    A 1 8  ? -1.15879  -12.10213 9.95198   1.000 393.13493 ? 8   DC    A "C4'" 1 
ATOM   150 O  "O4'" . DC    A 1 8  ? -0.80507  -11.22266 11.05670  1.000 386.66408 ? 8   DC    A "O4'" 1 
ATOM   151 C  "C3'" . DC    A 1 8  ? -1.23535  -11.18914 8.74150   1.000 391.74374 ? 8   DC    A "C3'" 1 
ATOM   152 O  "O3'" . DC    A 1 8  ? -2.10073  -11.75459 7.71160   1.000 396.85806 ? 8   DC    A "O3'" 1 
ATOM   153 C  "C2'" . DC    A 1 8  ? -1.77517  -9.89244  9.34963   1.000 384.49786 ? 8   DC    A "C2'" 1 
ATOM   154 C  "C1'" . DC    A 1 8  ? -1.09745  -9.86740  10.72184  1.000 384.35880 ? 8   DC    A "C1'" 1 
ATOM   155 N  N1    . DC    A 1 8  ? 0.18875   -9.08938  10.74921  1.000 395.18089 ? 8   DC    A N1    1 
ATOM   156 C  C2    . DC    A 1 8  ? 0.25027   -7.78724  11.30138  1.000 405.61791 ? 8   DC    A C2    1 
ATOM   157 O  O2    . DC    A 1 8  ? -0.76732  -7.26005  11.76700  1.000 403.44659 ? 8   DC    A O2    1 
ATOM   158 N  N3    . DC    A 1 8  ? 1.44948   -7.13836  11.30387  1.000 425.48216 ? 8   DC    A N3    1 
ATOM   159 C  C4    . DC    A 1 8  ? 2.52924   -7.72878  10.79332  1.000 424.11553 ? 8   DC    A C4    1 
ATOM   160 N  N4    . DC    A 1 8  ? 3.69173   -7.06385  10.81092  1.000 433.64030 ? 8   DC    A N4    1 
ATOM   161 C  C5    . DC    A 1 8  ? 2.47460   -9.03276  10.23633  1.000 411.50808 ? 8   DC    A C5    1 
ATOM   162 C  C6    . DC    A 1 8  ? 1.30922   -9.66793  10.24282  1.000 403.05076 ? 8   DC    A C6    1 
ATOM   163 P  P     . DT    A 1 9  ? -3.70689  -11.59800 7.73993   1.000 401.63924 ? 9   DT    A P     1 
ATOM   164 O  OP1   . DT    A 1 9  ? -4.17852  -11.89927 9.10645   1.000 395.86654 ? 9   DT    A OP1   1 
ATOM   165 O  OP2   . DT    A 1 9  ? -4.24781  -12.37825 6.60022   1.000 406.80707 ? 9   DT    A OP2   1 
ATOM   166 O  "O5'" . DT    A 1 9  ? -3.97590  -10.05386 7.40564   1.000 388.84472 ? 9   DT    A "O5'" 1 
ATOM   167 C  "C5'" . DT    A 1 9  ? -5.30002  -9.60229  7.12169   1.000 383.73761 ? 9   DT    A "C5'" 1 
ATOM   168 C  "C4'" . DT    A 1 9  ? -5.88323  -8.81329  8.28801   1.000 376.03205 ? 9   DT    A "C4'" 1 
ATOM   169 O  "O4'" . DT    A 1 9  ? -4.83760  -8.46921  9.23432   1.000 373.85059 ? 9   DT    A "O4'" 1 
ATOM   170 C  "C3'" . DT    A 1 9  ? -6.52903  -7.49258  7.90214   1.000 371.89115 ? 9   DT    A "C3'" 1 
ATOM   171 O  "O3'" . DT    A 1 9  ? -7.89997  -7.69739  7.61995   1.000 368.83761 ? 9   DT    A "O3'" 1 
ATOM   172 C  "C2'" . DT    A 1 9  ? -6.33943  -6.64348  9.15666   1.000 369.25794 ? 9   DT    A "C2'" 1 
ATOM   173 C  "C1'" . DT    A 1 9  ? -4.99575  -7.12761  9.67921   1.000 373.70097 ? 9   DT    A "C1'" 1 
ATOM   174 N  N1    . DT    A 1 9  ? -3.84316  -6.35261  9.17944   1.000 374.90085 ? 9   DT    A N1    1 
ATOM   175 C  C2    . DT    A 1 9  ? -3.60940  -5.06545  9.63136   1.000 378.79104 ? 9   DT    A C2    1 
ATOM   176 O  O2    . DT    A 1 9  ? -4.32240  -4.49236  10.43688  1.000 381.04831 ? 9   DT    A O2    1 
ATOM   177 N  N3    . DT    A 1 9  ? -2.49274  -4.47534  9.08721   1.000 386.49964 ? 9   DT    A N3    1 
ATOM   178 C  C4    . DT    A 1 9  ? -1.62108  -5.04243  8.16840   1.000 387.04529 ? 9   DT    A C4    1 
ATOM   179 O  O4    . DT    A 1 9  ? -0.64850  -4.45425  7.72897   1.000 391.29921 ? 9   DT    A O4    1 
ATOM   180 C  C5    . DT    A 1 9  ? -1.93606  -6.38111  7.75798   1.000 381.46277 ? 9   DT    A C5    1 
ATOM   181 C  C7    . DT    A 1 9  ? -1.06591  -7.09144  6.77034   1.000 381.79229 ? 9   DT    A C7    1 
ATOM   182 C  C6    . DT    A 1 9  ? -3.01109  -6.95680  8.27515   1.000 377.64553 ? 9   DT    A C6    1 
ATOM   183 P  P     . DG    A 1 10 ? -8.89856  -6.44255  7.52366   1.000 367.25304 ? 10  DG    A P     1 
ATOM   184 O  OP1   . DG    A 1 10 ? -9.41388  -6.16124  8.88236   1.000 363.81556 ? 10  DG    A OP1   1 
ATOM   185 O  OP2   . DG    A 1 10 ? -9.85023  -6.72405  6.43093   1.000 375.54449 ? 10  DG    A OP2   1 
ATOM   186 O  "O5'" . DG    A 1 10 ? -7.95787  -5.23396  7.05394   1.000 359.67380 ? 10  DG    A "O5'" 1 
ATOM   187 C  "C5'" . DG    A 1 10 ? -8.53054  -4.02369  6.59339   1.000 353.28239 ? 10  DG    A "C5'" 1 
ATOM   188 C  "C4'" . DG    A 1 10 ? -8.88263  -3.10385  7.74732   1.000 358.30662 ? 10  DG    A "C4'" 1 
ATOM   189 O  "O4'" . DG    A 1 10 ? -7.73089  -2.91398  8.59128   1.000 362.50141 ? 10  DG    A "O4'" 1 
ATOM   190 C  "C3'" . DG    A 1 10 ? -9.28667  -1.70691  7.33160   1.000 355.73765 ? 10  DG    A "C3'" 1 
ATOM   191 O  "O3'" . DG    A 1 10 ? -10.12854 -1.13789  8.31775   1.000 362.83904 ? 10  DG    A "O3'" 1 
ATOM   192 C  "C2'" . DG    A 1 10 ? -7.94348  -0.97611  7.22665   1.000 353.07051 ? 10  DG    A "C2'" 1 
ATOM   193 C  "C1'" . DG    A 1 10 ? -7.04882  -1.73548  8.20752   1.000 357.94603 ? 10  DG    A "C1'" 1 
ATOM   194 N  N9    . DG    A 1 10 ? -5.74439  -2.12374  7.66681   1.000 358.21360 ? 10  DG    A N9    1 
ATOM   195 C  C8    . DG    A 1 10 ? -5.34563  -3.38884  7.30297   1.000 360.13654 ? 10  DG    A C8    1 
ATOM   196 N  N7    . DG    A 1 10 ? -4.11652  -3.44747  6.87629   1.000 365.11441 ? 10  DG    A N7    1 
ATOM   197 C  C5    . DG    A 1 10 ? -3.66367  -2.14223  6.97109   1.000 370.09708 ? 10  DG    A C5    1 
ATOM   198 C  C6    . DG    A 1 10 ? -2.40222  -1.59673  6.64634   1.000 373.87593 ? 10  DG    A C6    1 
ATOM   199 O  O6    . DG    A 1 10 ? -1.40137  -2.18183  6.20301   1.000 372.04808 ? 10  DG    A O6    1 
ATOM   200 N  N1    . DG    A 1 10 ? -2.35830  -0.22924  6.89241   1.000 381.00734 ? 10  DG    A N1    1 
ATOM   201 C  C2    . DG    A 1 10 ? -3.40478  0.51938   7.38875   1.000 381.88607 ? 10  DG    A C2    1 
ATOM   202 N  N2    . DG    A 1 10 ? -3.17493  1.82580   7.55902   1.000 390.96877 ? 10  DG    A N2    1 
ATOM   203 N  N3    . DG    A 1 10 ? -4.59535  0.01936   7.69478   1.000 373.17451 ? 10  DG    A N3    1 
ATOM   204 C  C4    . DG    A 1 10 ? -4.65203  -1.31255  7.46107   1.000 366.31460 ? 10  DG    A C4    1 
ATOM   205 P  P     . DT    A 1 11 ? -11.63490 -0.73202  7.93964   1.000 370.50535 ? 11  DT    A P     1 
ATOM   206 O  OP1   . DT    A 1 11 ? -12.51405 -1.08457  9.07374   1.000 367.41640 ? 11  DT    A OP1   1 
ATOM   207 O  OP2   . DT    A 1 11 ? -11.92935 -1.29033  6.60176   1.000 354.27753 ? 11  DT    A OP2   1 
ATOM   208 O  "O5'" . DT    A 1 11 ? -11.56718 0.85630   7.81340   1.000 350.25323 ? 11  DT    A "O5'" 1 
ATOM   209 C  "C5'" . DT    A 1 11 ? -12.02626 1.48299   6.63634   1.000 345.76729 ? 11  DT    A "C5'" 1 
ATOM   210 C  "C4'" . DT    A 1 11 ? -10.88808 2.15385   5.89303   1.000 345.73667 ? 11  DT    A "C4'" 1 
ATOM   211 O  "O4'" . DT    A 1 11 ? -9.72574  1.26217   5.82821   1.000 342.73805 ? 11  DT    A "O4'" 1 
ATOM   212 C  "C3'" . DT    A 1 11 ? -11.21606 2.52371   4.43143   1.000 354.96119 ? 11  DT    A "C3'" 1 
ATOM   213 O  "O3'" . DT    A 1 11 ? -11.12997 3.99233   4.19770   1.000 370.37368 ? 11  DT    A "O3'" 1 
ATOM   214 C  "C2'" . DT    A 1 11 ? -10.18889 1.70999   3.62414   1.000 355.55468 ? 11  DT    A "C2'" 1 
ATOM   215 C  "C1'" . DT    A 1 11 ? -9.06708  1.57085   4.63071   1.000 343.81439 ? 11  DT    A "C1'" 1 
ATOM   216 N  N1    . DT    A 1 11 ? -7.98189  0.55399   4.25598   1.000 334.81683 ? 11  DT    A N1    1 
ATOM   217 C  C2    . DT    A 1 11 ? -6.68216  1.00168   4.14146   1.000 335.97155 ? 11  DT    A C2    1 
ATOM   218 O  O2    . DT    A 1 11 ? -6.35562  2.15275   4.36869   1.000 337.91481 ? 11  DT    A O2    1 
ATOM   219 N  N3    . DT    A 1 11 ? -5.76753  0.05075   3.76917   1.000 326.68920 ? 11  DT    A N3    1 
ATOM   220 C  C4    . DT    A 1 11 ? -6.01083  -1.27684  3.48804   1.000 320.24365 ? 11  DT    A C4    1 
ATOM   221 O  O4    . DT    A 1 11 ? -5.11532  -2.05546  3.16069   1.000 308.91153 ? 11  DT    A O4    1 
ATOM   222 C  C5    . DT    A 1 11 ? -7.38984  -1.68758  3.60479   1.000 326.69492 ? 11  DT    A C5    1 
ATOM   223 C  C7    . DT    A 1 11 ? -7.76756  -3.10696  3.31804   1.000 318.19912 ? 11  DT    A C7    1 
ATOM   224 C  C6    . DT    A 1 11 ? -8.30759  -0.76036  3.96574   1.000 332.24188 ? 11  DT    A C6    1 
HETATM 225 C  "C1'" . A1AAZ A 1 12 ? -6.40329  5.09915   1.30213   1.000 388.38011 ? 22  A1AAZ A "C1'" 1 
HETATM 226 C  C2    . A1AAZ A 1 12 ? -4.75916  3.36872   0.71247   1.000 368.10219 ? 22  A1AAZ A C2    1 
HETATM 227 C  "C2'" . A1AAZ A 1 12 ? -6.68359  5.91052   -0.00412  1.000 397.31520 ? 22  A1AAZ A "C2'" 1 
HETATM 228 C  "C3'" . A1AAZ A 1 12 ? -7.87955  6.80745   0.24832   1.000 398.07225 ? 22  A1AAZ A "C3'" 1 
HETATM 229 C  C4    . A1AAZ A 1 12 ? -5.20330  1.09076   0.52099   1.000 333.94036 ? 22  A1AAZ A C4    1 
HETATM 230 C  "C4'" . A1AAZ A 1 12 ? -8.26446  6.60288   1.52479   1.000 392.16216 ? 22  A1AAZ A "C4'" 1 
HETATM 231 C  C5    . A1AAZ A 1 12 ? -6.54621  1.34894   0.85943   1.000 344.90260 ? 22  A1AAZ A C5    1 
HETATM 232 C  "C5'" . A1AAZ A 1 12 ? -9.80368  6.61932   1.69359   1.000 399.28223 ? 22  A1AAZ A "C5'" 1 
HETATM 233 C  C6    . A1AAZ A 1 12 ? -6.92809  2.67750   1.11338   1.000 364.02570 ? 22  A1AAZ A C6    1 
HETATM 234 C  C7    . A1AAZ A 1 12 ? -7.51430  0.21302   0.93220   1.000 339.04167 ? 22  A1AAZ A C7    1 
HETATM 235 N  N1    . A1AAZ A 1 12 ? -6.02228  3.66872   1.03240   1.000 372.22321 ? 22  A1AAZ A N1    1 
HETATM 236 N  N3    . A1AAZ A 1 12 ? -4.37028  2.11007   0.45344   1.000 341.92821 ? 22  A1AAZ A N3    1 
HETATM 237 O  "O3'" . A1AAZ A 1 12 ? -7.41383  8.18934   -0.03572  1.000 398.95707 ? 22  A1AAZ A "O3'" 1 
HETATM 238 O  O4    . A1AAZ A 1 12 ? -4.75121  -0.27200  0.25045   1.000 312.14675 ? 22  A1AAZ A O4    1 
HETATM 239 O  "O4'" . A1AAZ A 1 12 ? -7.51765  5.22814   1.96119   1.000 383.09433 ? 22  A1AAZ A "O4'" 1 
HETATM 240 O  "O5'" . A1AAZ A 1 12 ? -10.30133 6.18569   2.97025   1.000 394.77574 ? 22  A1AAZ A "O5'" 1 
HETATM 241 O  OP1   . A1AAZ A 1 12 ? -9.79173  3.96587   1.97786   1.000 397.50052 ? 22  A1AAZ A OP1   1 
HETATM 242 O  OP2   . A1AAZ A 1 12 ? -8.64167  4.58450   4.20848   1.000 398.15246 ? 22  A1AAZ A OP2   1 
HETATM 243 P  P     . A1AAZ A 1 12 ? -9.92100  4.61875   3.33299   1.000 375.81033 ? 22  A1AAZ A P     1 
HETATM 244 S  S1    . A1AAZ A 1 12 ? -3.50031  4.69991   0.60357   1.000 387.78307 ? 22  A1AAZ A S1    1 
ATOM   245 P  P     . DT    A 1 13 ? -6.06883  8.77279   0.64256   1.000 411.67857 ? 23  DT    A P     1 
ATOM   246 O  OP1   . DT    A 1 13 ? -5.90011  8.15508   1.97780   1.000 401.53927 ? 23  DT    A OP1   1 
ATOM   247 O  OP2   . DT    A 1 13 ? -6.14936  10.24414  0.53188   1.000 402.28017 ? 23  DT    A OP2   1 
ATOM   248 O  "O5'" . DT    A 1 13 ? -4.85094  8.31056   -0.30846  1.000 404.84020 ? 23  DT    A "O5'" 1 
ATOM   249 C  "C5'" . DT    A 1 13 ? -3.48790  8.48727   0.15727   1.000 401.13772 ? 23  DT    A "C5'" 1 
ATOM   250 C  "C4'" . DT    A 1 13 ? -2.45863  8.44687   -0.97390  1.000 402.45581 ? 23  DT    A "C4'" 1 
ATOM   251 O  "O4'" . DT    A 1 13 ? -2.14497  7.07198   -1.31887  1.000 400.23512 ? 23  DT    A "O4'" 1 
ATOM   252 C  "C3'" . DT    A 1 13 ? -2.86795  9.12282   -2.27511  1.000 413.31555 ? 23  DT    A "C3'" 1 
ATOM   253 O  "O3'" . DT    A 1 13 ? -1.73557  9.68760   -2.88931  1.000 413.86625 ? 23  DT    A "O3'" 1 
ATOM   254 C  "C2'" . DT    A 1 13 ? -3.39855  7.95739   -3.08942  1.000 399.46916 ? 23  DT    A "C2'" 1 
ATOM   255 C  "C1'" . DT    A 1 13 ? -2.45094  6.83981   -2.67748  1.000 398.16995 ? 23  DT    A "C1'" 1 
ATOM   256 N  N1    . DT    A 1 13 ? -3.06909  5.49467   -2.79052  1.000 394.80777 ? 23  DT    A N1    1 
ATOM   257 C  C2    . DT    A 1 13 ? -2.28637  4.39574   -3.08750  1.000 383.46036 ? 23  DT    A C2    1 
ATOM   258 O  O2    . DT    A 1 13 ? -1.07935  4.45623   -3.25463  1.000 379.04178 ? 23  DT    A O2    1 
ATOM   259 N  N3    . DT    A 1 13 ? -2.98621  3.20932   -3.15771  1.000 373.13463 ? 23  DT    A N3    1 
ATOM   260 C  C4    . DT    A 1 13 ? -4.34140  3.02269   -2.98673  1.000 371.25758 ? 23  DT    A C4    1 
ATOM   261 O  O4    . DT    A 1 13 ? -4.87902  1.92368   -3.07820  1.000 366.48009 ? 23  DT    A O4    1 
ATOM   262 C  C5    . DT    A 1 13 ? -5.09213  4.20854   -2.68979  1.000 384.12660 ? 23  DT    A C5    1 
ATOM   263 C  C7    . DT    A 1 13 ? -6.57355  4.11296   -2.49120  1.000 386.00334 ? 23  DT    A C7    1 
ATOM   264 C  C6    . DT    A 1 13 ? -4.43159  5.37405   -2.60937  1.000 393.82264 ? 23  DT    A C6    1 
ATOM   265 P  P     . DG    A 1 14 ? -1.40980  11.24400  -2.69336  1.000 417.70645 ? 24  DG    A P     1 
ATOM   266 O  OP1   . DG    A 1 14 ? -1.32309  11.49348  -1.24045  1.000 409.69976 ? 24  DG    A OP1   1 
ATOM   267 O  OP2   . DG    A 1 14 ? -2.36711  12.01246  -3.51906  1.000 406.72184 ? 24  DG    A OP2   1 
ATOM   268 O  "O5'" . DG    A 1 14 ? 0.03911   11.40795  -3.33635  1.000 423.23581 ? 24  DG    A "O5'" 1 
ATOM   269 C  "C5'" . DG    A 1 14 ? 0.21140   11.24632  -4.73544  1.000 423.88009 ? 24  DG    A "C5'" 1 
ATOM   270 C  "C4'" . DG    A 1 14 ? 0.91935   9.94232   -5.04948  1.000 427.48582 ? 24  DG    A "C4'" 1 
ATOM   271 O  "O4'" . DG    A 1 14 ? -0.03398  8.85540   -4.99571  1.000 424.19964 ? 24  DG    A "O4'" 1 
ATOM   272 C  "C3'" . DG    A 1 14 ? 1.47500   9.83784   -6.46044  1.000 435.97044 ? 24  DG    A "C3'" 1 
ATOM   273 O  "O3'" . DG    A 1 14 ? 2.36946   8.72083   -6.50513  1.000 435.11982 ? 24  DG    A "O3'" 1 
ATOM   274 C  "C2'" . DG    A 1 14 ? 0.20286   9.50284   -7.20989  1.000 427.55678 ? 24  DG    A "C2'" 1 
ATOM   275 C  "C1'" . DG    A 1 14 ? -0.20583  8.36382   -6.31808  1.000 424.07750 ? 24  DG    A "C1'" 1 
ATOM   276 N  N9    . DG    A 1 14 ? -1.55379  7.87317   -6.44941  1.000 414.41354 ? 24  DG    A N9    1 
ATOM   277 C  C8    . DG    A 1 14 ? -2.72417  8.53615   -6.18456  1.000 408.81020 ? 24  DG    A C8    1 
ATOM   278 N  N7    . DG    A 1 14 ? -3.78262  7.78364   -6.32871  1.000 407.15864 ? 24  DG    A N7    1 
ATOM   279 C  C5    . DG    A 1 14 ? -3.26555  6.54116   -6.69197  1.000 406.61514 ? 24  DG    A C5    1 
ATOM   280 C  C6    . DG    A 1 14 ? -3.92154  5.31620   -6.99064  1.000 398.30045 ? 24  DG    A C6    1 
ATOM   281 O  O6    . DG    A 1 14 ? -5.13594  5.06872   -6.99170  1.000 401.36165 ? 24  DG    A O6    1 
ATOM   282 N  N1    . DG    A 1 14 ? -3.01057  4.30608   -7.31349  1.000 388.27313 ? 24  DG    A N1    1 
ATOM   283 C  C2    . DG    A 1 14 ? -1.64165  4.45769   -7.34348  1.000 387.09705 ? 24  DG    A C2    1 
ATOM   284 N  N2    . DG    A 1 14 ? -0.91888  3.36966   -7.68048  1.000 372.60193 ? 24  DG    A N2    1 
ATOM   285 N  N3    . DG    A 1 14 ? -1.02275  5.59590   -7.06742  1.000 400.14401 ? 24  DG    A N3    1 
ATOM   286 C  C4    . DG    A 1 14 ? -1.89640  6.58718   -6.75321  1.000 409.58506 ? 24  DG    A C4    1 
ATOM   287 P  P     . DG    A 1 15 ? 3.49478   8.62339   -7.64489  1.000 430.10433 ? 25  DG    A P     1 
ATOM   288 O  OP1   . DG    A 1 15 ? 4.77556   8.95393   -6.98890  1.000 431.69988 ? 25  DG    A OP1   1 
ATOM   289 O  OP2   . DG    A 1 15 ? 3.00946   9.41883   -8.79366  1.000 426.00939 ? 25  DG    A OP2   1 
ATOM   290 O  "O5'" . DG    A 1 15 ? 3.53024   7.07535   -8.07534  1.000 416.39593 ? 25  DG    A "O5'" 1 
ATOM   291 C  "C5'" . DG    A 1 15 ? 4.42395   6.63354   -9.13332  1.000 423.06929 ? 25  DG    A "C5'" 1 
ATOM   292 C  "C4'" . DG    A 1 15 ? 3.70996   6.61205   -10.47653 1.000 425.99130 ? 25  DG    A "C4'" 1 
ATOM   293 O  "O4'" . DG    A 1 15 ? 2.28296   6.70768   -10.22187 1.000 419.58053 ? 25  DG    A "O4'" 1 
ATOM   294 C  "C3'" . DG    A 1 15 ? 4.02618   7.80281   -11.39840 1.000 428.14999 ? 25  DG    A "C3'" 1 
ATOM   295 O  "O3'" . DG    A 1 15 ? 5.07887   7.54954   -12.46720 1.000 431.57718 ? 25  DG    A "O3'" 1 
ATOM   296 C  "C2'" . DG    A 1 15 ? 2.66093   8.20358   -12.00227 1.000 430.83282 ? 25  DG    A "C2'" 1 
ATOM   297 C  "C1'" . DG    A 1 15 ? 1.66404   7.21735   -11.36983 1.000 419.58049 ? 25  DG    A "C1'" 1 
ATOM   298 N  N9    . DG    A 1 15 ? 0.34849   7.81594   -11.04258 1.000 419.04985 ? 25  DG    A N9    1 
ATOM   299 C  C8    . DG    A 1 15 ? 0.10298   9.12924   -10.71147 1.000 420.27849 ? 25  DG    A C8    1 
ATOM   300 N  N7    . DG    A 1 15 ? -1.15804  9.39121   -10.49163 1.000 419.77700 ? 25  DG    A N7    1 
ATOM   301 C  C5    . DG    A 1 15 ? -1.80368  8.18212   -10.70231 1.000 418.83069 ? 25  DG    A C5    1 
ATOM   302 C  C6    . DG    A 1 15 ? -3.18355  7.85802   -10.60991 1.000 413.14636 ? 25  DG    A C6    1 
ATOM   303 O  O6    . DG    A 1 15 ? -4.13251  8.60065   -10.31158 1.000 422.09327 ? 25  DG    A O6    1 
ATOM   304 N  N1    . DG    A 1 15 ? -3.41930  6.51902   -10.90161 1.000 411.72318 ? 25  DG    A N1    1 
ATOM   305 C  C2    . DG    A 1 15 ? -2.44962  5.60435   -11.24167 1.000 408.50158 ? 25  DG    A C2    1 
ATOM   306 N  N2    . DG    A 1 15 ? -2.87318  4.35512   -11.48735 1.000 399.67636 ? 25  DG    A N2    1 
ATOM   307 N  N3    . DG    A 1 15 ? -1.15034  5.89127   -11.33297 1.000 412.09846 ? 25  DG    A N3    1 
ATOM   308 C  C4    . DG    A 1 15 ? -0.89913  7.19651   -11.05109 1.000 414.66226 ? 25  DG    A C4    1 
ATOM   309 P  P     . DA    A 1 16 ? 5.74608   6.11708   -12.82708 1.000 445.05318 ? 26  DA    A P     1 
ATOM   310 O  OP1   . DA    A 1 16 ? 6.36725   5.50492   -11.63517 1.000 442.73442 ? 26  DA    A OP1   1 
ATOM   311 O  OP2   . DA    A 1 16 ? 6.62897   6.36757   -13.99353 1.000 432.29061 ? 26  DA    A OP2   1 
ATOM   312 O  "O5'" . DA    A 1 16 ? 4.52627   5.21570   -13.34995 1.000 430.49146 ? 26  DA    A "O5'" 1 
ATOM   313 C  "C5'" . DA    A 1 16 ? 4.28904   3.94112   -12.75199 1.000 427.31811 ? 26  DA    A "C5'" 1 
ATOM   314 C  "C4'" . DA    A 1 16 ? 3.27817   3.10689   -13.53471 1.000 417.50230 ? 26  DA    A "C4'" 1 
ATOM   315 O  "O4'" . DA    A 1 16 ? 1.93651   3.65008   -13.41604 1.000 413.50248 ? 26  DA    A "O4'" 1 
ATOM   316 C  "C3'" . DA    A 1 16 ? 3.52872   2.96270   -15.02160 1.000 414.65418 ? 26  DA    A "C3'" 1 
ATOM   317 O  "O3'" . DA    A 1 16 ? 3.08245   1.69131   -15.39241 1.000 418.22395 ? 26  DA    A "O3'" 1 
ATOM   318 C  "C2'" . DA    A 1 16 ? 2.63426   4.05923   -15.61341 1.000 417.57047 ? 26  DA    A "C2'" 1 
ATOM   319 C  "C1'" . DA    A 1 16 ? 1.41930   3.96491   -14.70016 1.000 410.68326 ? 26  DA    A "C1'" 1 
ATOM   320 N  N9    . DA    A 1 16 ? 0.67480   5.20667   -14.54445 1.000 409.25537 ? 26  DA    A N9    1 
ATOM   321 C  C8    . DA    A 1 16 ? 1.19686   6.43930   -14.32135 1.000 411.03444 ? 26  DA    A C8    1 
ATOM   322 N  N7    . DA    A 1 16 ? 0.29784   7.37859   -14.15077 1.000 419.28498 ? 26  DA    A N7    1 
ATOM   323 C  C5    . DA    A 1 16 ? -0.90226  6.71249   -14.26141 1.000 415.11130 ? 26  DA    A C5    1 
ATOM   324 C  C6    . DA    A 1 16 ? -2.23465  7.15326   -14.19649 1.000 411.94338 ? 26  DA    A C6    1 
ATOM   325 N  N6    . DA    A 1 16 ? -2.57342  8.42555   -13.97606 1.000 414.66330 ? 26  DA    A N6    1 
ATOM   326 N  N1    . DA    A 1 16 ? -3.20801  6.23470   -14.37087 1.000 413.71020 ? 26  DA    A N1    1 
ATOM   327 C  C2    . DA    A 1 16 ? -2.85874  4.96139   -14.58836 1.000 406.12975 ? 26  DA    A C2    1 
ATOM   328 N  N3    . DA    A 1 16 ? -1.63808  4.42828   -14.67361 1.000 403.63086 ? 26  DA    A N3    1 
ATOM   329 C  C4    . DA    A 1 16 ? -0.69517  5.36623   -14.49593 1.000 407.98508 ? 26  DA    A C4    1 
ATOM   330 P  P     . DC    A 1 17 ? 3.72458   0.90812   -16.63029 1.000 420.99745 ? 27  DC    A P     1 
ATOM   331 O  OP1   . DC    A 1 17 ? 4.60111   -0.15117  -16.08089 1.000 408.55964 ? 27  DC    A OP1   1 
ATOM   332 O  OP2   . DC    A 1 17 ? 4.26290   1.91187   -17.57314 1.000 424.53797 ? 27  DC    A OP2   1 
ATOM   333 O  "O5'" . DC    A 1 17 ? 2.44367   0.23603   -17.29262 1.000 423.48145 ? 27  DC    A "O5'" 1 
ATOM   334 C  "C5'" . DC    A 1 17 ? 1.17828   0.43344   -16.67652 1.000 418.93782 ? 27  DC    A "C5'" 1 
ATOM   335 C  "C4'" . DC    A 1 17 ? 0.15484   0.90296   -17.68752 1.000 416.10963 ? 27  DC    A "C4'" 1 
ATOM   336 O  "O4'" . DC    A 1 17 ? -0.49286  2.12681   -17.23540 1.000 412.89369 ? 27  DC    A "O4'" 1 
ATOM   337 C  "C3'" . DC    A 1 17 ? 0.70769   1.21455   -19.08520 1.000 420.81452 ? 27  DC    A "C3'" 1 
ATOM   338 O  "O3'" . DC    A 1 17 ? -0.11273  0.57228   -20.02967 1.000 420.37385 ? 27  DC    A "O3'" 1 
ATOM   339 C  "C2'" . DC    A 1 17 ? 0.57225   2.73871   -19.17452 1.000 420.50137 ? 27  DC    A "C2'" 1 
ATOM   340 C  "C1'" . DC    A 1 17 ? -0.69214  2.93314   -18.36872 1.000 412.79035 ? 27  DC    A "C1'" 1 
ATOM   341 N  N1    . DC    A 1 17 ? -0.98321  4.35722   -17.95589 1.000 405.04810 ? 27  DC    A N1    1 
ATOM   342 C  C2    . DC    A 1 17 ? -2.32104  4.77088   -17.82812 1.000 398.59793 ? 27  DC    A C2    1 
ATOM   343 O  O2    . DC    A 1 17 ? -3.22609  3.94930   -18.04204 1.000 397.29556 ? 27  DC    A O2    1 
ATOM   344 N  N3    . DC    A 1 17 ? -2.58546  6.05087   -17.46111 1.000 397.46332 ? 27  DC    A N3    1 
ATOM   345 C  C4    . DC    A 1 17 ? -1.57725  6.90300   -17.25029 1.000 401.12844 ? 27  DC    A C4    1 
ATOM   346 N  N4    . DC    A 1 17 ? -1.88936  8.15208   -16.88265 1.000 395.50557 ? 27  DC    A N4    1 
ATOM   347 C  C5    . DC    A 1 17 ? -0.20815  6.50492   -17.38380 1.000 401.48927 ? 27  DC    A C5    1 
ATOM   348 C  C6    . DC    A 1 17 ? 0.04066   5.23580   -17.73680 1.000 404.95720 ? 27  DC    A C6    1 
ATOM   349 P  P     . DA    A 1 18 ? 0.26232   0.52114   -21.58911 1.000 416.56197 ? 28  DA    A P     1 
ATOM   350 O  OP1   . DA    A 1 18 ? 0.94427   -0.77511  -21.79196 1.000 411.76706 ? 28  DA    A OP1   1 
ATOM   351 O  OP2   . DA    A 1 18 ? 0.94123   1.76631   -22.01644 1.000 413.63742 ? 28  DA    A OP2   1 
ATOM   352 O  "O5'" . DA    A 1 18 ? -1.17867  0.46586   -22.29080 1.000 417.08145 ? 28  DA    A "O5'" 1 
ATOM   353 C  "C5'" . DA    A 1 18 ? -2.00998  -0.68616  -22.10371 1.000 419.71216 ? 28  DA    A "C5'" 1 
ATOM   354 C  "C4'" . DA    A 1 18 ? -3.43525  -0.31489  -21.69957 1.000 414.20284 ? 28  DA    A "C4'" 1 
ATOM   355 O  "O4'" . DA    A 1 18 ? -3.45850  0.95880   -20.99759 1.000 414.31831 ? 28  DA    A "O4'" 1 
ATOM   356 C  "C3'" . DA    A 1 18 ? -4.42305  -0.13817  -22.84710 1.000 406.05004 ? 28  DA    A "C3'" 1 
ATOM   357 O  "O3'" . DA    A 1 18 ? -5.72362  -0.42356  -22.36483 1.000 409.61259 ? 28  DA    A "O3'" 1 
ATOM   358 C  "C2'" . DA    A 1 18 ? -4.27875  1.34665   -23.12712 1.000 407.33958 ? 28  DA    A "C2'" 1 
ATOM   359 C  "C1'" . DA    A 1 18 ? -4.31435  1.84340   -21.70102 1.000 404.65193 ? 28  DA    A "C1'" 1 
ATOM   360 N  N9    . DA    A 1 18 ? -3.83859  3.20253   -21.49477 1.000 399.18918 ? 28  DA    A N9    1 
ATOM   361 C  C8    . DA    A 1 18 ? -2.53864  3.61304   -21.45670 1.000 401.21816 ? 28  DA    A C8    1 
ATOM   362 N  N7    . DA    A 1 18 ? -2.39513  4.88943   -21.20472 1.000 398.54351 ? 28  DA    A N7    1 
ATOM   363 C  C5    . DA    A 1 18 ? -3.69188  5.34488   -21.04598 1.000 391.96341 ? 28  DA    A C5    1 
ATOM   364 C  C6    . DA    A 1 18 ? -4.21430  6.61647   -20.76149 1.000 385.84476 ? 28  DA    A C6    1 
ATOM   365 N  N6    . DA    A 1 18 ? -3.44832  7.69537   -20.58179 1.000 381.23236 ? 28  DA    A N6    1 
ATOM   366 N  N1    . DA    A 1 18 ? -5.55270  6.73825   -20.67329 1.000 388.12541 ? 28  DA    A N1    1 
ATOM   367 C  C2    . DA    A 1 18 ? -6.31528  5.65282   -20.85041 1.000 392.13756 ? 28  DA    A C2    1 
ATOM   368 N  N3    . DA    A 1 18 ? -5.93734  4.40287   -21.12524 1.000 394.45028 ? 28  DA    A N3    1 
ATOM   369 C  C4    . DA    A 1 18 ? -4.59742  4.31852   -21.21210 1.000 394.85062 ? 28  DA    A C4    1 
ATOM   370 P  P     . DT    A 1 19 ? -6.88201  -0.88117  -23.37203 1.000 399.93857 ? 29  DT    A P     1 
ATOM   371 O  OP1   . DT    A 1 19 ? -7.32345  -2.21736  -22.91312 1.000 401.43764 ? 29  DT    A OP1   1 
ATOM   372 O  OP2   . DT    A 1 19 ? -6.36685  -0.70509  -24.74684 1.000 399.25280 ? 29  DT    A OP2   1 
ATOM   373 O  "O5'" . DT    A 1 19 ? -8.05524  0.18935   -23.13979 1.000 397.49499 ? 29  DT    A "O5'" 1 
ATOM   374 C  "C5'" . DT    A 1 19 ? -7.75361  1.48095   -22.62109 1.000 399.05053 ? 29  DT    A "C5'" 1 
ATOM   375 C  "C4'" . DT    A 1 19 ? -8.33733  2.58539   -23.49178 1.000 393.04519 ? 29  DT    A "C4'" 1 
ATOM   376 O  "O4'" . DT    A 1 19 ? -7.55606  3.78775   -23.30098 1.000 405.01726 ? 29  DT    A "O4'" 1 
ATOM   377 C  "C3'" . DT    A 1 19 ? -8.33933  2.30286   -24.99722 1.000 398.72008 ? 29  DT    A "C3'" 1 
ATOM   378 O  "O3'" . DT    A 1 19 ? -9.68908  2.40574   -25.58692 1.000 401.60238 ? 29  DT    A "O3'" 1 
ATOM   379 C  "C2'" . DT    A 1 19 ? -7.33108  3.29070   -25.59879 1.000 396.93962 ? 29  DT    A "C2'" 1 
ATOM   380 C  "C1'" . DT    A 1 19 ? -7.23039  4.37652   -24.53857 1.000 405.11139 ? 29  DT    A "C1'" 1 
ATOM   381 N  N1    . DT    A 1 19 ? -5.88965  4.97363   -24.41485 1.000 395.84119 ? 29  DT    A N1    1 
ATOM   382 C  C2    . DT    A 1 19 ? -5.78705  6.26001   -23.98227 1.000 395.62757 ? 29  DT    A C2    1 
ATOM   383 O  O2    . DT    A 1 19 ? -6.75360  6.94768   -23.70064 1.000 393.20331 ? 29  DT    A O2    1 
ATOM   384 N  N3    . DT    A 1 19 ? -4.51526  6.73117   -23.88836 1.000 391.47123 ? 29  DT    A N3    1 
ATOM   385 C  C4    . DT    A 1 19 ? -3.34783  6.05858   -24.17672 1.000 395.57607 ? 29  DT    A C4    1 
ATOM   386 O  O4    . DT    A 1 19 ? -2.24692  6.58269   -24.05704 1.000 391.00704 ? 29  DT    A O4    1 
ATOM   387 C  C5    . DT    A 1 19 ? -3.51877  4.70071   -24.62446 1.000 398.43473 ? 29  DT    A C5    1 
ATOM   388 C  C7    . DT    A 1 19 ? -2.32105  3.86401   -24.96839 1.000 396.15163 ? 29  DT    A C7    1 
ATOM   389 C  C6    . DT    A 1 19 ? -4.77182  4.22680   -24.72376 1.000 399.94015 ? 29  DT    A C6    1 
ATOM   390 P  P     . DC    A 1 20 ? -10.61006 3.73731   -25.53201 1.000 399.27536 ? 30  DC    A P     1 
ATOM   391 O  OP1   . DC    A 1 20 ? -10.16829 4.70359   -24.50504 1.000 396.03874 ? 30  DC    A OP1   1 
ATOM   392 O  OP2   . DC    A 1 20 ? -12.00086 3.24500   -25.45311 1.000 398.56105 ? 30  DC    A OP2   1 
ATOM   393 O  "O5'" . DC    A 1 20 ? -10.46178 4.38060   -26.99283 1.000 402.42085 ? 30  DC    A "O5'" 1 
ATOM   394 C  "C5'" . DC    A 1 20 ? -11.51539 5.19445   -27.54147 1.000 395.04276 ? 30  DC    A "C5'" 1 
ATOM   395 C  "C4'" . DC    A 1 20 ? -11.89110 6.32074   -26.59165 1.000 394.75686 ? 30  DC    A "C4'" 1 
ATOM   396 O  "O4'" . DC    A 1 20 ? -10.70797 6.81733   -25.92870 1.000 393.39169 ? 30  DC    A "O4'" 1 
ATOM   397 C  "C3'" . DC    A 1 20 ? -12.44390 7.55506   -27.24322 1.000 397.22857 ? 30  DC    A "C3'" 1 
ATOM   398 O  "O3'" . DC    A 1 20 ? -12.96128 8.37152   -26.22121 1.000 401.62297 ? 30  DC    A "O3'" 1 
ATOM   399 C  "C2'" . DC    A 1 20 ? -11.16410 8.15191   -27.80907 1.000 401.45370 ? 30  DC    A "C2'" 1 
ATOM   400 C  "C1'" . DC    A 1 20 ? -10.23691 7.96541   -26.61055 1.000 393.75798 ? 30  DC    A "C1'" 1 
ATOM   401 N  N1    . DC    A 1 20 ? -8.81262  7.72053   -26.94070 1.000 391.88749 ? 30  DC    A N1    1 
ATOM   402 C  C2    . DC    A 1 20 ? -7.86501  8.70859   -26.68663 1.000 390.43204 ? 30  DC    A C2    1 
ATOM   403 O  O2    . DC    A 1 20 ? -8.23403  9.80069   -26.23993 1.000 389.21244 ? 30  DC    A O2    1 
ATOM   404 N  N3    . DC    A 1 20 ? -6.56486  8.44770   -26.96463 1.000 392.39066 ? 30  DC    A N3    1 
ATOM   405 C  C4    . DC    A 1 20 ? -6.20746  7.26013   -27.44778 1.000 394.41888 ? 30  DC    A C4    1 
ATOM   406 N  N4    . DC    A 1 20 ? -4.91667  7.04992   -27.70335 1.000 394.96802 ? 30  DC    A N4    1 
ATOM   407 C  C5    . DC    A 1 20 ? -7.15694  6.23442   -27.69243 1.000 394.74787 ? 30  DC    A C5    1 
ATOM   408 C  C6    . DC    A 1 20 ? -8.43215  6.50267   -27.41941 1.000 392.81441 ? 30  DC    A C6    1 
ATOM   409 P  P     . DA    A 1 21 ? -14.04642 9.49830   -26.54880 1.000 416.63750 ? 31  DA    A P     1 
ATOM   410 O  OP1   . DA    A 1 21 ? -14.61080 9.97501   -25.26554 1.000 413.68671 ? 31  DA    A OP1   1 
ATOM   411 O  OP2   . DA    A 1 21 ? -14.92178 8.97617   -27.61813 1.000 431.54429 ? 31  DA    A OP2   1 
ATOM   412 O  "O5'" . DA    A 1 21 ? -13.18844 10.65592  -27.20543 1.000 420.91249 ? 31  DA    A "O5'" 1 
ATOM   413 C  "C5'" . DA    A 1 21 ? -13.40110 10.99301  -28.54835 1.000 429.88259 ? 31  DA    A "C5'" 1 
ATOM   414 C  "C4'" . DA    A 1 21 ? -12.62157 12.23237  -28.89671 1.000 433.67931 ? 31  DA    A "C4'" 1 
ATOM   415 O  "O4'" . DA    A 1 21 ? -11.23340 12.04617  -28.50066 1.000 423.71822 ? 31  DA    A "O4'" 1 
ATOM   416 C  "C3'" . DA    A 1 21 ? -12.61328 12.57398  -30.38231 1.000 450.28805 ? 31  DA    A "C3'" 1 
ATOM   417 O  "O3'" . DA    A 1 21 ? -12.81001 13.97353  -30.57159 1.000 471.73417 ? 31  DA    A "O3'" 1 
ATOM   418 C  "C2'" . DA    A 1 21 ? -11.22905 12.12569  -30.83186 1.000 451.48102 ? 31  DA    A "C2'" 1 
ATOM   419 C  "C1'" . DA    A 1 21 ? -10.38980 12.36037  -29.58110 1.000 433.89747 ? 31  DA    A "C1'" 1 
ATOM   420 N  N9    . DA    A 1 21 ? -9.20098  11.50375  -29.52098 1.000 422.17546 ? 31  DA    A N9    1 
ATOM   421 C  C8    . DA    A 1 21 ? -9.17253  10.14063  -29.62821 1.000 415.32618 ? 31  DA    A C8    1 
ATOM   422 N  N7    . DA    A 1 21 ? -7.97100  9.62713   -29.55852 1.000 404.52288 ? 31  DA    A N7    1 
ATOM   423 C  C5    . DA    A 1 21 ? -7.14851  10.72716  -29.39608 1.000 405.52844 ? 31  DA    A C5    1 
ATOM   424 C  C6    . DA    A 1 21 ? -5.76192  10.84120  -29.26382 1.000 401.68596 ? 31  DA    A C6    1 
ATOM   425 N  N6    . DA    A 1 21 ? -4.95246  9.78465   -29.26252 1.000 403.68377 ? 31  DA    A N6    1 
ATOM   426 N  N1    . DA    A 1 21 ? -5.23920  12.08291  -29.12544 1.000 409.14743 ? 31  DA    A N1    1 
ATOM   427 C  C2    . DA    A 1 21 ? -6.07170  13.13216  -29.11556 1.000 414.99173 ? 31  DA    A C2    1 
ATOM   428 N  N3    . DA    A 1 21 ? -7.39959  13.14684  -29.23427 1.000 416.02387 ? 31  DA    A N3    1 
ATOM   429 C  C4    . DA    A 1 21 ? -7.88152  11.89623  -29.37392 1.000 413.45950 ? 31  DA    A C4    1 
ATOM   430 P  P     . DC    B 2 1  ? -9.79775  1.17804   -7.96654  1.000 366.62600 ? 1   DC    B P     1 
ATOM   431 O  OP1   . DC    B 2 1  ? -11.01473 1.54563   -7.20690  1.000 379.45647 ? 1   DC    B OP1   1 
ATOM   432 O  OP2   . DC    B 2 1  ? -8.50169  0.96597   -7.29692  1.000 368.79587 ? 1   DC    B OP2   1 
ATOM   433 O  "O5'" . DC    B 2 1  ? -10.09898 -0.12197  -8.82825  1.000 368.93646 ? 1   DC    B "O5'" 1 
ATOM   434 C  "C5'" . DC    B 2 1  ? -10.41827 0.00568   -10.18469 1.000 381.94932 ? 1   DC    B "C5'" 1 
ATOM   435 C  "C4'" . DC    B 2 1  ? -9.24774  0.56145   -10.97882 1.000 372.47180 ? 1   DC    B "C4'" 1 
ATOM   436 O  "O4'" . DC    B 2 1  ? -9.18311  2.00287   -10.87185 1.000 379.47363 ? 1   DC    B "O4'" 1 
ATOM   437 C  "C3'" . DC    B 2 1  ? -7.84644  0.05369   -10.60519 1.000 371.53013 ? 1   DC    B "C3'" 1 
ATOM   438 O  "O3'" . DC    B 2 1  ? -7.30349  -0.65865  -11.69327 1.000 368.36220 ? 1   DC    B "O3'" 1 
ATOM   439 C  "C2'" . DC    B 2 1  ? -7.05091  1.34131   -10.35539 1.000 377.61319 ? 1   DC    B "C2'" 1 
ATOM   440 C  "C1'" . DC    B 2 1  ? -7.86137  2.34838   -11.14877 1.000 384.72008 ? 1   DC    B "C1'" 1 
ATOM   441 N  N1    . DC    B 2 1  ? -7.62613  3.74209   -10.76105 1.000 395.53721 ? 1   DC    B N1    1 
ATOM   442 C  C2    . DC    B 2 1  ? -6.40707  4.33949   -11.07279 1.000 409.83701 ? 1   DC    B C2    1 
ATOM   443 O  O2    . DC    B 2 1  ? -5.55378  3.69036   -11.68105 1.000 411.47533 ? 1   DC    B O2    1 
ATOM   444 N  N3    . DC    B 2 1  ? -6.19650  5.61986   -10.71504 1.000 414.46996 ? 1   DC    B N3    1 
ATOM   445 C  C4    . DC    B 2 1  ? -7.14355  6.29158   -10.07184 1.000 408.89769 ? 1   DC    B C4    1 
ATOM   446 N  N4    . DC    B 2 1  ? -6.88671  7.55703   -9.73778  1.000 411.98337 ? 1   DC    B N4    1 
ATOM   447 C  C5    . DC    B 2 1  ? -8.39480  5.69803   -9.74156  1.000 407.11835 ? 1   DC    B C5    1 
ATOM   448 C  C6    . DC    B 2 1  ? -8.58881  4.43186   -10.10537 1.000 396.95775 ? 1   DC    B C6    1 
ATOM   449 P  P     . DC    B 2 2  ? -6.77949  -2.16080  -11.49481 1.000 376.76843 ? 2   DC    B P     1 
ATOM   450 O  OP1   . DC    B 2 2  ? -6.38773  -2.66993  -12.82966 1.000 376.48106 ? 2   DC    B OP1   1 
ATOM   451 O  OP2   . DC    B 2 2  ? -7.80352  -2.88017  -10.70860 1.000 364.20144 ? 2   DC    B OP2   1 
ATOM   452 O  "O5'" . DC    B 2 2  ? -5.47782  -2.01239  -10.57542 1.000 361.62609 ? 2   DC    B "O5'" 1 
ATOM   453 C  "C5'" . DC    B 2 2  ? -4.91136  -3.17647  -9.97052  1.000 363.51349 ? 2   DC    B "C5'" 1 
ATOM   454 C  "C4'" . DC    B 2 2  ? -3.39580  -3.17891  -10.08704 1.000 364.83366 ? 2   DC    B "C4'" 1 
ATOM   455 O  "O4'" . DC    B 2 2  ? -2.89037  -1.84060  -9.93580  1.000 356.71110 ? 2   DC    B "O4'" 1 
ATOM   456 C  "C3'" . DC    B 2 2  ? -2.67065  -3.95273  -9.00883  1.000 362.65907 ? 2   DC    B "C3'" 1 
ATOM   457 O  "O3'" . DC    B 2 2  ? -1.31714  -4.18243  -9.43706  1.000 360.50198 ? 2   DC    B "O3'" 1 
ATOM   458 C  "C2'" . DC    B 2 2  ? -2.73275  -2.95696  -7.85161  1.000 351.65364 ? 2   DC    B "C2'" 1 
ATOM   459 C  "C1'" . DC    B 2 2  ? -2.59295  -1.61251  -8.57662  1.000 345.47213 ? 2   DC    B "C1'" 1 
ATOM   460 N  N1    . DC    B 2 2  ? -3.53052  -0.61506  -8.13652  1.000 353.41088 ? 2   DC    B N1    1 
ATOM   461 C  C2    . DC    B 2 2  ? -3.20916  0.72195   -8.29215  1.000 346.96565 ? 2   DC    B C2    1 
ATOM   462 O  O2    . DC    B 2 2  ? -2.10003  1.03344   -8.73330  1.000 346.83786 ? 2   DC    B O2    1 
ATOM   463 N  N3    . DC    B 2 2  ? -4.10192  1.65503   -7.90407  1.000 362.19787 ? 2   DC    B N3    1 
ATOM   464 C  C4    . DC    B 2 2  ? -5.28453  1.28276   -7.41205  1.000 364.96924 ? 2   DC    B C4    1 
ATOM   465 N  N4    . DC    B 2 2  ? -6.14334  2.24437   -7.04925  1.000 374.84690 ? 2   DC    B N4    1 
ATOM   466 C  C5    . DC    B 2 2  ? -5.64140  -0.08709  -7.27290  1.000 350.09253 ? 2   DC    B C5    1 
ATOM   467 C  C6    . DC    B 2 2  ? -4.74197  -0.99169  -7.64496  1.000 344.98310 ? 2   DC    B C6    1 
ATOM   468 P  P     . DA    B 2 3  ? -0.52768  -5.55989  -9.12958  1.000 370.31452 ? 3   DA    B P     1 
ATOM   469 O  OP1   . DA    B 2 3  ? -0.57244  -6.46144  -10.30925 1.000 374.61801 ? 3   DA    B OP1   1 
ATOM   470 O  OP2   . DA    B 2 3  ? -0.98122  -6.06420  -7.81701  1.000 356.87418 ? 3   DA    B OP2   1 
ATOM   471 O  "O5'" . DA    B 2 3  ? 0.98316   -5.05454  -8.96702  1.000 360.33753 ? 3   DA    B "O5'" 1 
ATOM   472 C  "C5'" . DA    B 2 3  ? 1.32821   -3.71913  -9.38895  1.000 359.19467 ? 3   DA    B "C5'" 1 
ATOM   473 C  "C4'" . DA    B 2 3  ? 2.12121   -2.96636  -8.31926  1.000 338.76520 ? 3   DA    B "C4'" 1 
ATOM   474 O  "O4'" . DA    B 2 3  ? 1.23258   -2.13219  -7.52193  1.000 336.58961 ? 3   DA    B "O4'" 1 
ATOM   475 C  "C3'" . DA    B 2 3  ? 2.88810   -3.83867  -7.32190  1.000 333.75787 ? 3   DA    B "C3'" 1 
ATOM   476 O  "O3'" . DA    B 2 3  ? 4.17471   -3.23760  -7.03783  1.000 328.07404 ? 3   DA    B "O3'" 1 
ATOM   477 C  "C2'" . DA    B 2 3  ? 1.95815   -3.84976  -6.11065  1.000 332.87887 ? 3   DA    B "C2'" 1 
ATOM   478 C  "C1'" . DA    B 2 3  ? 1.40418   -2.44289  -6.15642  1.000 331.12958 ? 3   DA    B "C1'" 1 
ATOM   479 N  N9    . DA    B 2 3  ? 0.12615   -2.29787  -5.51370  1.000 326.54493 ? 3   DA    B N9    1 
ATOM   480 C  C8    . DA    B 2 3  ? -0.76430  -3.27675  -5.16755  1.000 342.19258 ? 3   DA    B C8    1 
ATOM   481 N  N7    . DA    B 2 3  ? -1.85105  -2.81417  -4.60845  1.000 321.13127 ? 3   DA    B N7    1 
ATOM   482 C  C5    . DA    B 2 3  ? -1.64492  -1.44899  -4.60077  1.000 323.57584 ? 3   DA    B C5    1 
ATOM   483 C  C6    . DA    B 2 3  ? -2.42065  -0.38833  -4.14859  1.000 328.34189 ? 3   DA    B C6    1 
ATOM   484 N  N6    . DA    B 2 3  ? -3.61029  -0.55335  -3.57523  1.000 327.77068 ? 3   DA    B N6    1 
ATOM   485 N  N1    . DA    B 2 3  ? -1.91387  0.85784   -4.28863  1.000 339.04946 ? 3   DA    B N1    1 
ATOM   486 C  C2    . DA    B 2 3  ? -0.71512  1.00892   -4.85509  1.000 334.97879 ? 3   DA    B C2    1 
ATOM   487 N  N3    . DA    B 2 3  ? 0.09898   0.08182   -5.32161  1.000 333.09095 ? 3   DA    B N3    1 
ATOM   488 C  C4    . DA    B 2 3  ? -0.43459  -1.12968  -5.16150  1.000 332.90719 ? 3   DA    B C4    1 
HETATM 489 C  "C1'" . A1AAZ B 2 4  ? 0.90851   -1.46645  -2.20301  1.000 314.69812 ? 8   A1AAZ B "C1'" 1 
HETATM 490 C  C2    . A1AAZ B 2 4  ? -1.32970  -1.62321  -1.34601  1.000 308.25244 ? 8   A1AAZ B C2    1 
HETATM 491 C  "C2'" . A1AAZ B 2 4  ? 1.87684   -1.14845  -1.00979  1.000 309.02820 ? 8   A1AAZ B "C2'" 1 
HETATM 492 C  "C3'" . A1AAZ B 2 4  ? 3.24127   -0.87249  -1.61951  1.000 308.46523 ? 8   A1AAZ B "C3'" 1 
HETATM 493 C  C4    . A1AAZ B 2 4  ? -2.59660  -3.50333  -1.02757  1.000 290.65427 ? 8   A1AAZ B C4    1 
HETATM 494 C  "C4'" . A1AAZ B 2 4  ? 3.05765   -1.12164  -2.91278  1.000 310.11112 ? 8   A1AAZ B "C4'" 1 
HETATM 495 C  C5    . A1AAZ B 2 4  ? -1.52070  -4.26722  -1.52549  1.000 302.15617 ? 8   A1AAZ B C5    1 
HETATM 496 C  "C5'" . A1AAZ B 2 4  ? 4.27257   -1.87634  -3.40098  1.000 318.91385 ? 8   A1AAZ B "C5'" 1 
HETATM 497 C  C6    . A1AAZ B 2 4  ? -0.34555  -3.61513  -1.92659  1.000 303.87475 ? 8   A1AAZ B C6    1 
HETATM 498 C  C7    . A1AAZ B 2 4  ? -1.65999  -5.74904  -1.61133  1.000 288.20884 ? 8   A1AAZ B C7    1 
HETATM 499 N  N1    . A1AAZ B 2 4  ? -0.28444  -2.28413  -1.82060  1.000 306.58337 ? 8   A1AAZ B N1    1 
HETATM 500 N  N3    . A1AAZ B 2 4  ? -2.46695  -2.20449  -0.95400  1.000 296.29991 ? 8   A1AAZ B N3    1 
HETATM 501 O  "O3'" . A1AAZ B 2 4  ? 3.70537   0.53598   -1.48905  1.000 301.85067 ? 8   A1AAZ B "O3'" 1 
HETATM 502 O  O4    . A1AAZ B 2 4  ? -3.83538  -4.12923  -0.59662  1.000 274.93002 ? 8   A1AAZ B O4    1 
HETATM 503 O  "O4'" . A1AAZ B 2 4  ? 1.70739   -1.99336  -3.06932  1.000 310.88764 ? 8   A1AAZ B "O4'" 1 
HETATM 504 O  "O5'" . A1AAZ B 2 4  ? 4.15106   -1.97912  -4.79769  1.000 317.42884 ? 8   A1AAZ B "O5'" 1 
HETATM 505 O  OP1   . A1AAZ B 2 4  ? 6.32944   -3.10034  -5.69213  1.000 314.49549 ? 8   A1AAZ B OP1   1 
HETATM 506 O  OP2   . A1AAZ B 2 4  ? 4.55247   -4.61765  -4.84091  1.000 325.84992 ? 8   A1AAZ B OP2   1 
HETATM 507 P  P     . A1AAZ B 2 4  ? 4.83326   -3.27674  -5.56697  1.000 322.62913 ? 8   A1AAZ B P     1 
HETATM 508 S  S1    . A1AAZ B 2 4  ? -1.18808  0.18809   -1.21256  1.000 313.20765 ? 8   A1AAZ B S1    1 
ATOM   509 P  P     . DA    B 2 5  ? 4.82039   0.96491   -0.40428  1.000 302.59016 ? 9   DA    B P     1 
ATOM   510 O  OP1   . DA    B 2 5  ? 6.10300   1.24798   -1.07728  1.000 301.34765 ? 9   DA    B OP1   1 
ATOM   511 O  OP2   . DA    B 2 5  ? 4.79747   -0.00443  0.70987   1.000 301.30214 ? 9   DA    B OP2   1 
ATOM   512 O  "O5'" . DA    B 2 5  ? 4.27501   2.36860   0.11453   1.000 303.64127 ? 9   DA    B "O5'" 1 
ATOM   513 C  "C5'" . DA    B 2 5  ? 3.50399   3.19837   -0.76709  1.000 302.30090 ? 9   DA    B "C5'" 1 
ATOM   514 C  "C4'" . DA    B 2 5  ? 2.62003   4.13932   0.02784   1.000 308.46154 ? 9   DA    B "C4'" 1 
ATOM   515 O  "O4'" . DA    B 2 5  ? 1.28733   3.57488   0.16501   1.000 318.37279 ? 9   DA    B "O4'" 1 
ATOM   516 C  "C3'" . DA    B 2 5  ? 3.13331   4.42695   1.42810   1.000 319.68169 ? 9   DA    B "C3'" 1 
ATOM   517 O  "O3'" . DA    B 2 5  ? 3.14136   5.83106   1.68989   1.000 322.88965 ? 9   DA    B "O3'" 1 
ATOM   518 C  "C2'" . DA    B 2 5  ? 2.20545   3.64656   2.37698   1.000 330.55379 ? 9   DA    B "C2'" 1 
ATOM   519 C  "C1'" . DA    B 2 5  ? 0.98755   3.26976   1.52069   1.000 324.13400 ? 9   DA    B "C1'" 1 
ATOM   520 N  N9    . DA    B 2 5  ? 0.61336   1.83985   1.60550   1.000 320.11458 ? 9   DA    B N9    1 
ATOM   521 C  C8    . DA    B 2 5  ? 1.41998   0.76689   1.34382   1.000 317.55278 ? 9   DA    B C8    1 
ATOM   522 N  N7    . DA    B 2 5  ? 0.82657   -0.39996  1.49301   1.000 319.25254 ? 9   DA    B N7    1 
ATOM   523 C  C5    . DA    B 2 5  ? -0.46275  -0.08004  1.87158   1.000 317.79944 ? 9   DA    B C5    1 
ATOM   524 C  C6    . DA    B 2 5  ? -1.59085  -0.87957  2.17561   1.000 310.29671 ? 9   DA    B C6    1 
ATOM   525 N  N6    . DA    B 2 5  ? -1.58418  -2.21620  2.14011   1.000 300.57116 ? 9   DA    B N6    1 
ATOM   526 N  N1    . DA    B 2 5  ? -2.72434  -0.24796  2.51798   1.000 323.34520 ? 9   DA    B N1    1 
ATOM   527 C  C2    . DA    B 2 5  ? -2.72196  1.08831   2.56734   1.000 329.37602 ? 9   DA    B C2    1 
ATOM   528 N  N3    . DA    B 2 5  ? -1.73896  1.94872   2.28673   1.000 327.55703 ? 9   DA    B N3    1 
ATOM   529 C  C4    . DA    B 2 5  ? -0.62142  1.29610   1.94789   1.000 323.46029 ? 9   DA    B C4    1 
ATOM   530 P  P     . DC    B 2 6  ? 4.32381   6.45335   2.58219   1.000 331.78151 ? 10  DC    B P     1 
ATOM   531 O  OP1   . DC    B 2 6  ? 4.19536   7.93018   2.52729   1.000 320.65482 ? 10  DC    B OP1   1 
ATOM   532 O  OP2   . DC    B 2 6  ? 5.56632   5.81303   2.07205   1.000 319.35667 ? 10  DC    B OP2   1 
ATOM   533 O  "O5'" . DC    B 2 6  ? 4.01856   5.87185   4.06699   1.000 350.21159 ? 10  DC    B "O5'" 1 
ATOM   534 C  "C5'" . DC    B 2 6  ? 3.72358   6.75276   5.20193   1.000 362.01349 ? 10  DC    B "C5'" 1 
ATOM   535 C  "C4'" . DC    B 2 6  ? 2.36307   6.42462   5.83900   1.000 375.62945 ? 10  DC    B "C4'" 1 
ATOM   536 O  "O4'" . DC    B 2 6  ? 1.99932   5.04934   5.54744   1.000 383.75448 ? 10  DC    B "O4'" 1 
ATOM   537 C  "C3'" . DC    B 2 6  ? 2.26038   6.55756   7.38641   1.000 388.41970 ? 10  DC    B "C3'" 1 
ATOM   538 O  "O3'" . DC    B 2 6  ? 0.97568   7.17556   7.75723   1.000 398.70818 ? 10  DC    B "O3'" 1 
ATOM   539 C  "C2'" . DC    B 2 6  ? 2.31327   5.09611   7.83182   1.000 391.30074 ? 10  DC    B "C2'" 1 
ATOM   540 C  "C1'" . DC    B 2 6  ? 1.47705   4.49025   6.72551   1.000 392.55430 ? 10  DC    B "C1'" 1 
ATOM   541 N  N1    . DC    B 2 6  ? 1.49147   3.00612   6.62065   1.000 398.37934 ? 10  DC    B N1    1 
ATOM   542 C  C2    . DC    B 2 6  ? 0.29032   2.32029   6.80319   1.000 398.40879 ? 10  DC    B C2    1 
ATOM   543 O  O2    . DC    B 2 6  ? -0.72590  2.97612   7.07719   1.000 405.52519 ? 10  DC    B O2    1 
ATOM   544 N  N3    . DC    B 2 6  ? 0.27704   0.97263   6.68097   1.000 398.17165 ? 10  DC    B N3    1 
ATOM   545 C  C4    . DC    B 2 6  ? 1.40761   0.32196   6.38831   1.000 390.95446 ? 10  DC    B C4    1 
ATOM   546 N  N4    . DC    B 2 6  ? 1.34811   -1.00558  6.27501   1.000 400.08856 ? 10  DC    B N4    1 
ATOM   547 C  C5    . DC    B 2 6  ? 2.64412   1.00805   6.18685   1.000 395.31642 ? 10  DC    B C5    1 
ATOM   548 C  C6    . DC    B 2 6  ? 2.63920   2.34000   6.30613   1.000 391.29111 ? 10  DC    B C6    1 
ATOM   549 P  P     . DA    B 2 7  ? 0.67812   7.71802   9.25487   1.000 404.55807 ? 11  DA    B P     1 
ATOM   550 O  OP1   . DA    B 2 7  ? 0.61634   9.19313   9.18891   1.000 408.63713 ? 11  DA    B OP1   1 
ATOM   551 O  OP2   . DA    B 2 7  ? 1.63155   7.10174   10.19921  1.000 400.67185 ? 11  DA    B OP2   1 
ATOM   552 O  "O5'" . DA    B 2 7  ? -0.81312  7.21027   9.58201   1.000 408.18752 ? 11  DA    B "O5'" 1 
ATOM   553 C  "C5'" . DA    B 2 7  ? -1.12958  5.82293   9.55822   1.000 403.22122 ? 11  DA    B "C5'" 1 
ATOM   554 C  "C4'" . DA    B 2 7  ? -1.40136  5.30715   10.95918  1.000 407.49122 ? 11  DA    B "C4'" 1 
ATOM   555 O  "O4'" . DA    B 2 7  ? -1.73529  3.89891   10.89242  1.000 410.93633 ? 11  DA    B "O4'" 1 
ATOM   556 C  "C3'" . DA    B 2 7  ? -0.22065  5.42645   11.91810  1.000 402.70300 ? 11  DA    B "C3'" 1 
ATOM   557 O  "O3'" . DA    B 2 7  ? -0.65093  5.79013   13.17823  1.000 395.17316 ? 11  DA    B "O3'" 1 
ATOM   558 C  "C2'" . DA    B 2 7  ? 0.38777   4.03892   11.93629  1.000 397.57579 ? 11  DA    B "C2'" 1 
ATOM   559 C  "C1'" . DA    B 2 7  ? -0.78802  3.12995   11.60629  1.000 411.50631 ? 11  DA    B "C1'" 1 
ATOM   560 N  N9    . DA    B 2 7  ? -0.36257  2.01297   10.77572  1.000 409.59902 ? 11  DA    B N9    1 
ATOM   561 C  C8    . DA    B 2 7  ? 0.83239   1.91635   10.11656  1.000 404.99009 ? 11  DA    B C8    1 
ATOM   562 N  N7    . DA    B 2 7  ? 0.98640   0.80174   9.45393   1.000 409.80580 ? 11  DA    B N7    1 
ATOM   563 C  C5    . DA    B 2 7  ? -0.18640  0.10925   9.69097   1.000 410.32514 ? 11  DA    B C5    1 
ATOM   564 C  C6    . DA    B 2 7  ? -0.63311  -1.15014  9.26092   1.000 408.87635 ? 11  DA    B C6    1 
ATOM   565 N  N6    . DA    B 2 7  ? 0.08863   -1.94274  8.47310   1.000 406.90543 ? 11  DA    B N6    1 
ATOM   566 N  N1    . DA    B 2 7  ? -1.84795  -1.56241  9.66952   1.000 403.77081 ? 11  DA    B N1    1 
ATOM   567 C  C2    . DA    B 2 7  ? -2.57213  -0.75699  10.47052  1.000 402.70871 ? 11  DA    B C2    1 
ATOM   568 N  N3    . DA    B 2 7  ? -2.25667  0.45925   10.94489  1.000 410.55063 ? 11  DA    B N3    1 
ATOM   569 C  C4    . DA    B 2 7  ? -1.03541  0.83571   10.51311  1.000 409.95694 ? 11  DA    B C4    1 
ATOM   570 P  P     . DG    C 3 1  ? 3.92792   2.86996   19.03906  1.000 451.66553 ? 8   DG    C P     1 
ATOM   571 O  OP1   . DG    C 3 1  ? 5.28306   2.28047   18.90858  1.000 464.57876 ? 8   DG    C OP1   1 
ATOM   572 O  OP2   . DG    C 3 1  ? 3.78658   4.32363   19.29473  1.000 429.04631 ? 8   DG    C OP2   1 
ATOM   573 O  "O5'" . DG    C 3 1  ? 3.03117   2.48571   17.75915  1.000 421.83133 ? 8   DG    C "O5'" 1 
ATOM   574 C  "C5'" . DG    C 3 1  ? 2.29394   1.25330   17.73421  1.000 418.28830 ? 8   DG    C "C5'" 1 
ATOM   575 C  "C4'" . DG    C 3 1  ? 1.28123   1.22774   16.59174  1.000 409.08753 ? 8   DG    C "C4'" 1 
ATOM   576 O  "O4'" . DG    C 3 1  ? 1.97131   1.04243   15.34003  1.000 413.10617 ? 8   DG    C "O4'" 1 
ATOM   577 C  "C3'" . DG    C 3 1  ? 0.25154   0.11172   16.67460  1.000 411.92791 ? 8   DG    C "C3'" 1 
ATOM   578 O  "O3'" . DG    C 3 1  ? -0.93543  0.61222   17.27802  1.000 400.57381 ? 8   DG    C "O3'" 1 
ATOM   579 C  "C2'" . DG    C 3 1  ? -0.00937  -0.28043  15.21694  1.000 419.02576 ? 8   DG    C "C2'" 1 
ATOM   580 C  "C1'" . DG    C 3 1  ? 1.18523   0.28218   14.44473  1.000 421.73288 ? 8   DG    C "C1'" 1 
ATOM   581 N  N9    . DG    C 3 1  ? 2.05469   -0.72849  13.82617  1.000 440.20568 ? 8   DG    C N9    1 
ATOM   582 C  C8    . DG    C 3 1  ? 3.40865   -0.61116  13.63557  1.000 448.10878 ? 8   DG    C C8    1 
ATOM   583 N  N7    . DG    C 3 1  ? 3.95117   -1.64261  13.05764  1.000 459.40184 ? 8   DG    C N7    1 
ATOM   584 C  C5    . DG    C 3 1  ? 2.89472   -2.51002  12.84049  1.000 458.08591 ? 8   DG    C C5    1 
ATOM   585 C  C6    . DG    C 3 1  ? 2.89071   -3.79002  12.24250  1.000 466.85183 ? 8   DG    C C6    1 
ATOM   586 O  O6    . DG    C 3 1  ? 3.85393   -4.41620  11.78135  1.000 470.26244 ? 8   DG    C O6    1 
ATOM   587 N  N1    . DG    C 3 1  ? 1.61227   -4.34633  12.21137  1.000 463.24398 ? 8   DG    C N1    1 
ATOM   588 C  C2    . DG    C 3 1  ? 0.47870   -3.73770  12.69656  1.000 452.64257 ? 8   DG    C C2    1 
ATOM   589 N  N2    . DG    C 3 1  ? -0.66908  -4.43228  12.57684  1.000 468.66092 ? 8   DG    C N2    1 
ATOM   590 N  N3    . DG    C 3 1  ? 0.46740   -2.52959  13.26105  1.000 447.39627 ? 8   DG    C N3    1 
ATOM   591 C  C4    . DG    C 3 1  ? 1.71049   -1.97275  13.30107  1.000 449.00542 ? 8   DG    C C4    1 
ATOM   592 P  P     . DG    C 3 2  ? -1.56834  -0.12231  18.55701  1.000 415.25715 ? 9   DG    C P     1 
ATOM   593 O  OP1   . DG    C 3 2  ? -2.82345  0.57376   18.90394  1.000 427.03487 ? 9   DG    C OP1   1 
ATOM   594 O  OP2   . DG    C 3 2  ? -0.49941  -0.23133  19.57249  1.000 399.76607 ? 9   DG    C OP2   1 
ATOM   595 O  "O5'" . DG    C 3 2  ? -1.90730  -1.59647  18.02646  1.000 415.19135 ? 9   DG    C "O5'" 1 
ATOM   596 C  "C5'" . DG    C 3 2  ? -2.77662  -1.77802  16.91179  1.000 439.75482 ? 9   DG    C "C5'" 1 
ATOM   597 C  "C4'" . DG    C 3 2  ? -2.65388  -3.18502  16.35055  1.000 459.27558 ? 9   DG    C "C4'" 1 
ATOM   598 O  "O4'" . DG    C 3 2  ? -1.39283  -3.32465  15.63937  1.000 446.17927 ? 9   DG    C "O4'" 1 
ATOM   599 C  "C3'" . DG    C 3 2  ? -2.68639  -4.30177  17.39404  1.000 456.03531 ? 9   DG    C "C3'" 1 
ATOM   600 O  "O3'" . DG    C 3 2  ? -3.56157  -5.34690  16.96318  1.000 481.97830 ? 9   DG    C "O3'" 1 
ATOM   601 C  "C2'" . DG    C 3 2  ? -1.22513  -4.76266  17.46578  1.000 459.22148 ? 9   DG    C "C2'" 1 
ATOM   602 C  "C1'" . DG    C 3 2  ? -0.75242  -4.51282  16.04402  1.000 452.57959 ? 9   DG    C "C1'" 1 
ATOM   603 N  N9    . DG    C 3 2  ? 0.70026   -4.33456  15.90280  1.000 455.81199 ? 9   DG    C N9    1 
ATOM   604 C  C8    . DG    C 3 2  ? 1.44433   -3.24302  16.27921  1.000 453.51557 ? 9   DG    C C8    1 
ATOM   605 N  N7    . DG    C 3 2  ? 2.71982   -3.35936  16.00993  1.000 464.62231 ? 9   DG    C N7    1 
ATOM   606 C  C5    . DG    C 3 2  ? 2.83214   -4.60685  15.40800  1.000 469.89496 ? 9   DG    C C5    1 
ATOM   607 C  C6    . DG    C 3 2  ? 3.97730   -5.29068  14.89885  1.000 475.85798 ? 9   DG    C C6    1 
ATOM   608 O  O6    . DG    C 3 2  ? 5.16441   -4.91772  14.86432  1.000 482.76571 ? 9   DG    C O6    1 
ATOM   609 N  N1    . DG    C 3 2  ? 3.63757   -6.52797  14.37311  1.000 469.36771 ? 9   DG    C N1    1 
ATOM   610 C  C2    . DG    C 3 2  ? 2.36425   -7.04724  14.34529  1.000 462.93452 ? 9   DG    C C2    1 
ATOM   611 N  N2    . DG    C 3 2  ? 2.22829   -8.25595  13.80369  1.000 455.00989 ? 9   DG    C N2    1 
ATOM   612 N  N3    . DG    C 3 2  ? 1.29240   -6.42603  14.81415  1.000 459.93711 ? 9   DG    C N3    1 
ATOM   613 C  C4    . DG    C 3 2  ? 1.59618   -5.21786  15.33109  1.000 465.06547 ? 9   DG    C C4    1 
ATOM   614 P  P     . DC    C 3 3  ? -4.34385  -6.24079  18.04520  1.000 494.92534 ? 10  DC    C P     1 
ATOM   615 O  OP1   . DC    C 3 3  ? -4.80297  -7.47329  17.36942  1.000 518.62732 ? 10  DC    C OP1   1 
ATOM   616 O  OP2   . DC    C 3 3  ? -5.33447  -5.38419  18.73391  1.000 517.18029 ? 10  DC    C OP2   1 
ATOM   617 O  "O5'" . DC    C 3 3  ? -3.20859  -6.60184  19.10713  1.000 475.38195 ? 10  DC    C "O5'" 1 
ATOM   618 C  "C5'" . DC    C 3 3  ? -3.00150  -7.94084  19.50587  1.000 488.21063 ? 10  DC    C "C5'" 1 
ATOM   619 C  "C4'" . DC    C 3 3  ? -2.11340  -8.68526  18.52056  1.000 486.22133 ? 10  DC    C "C4'" 1 
ATOM   620 O  "O4'" . DC    C 3 3  ? -0.93733  -7.90988  18.21018  1.000 479.73788 ? 10  DC    C "O4'" 1 
ATOM   621 C  "C3'" . DC    C 3 3  ? -1.57400  -10.00078 19.04988  1.000 495.34393 ? 10  DC    C "C3'" 1 
ATOM   622 O  "O3'" . DC    C 3 3  ? -2.41064  -11.07468 18.64014  1.000 501.38604 ? 10  DC    C "O3'" 1 
ATOM   623 C  "C2'" . DC    C 3 3  ? -0.15525  -10.11178 18.45495  1.000 495.60148 ? 10  DC    C "C2'" 1 
ATOM   624 C  "C1'" . DC    C 3 3  ? 0.03705   -8.79733  17.70598  1.000 482.32034 ? 10  DC    C "C1'" 1 
ATOM   625 N  N1    . DC    C 3 3  ? 1.41421   -8.17754  17.85715  1.000 486.40163 ? 10  DC    C N1    1 
ATOM   626 C  C2    . DC    C 3 3  ? 2.56045   -8.85378  17.38164  1.000 488.31341 ? 10  DC    C C2    1 
ATOM   627 O  O2    . DC    C 3 3  ? 2.44567   -9.96991  16.85890  1.000 489.82268 ? 10  DC    C O2    1 
ATOM   628 N  N3    . DC    C 3 3  ? 3.76938   -8.26382  17.51486  1.000 493.70657 ? 10  DC    C N3    1 
ATOM   629 C  C4    . DC    C 3 3  ? 3.86806   -7.06304  18.08445  1.000 491.42299 ? 10  DC    C C4    1 
ATOM   630 N  N4    . DC    C 3 3  ? 5.08208   -6.52621  18.18576  1.000 499.85619 ? 10  DC    C N4    1 
ATOM   631 C  C5    . DC    C 3 3  ? 2.72574   -6.35578  18.55661  1.000 486.56929 ? 10  DC    C C5    1 
ATOM   632 C  C6    . DC    C 3 3  ? 1.53238   -6.94178  18.42212  1.000 485.61648 ? 10  DC    C C6    1 
ATOM   633 P  P     . DT    C 3 4  ? -2.60816  -12.32569 19.62416  1.000 515.19808 ? 11  DT    C P     1 
ATOM   634 O  OP1   . DT    C 3 4  ? -2.50642  -13.56141 18.81324  1.000 521.00917 ? 11  DT    C OP1   1 
ATOM   635 O  OP2   . DT    C 3 4  ? -3.84093  -12.06823 20.40789  1.000 548.50790 ? 11  DT    C OP2   1 
ATOM   636 O  "O5'" . DT    C 3 4  ? -1.34140  -12.20196 20.60845  1.000 512.24137 ? 11  DT    C "O5'" 1 
ATOM   637 C  "C5'" . DT    C 3 4  ? -0.66778  -13.36468 21.09477  1.000 521.84602 ? 11  DT    C "C5'" 1 
ATOM   638 C  "C4'" . DT    C 3 4  ? 0.48799   -13.76405 20.18496  1.000 521.52613 ? 11  DT    C "C4'" 1 
ATOM   639 O  "O4'" . DT    C 3 4  ? 1.08332   -12.59519 19.60066  1.000 515.13854 ? 11  DT    C "O4'" 1 
ATOM   640 C  "C3'" . DT    C 3 4  ? 1.64661   -14.44334 20.87959  1.000 525.77277 ? 11  DT    C "C3'" 1 
ATOM   641 O  "O3'" . DT    C 3 4  ? 1.34925   -15.84631 21.10532  1.000 534.00327 ? 11  DT    C "O3'" 1 
ATOM   642 C  "C2'" . DT    C 3 4  ? 2.79507   -14.21085 19.89889  1.000 523.11890 ? 11  DT    C "C2'" 1 
ATOM   643 C  "C1'" . DT    C 3 4  ? 2.41206   -12.89451 19.22025  1.000 513.89267 ? 11  DT    C "C1'" 1 
ATOM   644 N  N1    . DT    C 3 4  ? 3.26736   -11.73785 19.58129  1.000 506.02783 ? 11  DT    C N1    1 
ATOM   645 C  C2    . DT    C 3 4  ? 4.60167   -11.74074 19.25000  1.000 505.62940 ? 11  DT    C C2    1 
ATOM   646 O  O2    . DT    C 3 4  ? 5.15457   -12.66758 18.68876  1.000 508.97494 ? 11  DT    C O2    1 
ATOM   647 N  N3    . DT    C 3 4  ? 5.27675   -10.61186 19.60482  1.000 509.62731 ? 11  DT    C N3    1 
ATOM   648 C  C4    . DT    C 3 4  ? 4.75538   -9.49940  20.23744  1.000 509.32652 ? 11  DT    C C4    1 
ATOM   649 O  O4    . DT    C 3 4  ? 5.44007   -8.53239  20.52009  1.000 511.30356 ? 11  DT    C O4    1 
ATOM   650 C  C5    . DT    C 3 4  ? 3.35449   -9.56282  20.55041  1.000 505.94215 ? 11  DT    C C5    1 
ATOM   651 C  C7    . DT    C 3 4  ? 2.68278   -8.41970  21.24489  1.000 502.26553 ? 11  DT    C C7    1 
ATOM   652 C  C6    . DT    C 3 4  ? 2.68743   -10.66073 20.20760  1.000 506.17094 ? 11  DT    C C6    1 
ATOM   653 P  P     . DG    C 3 5  ? 1.79756   -17.02051 20.09411  1.000 545.04295 ? 12  DG    C P     1 
ATOM   654 O  OP1   . DG    C 3 5  ? 1.69377   -16.61319 18.67565  1.000 553.68953 ? 12  DG    C OP1   1 
ATOM   655 O  OP2   . DG    C 3 5  ? 1.05752   -18.22345 20.52661  1.000 546.85110 ? 12  DG    C OP2   1 
ATOM   656 O  "O5'" . DG    C 3 5  ? 3.30681   -17.31073 20.49577  1.000 530.06102 ? 12  DG    C "O5'" 1 
ATOM   657 C  "C5'" . DG    C 3 5  ? 4.32460   -17.22153 19.53216  1.000 526.21179 ? 12  DG    C "C5'" 1 
ATOM   658 C  "C4'" . DG    C 3 5  ? 5.59487   -16.74266 20.18701  1.000 521.79929 ? 12  DG    C "C4'" 1 
ATOM   659 O  "O4'" . DG    C 3 5  ? 5.56695   -15.29906 20.32910  1.000 521.00566 ? 12  DG    C "O4'" 1 
ATOM   660 C  "C3'" . DG    C 3 5  ? 5.82753   -17.30009 21.59649  1.000 524.25141 ? 12  DG    C "C3'" 1 
ATOM   661 O  "O3'" . DG    C 3 5  ? 7.13936   -17.80588 21.67326  1.000 529.03896 ? 12  DG    C "O3'" 1 
ATOM   662 C  "C2'" . DG    C 3 5  ? 5.63641   -16.07638 22.49532  1.000 524.78472 ? 12  DG    C "C2'" 1 
ATOM   663 C  "C1'" . DG    C 3 5  ? 6.12259   -14.98757 21.57437  1.000 525.67269 ? 12  DG    C "C1'" 1 
ATOM   664 N  N9    . DG    C 3 5  ? 5.72736   -13.65120 21.97484  1.000 519.20697 ? 12  DG    C N9    1 
ATOM   665 C  C8    . DG    C 3 5  ? 4.48250   -13.20925 22.34944  1.000 515.73225 ? 12  DG    C C8    1 
ATOM   666 N  N7    . DG    C 3 5  ? 4.45802   -11.94676 22.66407  1.000 517.93871 ? 12  DG    C N7    1 
ATOM   667 C  C5    . DG    C 3 5  ? 5.77562   -11.54371 22.51024  1.000 525.48740 ? 12  DG    C C5    1 
ATOM   668 C  C6    . DG    C 3 5  ? 6.37263   -10.29090 22.71722  1.000 523.96304 ? 12  DG    C C6    1 
ATOM   669 O  O6    . DG    C 3 5  ? 5.84438   -9.23399  23.07759  1.000 533.66721 ? 12  DG    C O6    1 
ATOM   670 N  N1    . DG    C 3 5  ? 7.73242   -10.32399 22.43578  1.000 524.56680 ? 12  DG    C N1    1 
ATOM   671 C  C2    . DG    C 3 5  ? 8.42467   -11.43088 22.01863  1.000 521.77478 ? 12  DG    C C2    1 
ATOM   672 N  N2    . DG    C 3 5  ? 9.73124   -11.27546 21.80772  1.000 517.40414 ? 12  DG    C N2    1 
ATOM   673 N  N3    . DG    C 3 5  ? 7.87916   -12.60619 21.82784  1.000 524.75803 ? 12  DG    C N3    1 
ATOM   674 C  C4    . DG    C 3 5  ? 6.55703   -12.58932 22.08938  1.000 518.51447 ? 12  DG    C C4    1 
ATOM   675 P  P     . DC    C 3 6  ? 7.70283   -18.45047 23.02916  1.000 539.97999 ? 13  DC    C P     1 
ATOM   676 O  OP1   . DC    C 3 6  ? 8.28006   -19.75786 22.65228  1.000 544.39577 ? 13  DC    C OP1   1 
ATOM   677 O  OP2   . DC    C 3 6  ? 6.67077   -18.38885 24.09153  1.000 532.45035 ? 13  DC    C OP2   1 
ATOM   678 O  "O5'" . DC    C 3 6  ? 8.90562   -17.47460 23.41803  1.000 545.50220 ? 13  DC    C "O5'" 1 
ATOM   679 C  "C5'" . DC    C 3 6  ? 9.93099   -17.20021 22.46536  1.000 544.59113 ? 13  DC    C "C5'" 1 
ATOM   680 C  "C4'" . DC    C 3 6  ? 10.92574  -16.20541 23.02642  1.000 546.44798 ? 13  DC    C "C4'" 1 
ATOM   681 O  "O4'" . DC    C 3 6  ? 10.30047  -14.90256 23.09689  1.000 535.70195 ? 13  DC    C "O4'" 1 
ATOM   682 C  "C3'" . DC    C 3 6  ? 11.42547  -16.53240 24.44372  1.000 551.24479 ? 13  DC    C "C3'" 1 
ATOM   683 O  "O3'" . DC    C 3 6  ? 12.85727  -16.73920 24.45073  1.000 562.97351 ? 13  DC    C "O3'" 1 
ATOM   684 C  "C2'" . DC    C 3 6  ? 11.01728  -15.31744 25.28719  1.000 543.89848 ? 13  DC    C "C2'" 1 
ATOM   685 C  "C1'" . DC    C 3 6  ? 10.74666  -14.23692 24.24669  1.000 535.62646 ? 13  DC    C "C1'" 1 
ATOM   686 N  N1    . DC    C 3 6  ? 9.69727   -13.26983 24.66157  1.000 524.84872 ? 13  DC    C N1    1 
ATOM   687 C  C2    . DC    C 3 6  ? 10.04245  -11.94067 24.87803  1.000 521.30437 ? 13  DC    C C2    1 
ATOM   688 O  O2    . DC    C 3 6  ? 11.21488  -11.59613 24.72018  1.000 515.92563 ? 13  DC    C O2    1 
ATOM   689 N  N3    . DC    C 3 6  ? 9.08343   -11.06808 25.25552  1.000 525.52826 ? 13  DC    C N3    1 
ATOM   690 C  C4    . DC    C 3 6  ? 7.82807   -11.48417 25.41576  1.000 539.67469 ? 13  DC    C C4    1 
ATOM   691 N  N4    . DC    C 3 6  ? 6.91493   -10.58469 25.78951  1.000 560.49561 ? 13  DC    C N4    1 
ATOM   692 C  C5    . DC    C 3 6  ? 7.45480   -12.84041 25.20194  1.000 525.36899 ? 13  DC    C C5    1 
ATOM   693 C  C6    . DC    C 3 6  ? 8.41311   -13.69145 24.82764  1.000 524.99058 ? 13  DC    C C6    1 
ATOM   694 P  P     . DT    C 3 7  ? 13.54493  -17.75215 25.50425  1.000 573.91116 ? 14  DT    C P     1 
ATOM   695 O  OP1   . DT    C 3 7  ? 14.52812  -18.57537 24.76076  1.000 573.20715 ? 14  DT    C OP1   1 
ATOM   696 O  OP2   . DT    C 3 7  ? 12.48237  -18.40986 26.29636  1.000 568.59848 ? 14  DT    C OP2   1 
ATOM   697 O  "O5'" . DT    C 3 7  ? 14.36761  -16.79686 26.49155  1.000 549.58717 ? 14  DT    C "O5'" 1 
ATOM   698 C  "C5'" . DT    C 3 7  ? 15.61730  -16.26376 26.07548  1.000 542.93297 ? 14  DT    C "C5'" 1 
ATOM   699 C  "C4'" . DT    C 3 7  ? 15.87848  -14.91994 26.72620  1.000 535.97238 ? 14  DT    C "C4'" 1 
ATOM   700 O  "O4'" . DT    C 3 7  ? 14.71456  -14.08009 26.61248  1.000 537.41714 ? 14  DT    C "O4'" 1 
ATOM   701 C  "C3'" . DT    C 3 7  ? 16.14354  -14.97050 28.21600  1.000 523.15580 ? 14  DT    C "C3'" 1 
ATOM   702 O  "O3'" . DT    C 3 7  ? 17.53152  -15.19796 28.45960  1.000 521.40323 ? 14  DT    C "O3'" 1 
ATOM   703 C  "C2'" . DT    C 3 7  ? 15.70460  -13.57698 28.68939  1.000 521.63153 ? 14  DT    C "C2'" 1 
ATOM   704 C  "C1'" . DT    C 3 7  ? 14.86683  -13.02392 27.52699  1.000 522.38369 ? 14  DT    C "C1'" 1 
ATOM   705 N  N1    . DT    C 3 7  ? 13.49791  -12.47750 27.91578  1.000 518.52503 ? 14  DT    C N1    1 
ATOM   706 C  C2    . DT    C 3 7  ? 13.36751  -11.13815 28.22048  1.000 516.26352 ? 14  DT    C C2    1 
ATOM   707 O  O2    . DT    C 3 7  ? 14.29972  -10.35899 28.21741  1.000 509.18608 ? 14  DT    C O2    1 
ATOM   708 N  N3    . DT    C 3 7  ? 12.09680  -10.74032 28.53930  1.000 505.28335 ? 14  DT    C N3    1 
ATOM   709 C  C4    . DT    C 3 7  ? 10.96331  -11.52436 28.57736  1.000 513.21099 ? 14  DT    C C4    1 
ATOM   710 O  O4    . DT    C 3 7  ? 9.86774   -11.07617 28.87722  1.000 534.39775 ? 14  DT    C O4    1 
ATOM   711 C  C5    . DT    C 3 7  ? 11.15822  -12.90974 28.24374  1.000 509.62457 ? 14  DT    C C5    1 
ATOM   712 C  C7    . DT    C 3 7  ? 9.99101   -13.85114 28.25885  1.000 510.40706 ? 14  DT    C C7    1 
ATOM   713 C  C6    . DT    C 3 7  ? 12.40172  -13.31885 27.92921  1.000 520.54319 ? 14  DT    C C6    1 
ATOM   714 O  OP3   . DC    D 4 1  ? 5.93448   6.12623   -32.57164 1.000 528.78356 ? 1   DC    D OP3   1 
ATOM   715 P  P     . DC    D 4 1  ? 5.21606   6.15754   -33.86490 1.000 539.05990 ? 1   DC    D P     1 
ATOM   716 O  OP1   . DC    D 4 1  ? 6.22352   6.24406   -34.94281 1.000 555.90032 ? 1   DC    D OP1   1 
ATOM   717 O  OP2   . DC    D 4 1  ? 4.25807   5.03256   -33.87801 1.000 525.71603 ? 1   DC    D OP2   1 
ATOM   718 O  "O5'" . DC    D 4 1  ? 4.35408   7.49896   -33.89001 1.000 526.61135 ? 1   DC    D "O5'" 1 
ATOM   719 C  "C5'" . DC    D 4 1  ? 4.69297   8.54712   -34.78402 1.000 520.81435 ? 1   DC    D "C5'" 1 
ATOM   720 C  "C4'" . DC    D 4 1  ? 3.93461   9.81048   -34.43080 1.000 510.66736 ? 1   DC    D "C4'" 1 
ATOM   721 O  "O4'" . DC    D 4 1  ? 2.53230   9.66548   -34.80594 1.000 503.51693 ? 1   DC    D "O4'" 1 
ATOM   722 C  "C3'" . DC    D 4 1  ? 3.93246   10.15867  -32.94038 1.000 500.74601 ? 1   DC    D "C3'" 1 
ATOM   723 O  "O3'" . DC    D 4 1  ? 4.08863   11.58622  -32.77254 1.000 485.06512 ? 1   DC    D "O3'" 1 
ATOM   724 C  "C2'" . DC    D 4 1  ? 2.55381   9.66396   -32.49895 1.000 493.98113 ? 1   DC    D "C2'" 1 
ATOM   725 C  "C1'" . DC    D 4 1  ? 1.73950   10.05197  -33.71529 1.000 491.82716 ? 1   DC    D "C1'" 1 
ATOM   726 N  N1    . DC    D 4 1  ? 0.34905   9.45187   -33.81113 1.000 489.09862 ? 1   DC    D N1    1 
ATOM   727 C  C2    . DC    D 4 1  ? -0.76365  10.30639  -33.81177 1.000 486.48584 ? 1   DC    D C2    1 
ATOM   728 O  O2    . DC    D 4 1  ? -0.58516  11.52527  -33.71848 1.000 481.99077 ? 1   DC    D O2    1 
ATOM   729 N  N3    . DC    D 4 1  ? -2.00740  9.77024   -33.89768 1.000 483.28700 ? 1   DC    D N3    1 
ATOM   730 C  C4    . DC    D 4 1  ? -2.16021  8.45075   -33.98747 1.000 487.12680 ? 1   DC    D C4    1 
ATOM   731 N  N4    . DC    D 4 1  ? -3.40461  7.96900   -34.07270 1.000 484.61464 ? 1   DC    D N4    1 
ATOM   732 C  C5    . DC    D 4 1  ? -1.04350  7.56606   -33.99528 1.000 495.58133 ? 1   DC    D C5    1 
ATOM   733 C  C6    . DC    D 4 1  ? 0.17869   8.10313   -33.88906 1.000 498.22493 ? 1   DC    D C6    1 
ATOM   734 P  P     . DT    D 4 2  ? 3.11170   12.41326  -31.79779 1.000 466.73418 ? 2   DT    D P     1 
ATOM   735 O  OP1   . DT    D 4 2  ? 3.12125   11.76537  -30.46665 1.000 465.70531 ? 2   DT    D OP1   1 
ATOM   736 O  OP2   . DT    D 4 2  ? 1.86538   12.70992  -32.53549 1.000 465.56830 ? 2   DT    D OP2   1 
ATOM   737 O  "O5'" . DT    D 4 2  ? 3.78187   13.84831  -31.64561 1.000 455.78490 ? 2   DT    D "O5'" 1 
ATOM   738 C  "C5'" . DT    D 4 2  ? 3.85240   14.45538  -30.35958 1.000 449.24075 ? 2   DT    D "C5'" 1 
ATOM   739 C  "C4'" . DT    D 4 2  ? 2.48742   14.92701  -29.84391 1.000 437.45340 ? 2   DT    D "C4'" 1 
ATOM   740 O  "O4'" . DT    D 4 2  ? 1.40087   14.42190  -30.64419 1.000 443.16550 ? 2   DT    D "O4'" 1 
ATOM   741 C  "C3'" . DT    D 4 2  ? 2.14336   14.46846  -28.43972 1.000 437.33011 ? 2   DT    D "C3'" 1 
ATOM   742 O  "O3'" . DT    D 4 2  ? 2.74828   15.33456  -27.46610 1.000 428.53360 ? 2   DT    D "O3'" 1 
ATOM   743 C  "C2'" . DT    D 4 2  ? 0.61206   14.54192  -28.40687 1.000 426.92203 ? 2   DT    D "C2'" 1 
ATOM   744 C  "C1'" . DT    D 4 2  ? 0.20702   14.50585  -29.88193 1.000 436.14598 ? 2   DT    D "C1'" 1 
ATOM   745 N  N1    . DT    D 4 2  ? -0.69032  13.35054  -30.19879 1.000 445.93325 ? 2   DT    D N1    1 
ATOM   746 C  C2    . DT    D 4 2  ? -2.04770  13.56654  -30.33606 1.000 438.36863 ? 2   DT    D C2    1 
ATOM   747 O  O2    . DT    D 4 2  ? -2.56627  14.66578  -30.23936 1.000 438.55889 ? 2   DT    D O2    1 
ATOM   748 N  N3    . DT    D 4 2  ? -2.77965  12.44323  -30.61105 1.000 439.03879 ? 2   DT    D N3    1 
ATOM   749 C  C4    . DT    D 4 2  ? -2.30478  11.15472  -30.75099 1.000 445.20255 ? 2   DT    D C4    1 
ATOM   750 O  O4    . DT    D 4 2  ? -3.03837  10.21171  -30.99666 1.000 448.11645 ? 2   DT    D O4    1 
ATOM   751 C  C5    . DT    D 4 2  ? -0.88573  10.99381  -30.57550 1.000 452.79893 ? 2   DT    D C5    1 
ATOM   752 C  C7    . DT    D 4 2  ? -0.27239  9.63132   -30.68470 1.000 468.29983 ? 2   DT    D C7    1 
ATOM   753 C  C6    . DT    D 4 2  ? -0.15319  12.08428  -30.30579 1.000 447.98157 ? 2   DT    D C6    1 
ATOM   754 P  P     . DG    D 4 3  ? 2.11419   16.76983  -27.10527 1.000 423.63726 ? 3   DG    D P     1 
ATOM   755 O  OP1   . DG    D 4 3  ? 1.67729   17.45037  -28.34337 1.000 418.82533 ? 3   DG    D OP1   1 
ATOM   756 O  OP2   . DG    D 4 3  ? 3.07894   17.45589  -26.22382 1.000 423.28099 ? 3   DG    D OP2   1 
ATOM   757 O  "O5'" . DG    D 4 3  ? 0.84406   16.43306  -26.19673 1.000 409.84895 ? 3   DG    D "O5'" 1 
ATOM   758 C  "C5'" . DG    D 4 3  ? -0.16218  17.40670  -26.04550 1.000 408.61226 ? 3   DG    D "C5'" 1 
ATOM   759 C  "C4'" . DG    D 4 3  ? -1.49694  16.78732  -25.67850 1.000 398.55504 ? 3   DG    D "C4'" 1 
ATOM   760 O  "O4'" . DG    D 4 3  ? -1.64137  15.47119  -26.27544 1.000 402.58696 ? 3   DG    D "O4'" 1 
ATOM   761 C  "C3'" . DG    D 4 3  ? -1.73788  16.58527  -24.17505 1.000 387.97403 ? 3   DG    D "C3'" 1 
ATOM   762 O  "O3'" . DG    D 4 3  ? -3.05609  16.99110  -23.87081 1.000 385.72184 ? 3   DG    D "O3'" 1 
ATOM   763 C  "C2'" . DG    D 4 3  ? -1.60163  15.07698  -24.02499 1.000 385.93505 ? 3   DG    D "C2'" 1 
ATOM   764 C  "C1'" . DG    D 4 3  ? -2.26783  14.67347  -25.31450 1.000 391.48185 ? 3   DG    D "C1'" 1 
ATOM   765 N  N9    . DG    D 4 3  ? -2.13922  13.27521  -25.66056 1.000 397.01694 ? 3   DG    D N9    1 
ATOM   766 C  C8    . DG    D 4 3  ? -0.99209  12.53503  -25.77419 1.000 393.91880 ? 3   DG    D C8    1 
ATOM   767 N  N7    . DG    D 4 3  ? -1.21504  11.29373  -26.09924 1.000 394.91900 ? 3   DG    D N7    1 
ATOM   768 C  C5    . DG    D 4 3  ? -2.59369  11.21983  -26.20778 1.000 394.18088 ? 3   DG    D C5    1 
ATOM   769 C  C6    . DG    D 4 3  ? -3.42009  10.13729  -26.53484 1.000 391.48356 ? 3   DG    D C6    1 
ATOM   770 O  O6    . DG    D 4 3  ? -3.08727  8.98025   -26.80002 1.000 391.48171 ? 3   DG    D O6    1 
ATOM   771 N  N1    . DG    D 4 3  ? -4.75969  10.49631  -26.52434 1.000 391.15700 ? 3   DG    D N1    1 
ATOM   772 C  C2    . DG    D 4 3  ? -5.24392  11.74846  -26.23954 1.000 393.63015 ? 3   DG    D C2    1 
ATOM   773 N  N2    . DG    D 4 3  ? -6.57283  11.90390  -26.28732 1.000 389.04452 ? 3   DG    D N2    1 
ATOM   774 N  N3    . DG    D 4 3  ? -4.47966  12.77282  -25.93776 1.000 393.24629 ? 3   DG    D N3    1 
ATOM   775 C  C4    . DG    D 4 3  ? -3.17213  12.43453  -25.93867 1.000 392.50480 ? 3   DG    D C4    1 
ATOM   776 P  P     . DA    D 4 4  ? -3.33922  18.06328  -22.71017 1.000 389.55109 ? 4   DA    D P     1 
ATOM   777 O  OP1   . DA    D 4 4  ? -3.62601  19.36722  -23.35247 1.000 386.50039 ? 4   DA    D OP1   1 
ATOM   778 O  OP2   . DA    D 4 4  ? -2.25001  17.93007  -21.71644 1.000 395.97541 ? 4   DA    D OP2   1 
ATOM   779 O  "O5'" . DA    D 4 4  ? -4.70461  17.55018  -22.06147 1.000 381.40237 ? 4   DA    D "O5'" 1 
ATOM   780 C  "C5'" . DA    D 4 4  ? -5.86327  17.42982  -22.87493 1.000 379.31931 ? 4   DA    D "C5'" 1 
ATOM   781 C  "C4'" . DA    D 4 4  ? -6.61067  16.14851  -22.55738 1.000 376.71984 ? 4   DA    D "C4'" 1 
ATOM   782 O  "O4'" . DA    D 4 4  ? -5.90921  15.02502  -23.12694 1.000 372.62974 ? 4   DA    D "O4'" 1 
ATOM   783 C  "C3'" . DA    D 4 4  ? -6.75397  15.84804  -21.06477 1.000 392.06618 ? 4   DA    D "C3'" 1 
ATOM   784 O  "O3'" . DA    D 4 4  ? -8.11071  15.91177  -20.68860 1.000 402.88678 ? 4   DA    D "O3'" 1 
ATOM   785 C  "C2'" . DA    D 4 4  ? -6.19126  14.43243  -20.88584 1.000 387.25379 ? 4   DA    D "C2'" 1 
ATOM   786 C  "C1'" . DA    D 4 4  ? -6.10180  13.90467  -22.30355 1.000 383.19029 ? 4   DA    D "C1'" 1 
ATOM   787 N  N9    . DA    D 4 4  ? -4.97299  13.01768  -22.48291 1.000 373.48372 ? 4   DA    D N9    1 
ATOM   788 C  C8    . DA    D 4 4  ? -3.66758  13.29060  -22.19742 1.000 371.11333 ? 4   DA    D C8    1 
ATOM   789 N  N7    . DA    D 4 4  ? -2.85396  12.29996  -22.45094 1.000 371.42504 ? 4   DA    D N7    1 
ATOM   790 C  C5    . DA    D 4 4  ? -3.68928  11.30607  -22.92596 1.000 373.45186 ? 4   DA    D C5    1 
ATOM   791 C  C6    . DA    D 4 4  ? -3.44326  10.00170  -23.36596 1.000 375.36264 ? 4   DA    D C6    1 
ATOM   792 N  N6    . DA    D 4 4  ? -2.22485  9.45557   -23.40452 1.000 382.00393 ? 4   DA    D N6    1 
ATOM   793 N  N1    . DA    D 4 4  ? -4.49770  9.27854   -23.77979 1.000 378.48064 ? 4   DA    D N1    1 
ATOM   794 C  C2    . DA    D 4 4  ? -5.71759  9.82169   -23.73558 1.000 376.55491 ? 4   DA    D C2    1 
ATOM   795 N  N3    . DA    D 4 4  ? -6.07312  11.03673  -23.34680 1.000 375.33882 ? 4   DA    D N3    1 
ATOM   796 C  C4    . DA    D 4 4  ? -5.00056  11.73388  -22.94757 1.000 373.73081 ? 4   DA    D C4    1 
ATOM   797 P  P     . DT    D 4 5  ? -8.54803  15.58276  -19.17860 1.000 415.33091 ? 5   DT    D P     1 
ATOM   798 O  OP1   . DT    D 4 5  ? -9.61091  16.55514  -18.83858 1.000 428.56165 ? 5   DT    D OP1   1 
ATOM   799 O  OP2   . DT    D 4 5  ? -7.34353  15.49430  -18.32519 1.000 414.42737 ? 5   DT    D OP2   1 
ATOM   800 O  "O5'" . DT    D 4 5  ? -9.20931  14.13051  -19.27842 1.000 409.63439 ? 5   DT    D "O5'" 1 
ATOM   801 C  "C5'" . DT    D 4 5  ? -10.42856 13.97728  -19.98672 1.000 415.73713 ? 5   DT    D "C5'" 1 
ATOM   802 C  "C4'" . DT    D 4 5  ? -10.97553 12.56907  -19.85823 1.000 419.08084 ? 5   DT    D "C4'" 1 
ATOM   803 O  "O4'" . DT    D 4 5  ? -9.93257  11.60675  -20.15465 1.000 406.04107 ? 5   DT    D "O4'" 1 
ATOM   804 C  "C3'" . DT    D 4 5  ? -11.53249 12.20027  -18.48410 1.000 426.12635 ? 5   DT    D "C3'" 1 
ATOM   805 O  "O3'" . DT    D 4 5  ? -12.73676 11.42838  -18.66014 1.000 438.72233 ? 5   DT    D "O3'" 1 
ATOM   806 C  "C2'" . DT    D 4 5  ? -10.39212 11.38299  -17.86469 1.000 415.74227 ? 5   DT    D "C2'" 1 
ATOM   807 C  "C1'" . DT    D 4 5  ? -9.80435  10.69218  -19.09138 1.000 408.93173 ? 5   DT    D "C1'" 1 
ATOM   808 N  N1    . DT    D 4 5  ? -8.36830  10.36072  -18.97797 1.000 396.25498 ? 5   DT    D N1    1 
ATOM   809 C  C2    . DT    D 4 5  ? -7.92642  9.13974   -19.42334 1.000 393.47398 ? 5   DT    D C2    1 
ATOM   810 O  O2    . DT    D 4 5  ? -8.66276  8.29094   -19.88300 1.000 395.04262 ? 5   DT    D O2    1 
ATOM   811 N  N3    . DT    D 4 5  ? -6.58557  8.93954   -19.29781 1.000 387.31779 ? 5   DT    D N3    1 
ATOM   812 C  C4    . DT    D 4 5  ? -5.65741  9.82509   -18.79589 1.000 386.83153 ? 5   DT    D C4    1 
ATOM   813 O  O4    . DT    D 4 5  ? -4.46926  9.55408   -18.72615 1.000 381.70426 ? 5   DT    D O4    1 
ATOM   814 C  C5    . DT    D 4 5  ? -6.18371  11.09200  -18.36295 1.000 388.02168 ? 5   DT    D C5    1 
ATOM   815 C  C7    . DT    D 4 5  ? -5.26840  12.13285  -17.80004 1.000 391.53883 ? 5   DT    D C7    1 
ATOM   816 C  C6    . DT    D 4 5  ? -7.49926  11.29943  -18.47841 1.000 393.48962 ? 5   DT    D C6    1 
ATOM   817 P  P     . DG    D 4 6  ? -13.85202 11.30438  -17.50191 1.000 452.76981 ? 6   DG    D P     1 
ATOM   818 O  OP1   . DG    D 4 6  ? -15.18431 11.38872  -18.15534 1.000 447.79497 ? 6   DG    D OP1   1 
ATOM   819 O  OP2   . DG    D 4 6  ? -13.53019 12.24349  -16.40282 1.000 448.09054 ? 6   DG    D OP2   1 
ATOM   820 O  "O5'" . DG    D 4 6  ? -13.64877 9.80253   -16.98979 1.000 435.37304 ? 6   DG    D "O5'" 1 
ATOM   821 C  "C5'" . DG    D 4 6  ? -13.60086 8.74447   -17.95339 1.000 437.09966 ? 6   DG    D "C5'" 1 
ATOM   822 C  "C4'" . DG    D 4 6  ? -12.62302 7.63655   -17.55924 1.000 426.70407 ? 6   DG    D "C4'" 1 
ATOM   823 O  "O4'" . DG    D 4 6  ? -11.25631 8.12508   -17.51449 1.000 420.80548 ? 6   DG    D "O4'" 1 
ATOM   824 C  "C3'" . DG    D 4 6  ? -12.86955 6.96375   -16.20013 1.000 424.79316 ? 6   DG    D "C3'" 1 
ATOM   825 O  "O3'" . DG    D 4 6  ? -13.47771 5.64988   -16.40942 1.000 434.81729 ? 6   DG    D "O3'" 1 
ATOM   826 C  "C2'" . DG    D 4 6  ? -11.44682 6.86944   -15.56737 1.000 417.53049 ? 6   DG    D "C2'" 1 
ATOM   827 C  "C1'" . DG    D 4 6  ? -10.52159 7.20491   -16.74509 1.000 412.13598 ? 6   DG    D "C1'" 1 
ATOM   828 N  N9    . DG    D 4 6  ? -9.20976  7.79327   -16.38984 1.000 404.10003 ? 6   DG    D N9    1 
ATOM   829 C  C8    . DG    D 4 6  ? -8.97549  9.04130   -15.86303 1.000 404.23108 ? 6   DG    D C8    1 
ATOM   830 N  N7    . DG    D 4 6  ? -7.70985  9.30041   -15.66719 1.000 418.80757 ? 6   DG    D N7    1 
ATOM   831 C  C5    . DG    D 4 6  ? -7.05110  8.15760   -16.10156 1.000 404.73843 ? 6   DG    D C5    1 
ATOM   832 C  C6    . DG    D 4 6  ? -5.66177  7.85884   -16.13175 1.000 406.09690 ? 6   DG    D C6    1 
ATOM   833 O  O6    . DG    D 4 6  ? -4.71149  8.56747   -15.77474 1.000 415.84143 ? 6   DG    D O6    1 
ATOM   834 N  N1    . DG    D 4 6  ? -5.41453  6.59196   -16.64456 1.000 399.12382 ? 6   DG    D N1    1 
ATOM   835 C  C2    . DG    D 4 6  ? -6.38573  5.72075   -17.08052 1.000 401.12508 ? 6   DG    D C2    1 
ATOM   836 N  N2    . DG    D 4 6  ? -5.95638  4.53903   -17.54318 1.000 436.47548 ? 6   DG    D N2    1 
ATOM   837 N  N3    . DG    D 4 6  ? -7.69310  5.98313   -17.05582 1.000 399.26657 ? 6   DG    D N3    1 
ATOM   838 C  C4    . DG    D 4 6  ? -7.95328  7.21897   -16.55723 1.000 401.59160 ? 6   DG    D C4    1 
ATOM   839 P  P     . DT    D 4 7  ? -14.75313 5.14218   -15.55272 1.000 438.73590 ? 7   DT    D P     1 
ATOM   840 O  OP1   . DT    D 4 7  ? -15.73970 4.58194   -16.51324 1.000 444.30007 ? 7   DT    D OP1   1 
ATOM   841 O  OP2   . DT    D 4 7  ? -15.19474 6.22296   -14.64105 1.000 425.51504 ? 7   DT    D OP2   1 
ATOM   842 O  "O5'" . DT    D 4 7  ? -14.14903 3.94565   -14.66198 1.000 421.22440 ? 7   DT    D "O5'" 1 
ATOM   843 C  "C5'" . DT    D 4 7  ? -12.90207 4.12451   -13.95135 1.000 408.54377 ? 7   DT    D "C5'" 1 
ATOM   844 C  "C4'" . DT    D 4 7  ? -11.86966 3.08088   -14.36865 1.000 407.23492 ? 7   DT    D "C4'" 1 
ATOM   845 O  "O4'" . DT    D 4 7  ? -10.82502 3.69023   -15.17195 1.000 404.93595 ? 7   DT    D "O4'" 1 
ATOM   846 C  "C3'" . DT    D 4 7  ? -11.10174 2.45771   -13.23257 1.000 391.30208 ? 7   DT    D "C3'" 1 
ATOM   847 O  "O3'" . DT    D 4 7  ? -11.87163 1.45827   -12.61066 1.000 391.95103 ? 7   DT    D "O3'" 1 
ATOM   848 C  "C2'" . DT    D 4 7  ? -9.90772  1.87115   -13.97738 1.000 399.81282 ? 7   DT    D "C2'" 1 
ATOM   849 C  "C1'" . DT    D 4 7  ? -9.60872  2.97182   -14.98278 1.000 401.03055 ? 7   DT    D "C1'" 1 
ATOM   850 N  N1    . DT    D 4 7  ? -8.55278  3.92383   -14.53133 1.000 402.65665 ? 7   DT    D N1    1 
ATOM   851 C  C2    . DT    D 4 7  ? -7.22836  3.59046   -14.68566 1.000 398.84177 ? 7   DT    D C2    1 
ATOM   852 O  O2    . DT    D 4 7  ? -6.85597  2.53816   -15.16696 1.000 417.16000 ? 7   DT    D O2    1 
ATOM   853 N  N3    . DT    D 4 7  ? -6.34777  4.54073   -14.24756 1.000 405.02231 ? 7   DT    D N3    1 
ATOM   854 C  C4    . DT    D 4 7  ? -6.65526  5.76922   -13.70048 1.000 406.32565 ? 7   DT    D C4    1 
ATOM   855 O  O4    . DT    D 4 7  ? -5.79462  6.55477   -13.32982 1.000 411.60125 ? 7   DT    D O4    1 
ATOM   856 C  C5    . DT    D 4 7  ? -8.06073  6.04706   -13.56066 1.000 406.22676 ? 7   DT    D C5    1 
ATOM   857 C  C7    . DT    D 4 7  ? -8.51811  7.34129   -12.96922 1.000 405.92160 ? 7   DT    D C7    1 
ATOM   858 C  C6    . DT    D 4 7  ? -8.92775  5.12466   -13.98179 1.000 404.04185 ? 7   DT    D C6    1 
HETATM 859 AU AU    . AU    E 5 .  ? -1.28888  2.66703   -0.56749  1.000 321.63601 ? 101 AU    B AU    1 
# 
